data_8D3U
#
_entry.id   8D3U
#
loop_
_entity.id
_entity.type
_entity.pdbx_description
1 polymer 'Sodium/potassium-transporting ATPase subunit alpha-3'
2 polymer 'Sodium/potassium-transporting ATPase subunit beta-1'
3 polymer 'FXYD domain-containing ion transport regulator 6'
4 non-polymer "ADENOSINE-5'-DIPHOSPHATE"
5 non-polymer 'TETRAFLUOROALUMINATE ION'
#
loop_
_entity_poly.entity_id
_entity_poly.type
_entity_poly.pdbx_seq_one_letter_code
_entity_poly.pdbx_strand_id
1 'polypeptide(L)'
;MGDKKDDKDSPKKNKGKERRDLDDLKKEVAMTEHKMSVEEVCRKYNTDCVQGLTHSKAQEILARDGPNALTPPPTTPEWV
KFCRQLFGGFSILLWIGAILCFLAYGIQAGTEDDPSGDNLYLGIVLAAVVIITGCFSYYQEAKSSKIMESFKNMVPQQAL
VIREGEKMQVNAEEVVVGDLVEIKGGDRVPADLRIISAHGCKVDNSSLTGESEPQTRSPDCTHDNPLETRNITFFSTNCV
EGTARGVVVATGDRTVMGRIATLASGLEVGKTPIAIEIEHFIQLITGVAVFLGVSFFILSLILGYTWLEAVIFLIGIIVA
NVPEGLLATVTVCLTLTAKRMARKNCLVKNLEAVETLGSTSTICSDKTGTLTQNRMTVAHMWFDNQIHEADTTEDQSGTS
FDKSSHTWVALSHIAGLCNRAVFKGGQDNIPVLKRDVAGDASESALLKCIELSSGSVKLMRERNKKVAEIPFNSTNKYQL
SIHETEDPNDNRYLLVMKGAPERILDRCSTILLQGKEQPLDEEMKEAFQNAYLELGGLGERVLGFCHYYLPEEQFPKGFA
FDCDDVNFTTDNLCFVGLMSMIDPPRAAVPDAVGKCRSAGIKVIMVTGDHPITAKAIAKGVGIISEGNETVEDIAARLNI
PVSQVNPRDAKACVIHGTDLKDFTSEQIDEILQNHTEIVFARTSPQQKLIIVEGCQRQGAIVAVTGDGVNDSPALKKADI
GVAMGIAGSDVSKQAADMILLDDNFASIVTGVEEGRLIFDNLKKSIAYTLTSNIPEITPFLLFIMANIPLPLGTITILCI
DLGTDMVPAISLAYEAAESDIMKRQPRNPRTDKLVNERLISMAYGQIGMIQALGGFFSYFVILAENGFLPGNLVGIRLNW
DDRTVNDLEDSYGQQWTYEQRKVVEFTCHTAFFVSIVVVQWADLIICKTRRNSVFQQGMKNKILIFGLFEETALAAFLSY
CPGMDVALRMYPLKPSWWFCAFPYSFLIFVYDEIRKLILRRNPGGWVEKETYY
;
A
2 'polypeptide(L)'
;MARGKAKEEGSWKKFIWNSEKKEFLGRTGGSWFKILLFYVIFYGCLAGIFIGTIQVMLLTISEFKPTYQDRVAPPGLTQI
PQIQKTEISFRPNDPKSYEAYVLNIVRFLEKYKDSAQRDDMIFEDCGDVPSEPKERGDFNHERGERKVCRFKLEWLGNCS
GLNDETYGYKEGKPCIIIKLNRVLGFKPKPPKNESLETYPVMKYNPNVLPVQCTGKRDEDKDKVGNVEYFGLGNSPGFPL
QYYPYYGKLLQPKYLQPLLAVQFTNLTMDTEIRIECKAYGENIGYSEKDRFQGRFDVKIEVKS
;
B
3 'polypeptide(L)'
;MATMELVLVFLCSLLAPMVLASAAEKEKEMDPFHYDYQTLRIGGLVFAVVLFSVGILLILSRRCKCSFNQKPRAPGDEEA
QVENLITANATEPQKAEN
;
G
#
# COMPACT_ATOMS: atom_id res chain seq x y z
N GLU A 33 47.22 -9.49 21.76
CA GLU A 33 47.58 -9.07 23.11
C GLU A 33 46.80 -9.90 24.13
N HIS A 34 47.18 -11.15 24.29
CA HIS A 34 46.48 -12.02 25.23
C HIS A 34 47.40 -12.73 26.21
N LYS A 35 48.60 -13.15 25.78
CA LYS A 35 49.44 -13.97 26.64
C LYS A 35 50.04 -13.17 27.78
N MET A 36 50.44 -11.92 27.53
CA MET A 36 51.17 -11.14 28.51
C MET A 36 50.31 -10.83 29.73
N SER A 37 50.98 -10.53 30.84
CA SER A 37 50.30 -10.23 32.09
C SER A 37 49.70 -8.83 32.04
N VAL A 38 48.87 -8.53 33.04
CA VAL A 38 48.20 -7.24 33.11
C VAL A 38 49.23 -6.11 33.24
N GLU A 39 50.31 -6.36 33.98
CA GLU A 39 51.37 -5.36 34.11
C GLU A 39 51.99 -5.04 32.76
N GLU A 40 52.31 -6.07 31.97
CA GLU A 40 52.89 -5.84 30.65
C GLU A 40 51.93 -5.10 29.74
N VAL A 41 50.66 -5.50 29.73
CA VAL A 41 49.70 -4.87 28.80
C VAL A 41 49.41 -3.44 29.21
N CYS A 42 49.43 -3.12 30.51
CA CYS A 42 49.14 -1.77 30.97
C CYS A 42 50.38 -0.89 30.99
N ARG A 43 51.59 -1.46 30.91
CA ARG A 43 52.80 -0.67 30.75
C ARG A 43 53.20 -0.50 29.30
N LYS A 44 52.68 -1.34 28.40
CA LYS A 44 52.92 -1.14 26.98
C LYS A 44 52.26 0.14 26.48
N TYR A 45 51.08 0.46 27.00
CA TYR A 45 50.34 1.65 26.61
C TYR A 45 50.64 2.86 27.48
N ASN A 46 51.55 2.72 28.45
CA ASN A 46 51.91 3.81 29.37
C ASN A 46 50.68 4.37 30.06
N THR A 47 49.82 3.46 30.52
CA THR A 47 48.58 3.81 31.19
C THR A 47 48.55 3.22 32.59
N ASP A 48 47.67 3.76 33.43
CA ASP A 48 47.49 3.22 34.78
C ASP A 48 46.42 2.14 34.74
N CYS A 49 46.85 0.88 34.86
CA CYS A 49 45.94 -0.26 34.86
C CYS A 49 45.10 -0.36 36.13
N VAL A 50 45.38 0.47 37.13
CA VAL A 50 44.62 0.47 38.37
C VAL A 50 43.64 1.63 38.43
N GLN A 51 44.08 2.84 38.11
CA GLN A 51 43.27 4.04 38.23
C GLN A 51 42.62 4.48 36.93
N GLY A 52 43.36 4.49 35.82
CA GLY A 52 42.80 4.89 34.55
C GLY A 52 43.67 5.89 33.81
N LEU A 53 43.04 6.80 33.06
CA LEU A 53 43.77 7.78 32.26
C LEU A 53 43.19 9.16 32.51
N THR A 54 44.06 10.13 32.78
CA THR A 54 43.63 11.50 32.94
C THR A 54 43.35 12.12 31.57
N HIS A 55 42.69 13.27 31.58
CA HIS A 55 42.30 13.94 30.34
C HIS A 55 43.47 14.49 29.56
N SER A 56 44.67 14.55 30.16
CA SER A 56 45.83 15.07 29.45
C SER A 56 46.17 14.19 28.25
N LYS A 57 46.51 12.92 28.51
CA LYS A 57 46.87 11.99 27.44
C LYS A 57 45.68 11.58 26.57
N ALA A 58 44.47 11.61 27.12
CA ALA A 58 43.32 11.12 26.36
C ALA A 58 43.07 11.95 25.11
N GLN A 59 43.14 13.28 25.24
CA GLN A 59 42.90 14.14 24.08
C GLN A 59 43.96 13.91 23.00
N GLU A 60 45.23 13.84 23.39
CA GLU A 60 46.29 13.68 22.40
C GLU A 60 46.20 12.31 21.72
N ILE A 61 45.92 11.25 22.47
CA ILE A 61 45.83 9.93 21.84
C ILE A 61 44.58 9.86 20.96
N LEU A 62 43.49 10.53 21.34
CA LEU A 62 42.34 10.63 20.46
C LEU A 62 42.70 11.34 19.17
N ALA A 63 43.53 12.39 19.25
CA ALA A 63 44.00 13.05 18.04
C ALA A 63 44.81 12.09 17.18
N ARG A 64 45.69 11.29 17.81
CA ARG A 64 46.52 10.37 17.04
C ARG A 64 45.68 9.31 16.34
N ASP A 65 44.69 8.74 17.03
CA ASP A 65 43.95 7.61 16.48
C ASP A 65 42.58 7.98 15.92
N GLY A 66 41.96 9.06 16.39
CA GLY A 66 40.66 9.45 15.93
C GLY A 66 39.55 8.68 16.61
N PRO A 67 38.30 9.00 16.27
CA PRO A 67 37.19 8.29 16.90
C PRO A 67 37.02 6.87 16.36
N ASN A 68 36.62 5.97 17.25
CA ASN A 68 36.53 4.55 16.90
C ASN A 68 35.17 4.24 16.28
N ALA A 69 35.07 4.54 14.98
CA ALA A 69 33.88 4.25 14.20
C ALA A 69 34.21 3.16 13.19
N LEU A 70 33.48 2.05 13.25
CA LEU A 70 33.65 0.99 12.27
C LEU A 70 33.30 1.51 10.88
N THR A 71 34.12 1.13 9.90
CA THR A 71 34.04 1.74 8.58
C THR A 71 32.71 1.43 7.90
N PRO A 72 31.95 2.45 7.50
CA PRO A 72 30.73 2.21 6.71
C PRO A 72 31.10 1.92 5.27
N PRO A 73 30.14 1.65 4.38
CA PRO A 73 30.50 1.41 2.97
C PRO A 73 31.09 2.66 2.35
N PRO A 74 31.84 2.53 1.21
CA PRO A 74 32.75 3.60 0.78
C PRO A 74 32.20 5.01 0.91
N THR A 75 31.11 5.33 0.23
CA THR A 75 30.27 6.45 0.62
C THR A 75 28.83 6.02 0.87
N THR A 76 28.16 5.47 -0.13
CA THR A 76 26.79 4.95 -0.11
C THR A 76 26.47 4.46 -1.51
N PRO A 77 25.41 3.69 -1.70
CA PRO A 77 24.88 3.54 -3.07
C PRO A 77 24.41 4.89 -3.59
N GLU A 78 25.09 5.44 -4.59
CA GLU A 78 24.83 6.79 -5.06
C GLU A 78 24.24 6.76 -6.46
N TRP A 79 23.22 7.59 -6.68
CA TRP A 79 22.52 7.78 -7.96
C TRP A 79 21.89 6.49 -8.46
N VAL A 80 22.09 5.40 -7.73
CA VAL A 80 21.62 4.09 -8.16
C VAL A 80 20.24 3.78 -7.58
N LYS A 81 19.86 4.41 -6.48
CA LYS A 81 18.48 4.27 -6.00
C LYS A 81 17.50 4.82 -7.01
N PHE A 82 17.83 5.96 -7.63
CA PHE A 82 16.95 6.55 -8.64
C PHE A 82 16.74 5.60 -9.82
N CYS A 83 17.84 5.07 -10.36
CA CYS A 83 17.75 4.18 -11.51
C CYS A 83 17.06 2.87 -11.14
N ARG A 84 17.35 2.35 -9.95
CA ARG A 84 16.70 1.12 -9.50
C ARG A 84 15.20 1.33 -9.35
N GLN A 85 14.79 2.48 -8.84
CA GLN A 85 13.36 2.73 -8.63
C GLN A 85 12.64 2.96 -9.95
N LEU A 86 13.26 3.66 -10.89
CA LEU A 86 12.59 3.84 -12.18
C LEU A 86 12.78 2.64 -13.09
N PHE A 87 13.60 1.66 -12.69
CA PHE A 87 13.80 0.43 -13.44
C PHE A 87 13.17 -0.79 -12.78
N GLY A 88 13.18 -0.83 -11.45
CA GLY A 88 12.62 -1.94 -10.72
C GLY A 88 11.20 -1.65 -10.26
N GLY A 89 10.62 -2.58 -9.51
CA GLY A 89 9.26 -2.43 -9.01
C GLY A 89 8.25 -3.05 -9.95
N PHE A 90 7.12 -2.38 -10.11
CA PHE A 90 6.10 -2.81 -11.05
C PHE A 90 6.15 -1.95 -12.30
N SER A 91 7.34 -1.49 -12.65
CA SER A 91 7.51 -0.63 -13.82
C SER A 91 8.12 -1.36 -15.01
N ILE A 92 8.99 -2.33 -14.75
CA ILE A 92 9.62 -3.05 -15.85
C ILE A 92 8.59 -3.35 -16.94
N LEU A 93 7.37 -3.70 -16.54
CA LEU A 93 6.32 -3.96 -17.52
C LEU A 93 6.01 -2.71 -18.34
N LEU A 94 5.95 -1.55 -17.67
CA LEU A 94 5.71 -0.30 -18.39
C LEU A 94 6.86 0.04 -19.34
N TRP A 95 8.10 -0.23 -18.92
CA TRP A 95 9.24 -0.02 -19.80
C TRP A 95 9.16 -0.92 -21.03
N ILE A 96 8.81 -2.18 -20.83
CA ILE A 96 8.64 -3.10 -21.96
C ILE A 96 7.56 -2.59 -22.89
N GLY A 97 6.44 -2.12 -22.33
CA GLY A 97 5.38 -1.58 -23.17
C GLY A 97 5.83 -0.36 -23.95
N ALA A 98 6.59 0.52 -23.32
CA ALA A 98 7.05 1.74 -23.99
C ALA A 98 7.98 1.40 -25.15
N ILE A 99 8.95 0.51 -24.91
CA ILE A 99 9.88 0.16 -25.98
C ILE A 99 9.16 -0.60 -27.10
N LEU A 100 8.17 -1.42 -26.74
CA LEU A 100 7.41 -2.13 -27.75
C LEU A 100 6.58 -1.16 -28.59
N CYS A 101 6.00 -0.15 -27.97
CA CYS A 101 5.28 0.88 -28.73
C CYS A 101 6.22 1.65 -29.65
N PHE A 102 7.42 1.96 -29.15
CA PHE A 102 8.40 2.68 -29.98
C PHE A 102 8.77 1.86 -31.21
N LEU A 103 9.05 0.57 -31.02
CA LEU A 103 9.38 -0.26 -32.17
C LEU A 103 8.17 -0.54 -33.06
N ALA A 104 6.96 -0.52 -32.51
CA ALA A 104 5.77 -0.61 -33.34
C ALA A 104 5.64 0.60 -34.25
N TYR A 105 5.88 1.79 -33.71
CA TYR A 105 5.90 2.98 -34.56
C TYR A 105 7.02 2.90 -35.58
N GLY A 106 8.17 2.35 -35.20
CA GLY A 106 9.27 2.20 -36.14
C GLY A 106 8.93 1.28 -37.30
N ILE A 107 8.36 0.11 -37.00
CA ILE A 107 8.00 -0.82 -38.05
C ILE A 107 6.84 -0.29 -38.89
N GLN A 108 5.97 0.52 -38.28
CA GLN A 108 4.94 1.20 -39.07
C GLN A 108 5.54 2.24 -40.00
N ALA A 109 6.61 2.90 -39.59
CA ALA A 109 7.31 3.85 -40.45
C ALA A 109 8.18 3.16 -41.49
N GLY A 110 8.77 2.01 -41.16
CA GLY A 110 9.61 1.27 -42.07
C GLY A 110 8.88 0.47 -43.13
N THR A 111 7.56 0.56 -43.15
CA THR A 111 6.70 -0.11 -44.13
C THR A 111 5.97 0.96 -44.93
N GLU A 112 4.98 0.53 -45.72
CA GLU A 112 4.17 1.45 -46.52
C GLU A 112 3.76 2.66 -45.69
N ASP A 113 3.64 3.80 -46.36
CA ASP A 113 3.45 5.08 -45.69
C ASP A 113 2.21 5.09 -44.80
N ASP A 114 2.42 5.15 -43.49
CA ASP A 114 1.35 5.18 -42.50
C ASP A 114 1.58 6.39 -41.60
N PRO A 115 1.26 7.59 -42.09
CA PRO A 115 1.57 8.81 -41.33
C PRO A 115 0.93 8.86 -39.95
N SER A 116 -0.24 8.25 -39.78
CA SER A 116 -0.92 8.25 -38.49
C SER A 116 -0.07 7.48 -37.49
N GLY A 117 0.56 8.20 -36.56
CA GLY A 117 1.44 7.56 -35.61
C GLY A 117 0.73 6.67 -34.62
N ASP A 118 -0.04 7.28 -33.72
CA ASP A 118 -0.87 6.57 -32.75
C ASP A 118 -0.04 5.73 -31.78
N ASN A 119 1.27 5.75 -31.95
CA ASN A 119 2.17 4.95 -31.12
C ASN A 119 3.28 5.76 -30.49
N LEU A 120 3.82 6.74 -31.21
CA LEU A 120 4.86 7.59 -30.62
C LEU A 120 4.31 8.39 -29.46
N TYR A 121 3.08 8.90 -29.58
CA TYR A 121 2.45 9.60 -28.46
C TYR A 121 2.28 8.65 -27.27
N LEU A 122 1.85 7.41 -27.54
CA LEU A 122 1.70 6.43 -26.48
C LEU A 122 3.03 6.14 -25.80
N GLY A 123 4.08 5.99 -26.61
CA GLY A 123 5.41 5.76 -26.03
C GLY A 123 5.89 6.91 -25.17
N ILE A 124 5.72 8.13 -25.64
CA ILE A 124 6.14 9.29 -24.87
C ILE A 124 5.36 9.40 -23.56
N VAL A 125 4.04 9.20 -23.62
CA VAL A 125 3.25 9.34 -22.38
C VAL A 125 3.58 8.21 -21.42
N LEU A 126 3.81 7.00 -21.92
CA LEU A 126 4.17 5.89 -21.04
C LEU A 126 5.52 6.14 -20.37
N ALA A 127 6.50 6.59 -21.15
CA ALA A 127 7.82 6.89 -20.57
C ALA A 127 7.74 8.03 -19.57
N ALA A 128 6.93 9.05 -19.87
CA ALA A 128 6.77 10.17 -18.94
C ALA A 128 6.11 9.71 -17.65
N VAL A 129 5.11 8.85 -17.74
CA VAL A 129 4.46 8.32 -16.54
C VAL A 129 5.47 7.53 -15.70
N VAL A 130 6.27 6.68 -16.36
CA VAL A 130 7.26 5.88 -15.64
C VAL A 130 8.26 6.79 -14.95
N ILE A 131 8.77 7.79 -15.67
CA ILE A 131 9.79 8.67 -15.12
C ILE A 131 9.23 9.49 -13.95
N ILE A 132 8.00 9.99 -14.10
CA ILE A 132 7.40 10.78 -13.02
C ILE A 132 7.17 9.91 -11.79
N THR A 133 6.67 8.68 -11.98
CA THR A 133 6.47 7.78 -10.85
C THR A 133 7.78 7.46 -10.17
N GLY A 134 8.82 7.17 -10.95
CA GLY A 134 10.12 6.88 -10.37
C GLY A 134 10.70 8.05 -9.60
N CYS A 135 10.59 9.26 -10.16
CA CYS A 135 11.11 10.44 -9.49
C CYS A 135 10.36 10.71 -8.20
N PHE A 136 9.03 10.59 -8.23
CA PHE A 136 8.24 10.82 -7.01
C PHE A 136 8.56 9.77 -5.94
N SER A 137 8.66 8.51 -6.34
CA SER A 137 9.00 7.46 -5.39
C SER A 137 10.39 7.68 -4.79
N TYR A 138 11.36 8.09 -5.63
CA TYR A 138 12.69 8.37 -5.12
C TYR A 138 12.68 9.55 -4.15
N TYR A 139 11.92 10.59 -4.47
CA TYR A 139 11.85 11.75 -3.57
C TYR A 139 11.26 11.36 -2.23
N GLN A 140 10.18 10.57 -2.23
CA GLN A 140 9.61 10.12 -0.97
C GLN A 140 10.58 9.22 -0.20
N GLU A 141 11.25 8.30 -0.90
CA GLU A 141 12.19 7.41 -0.24
C GLU A 141 13.35 8.18 0.38
N ALA A 142 13.85 9.20 -0.33
CA ALA A 142 14.90 10.04 0.23
C ALA A 142 14.38 10.81 1.44
N LYS A 143 13.14 11.29 1.39
CA LYS A 143 12.54 11.95 2.53
C LYS A 143 12.48 11.06 3.76
N SER A 144 12.13 9.78 3.58
CA SER A 144 12.12 8.83 4.68
C SER A 144 13.52 8.46 5.17
N SER A 145 14.46 8.28 4.23
CA SER A 145 15.81 7.90 4.60
C SER A 145 16.53 9.02 5.33
N LYS A 146 16.18 10.28 5.06
CA LYS A 146 16.75 11.38 5.81
C LYS A 146 16.36 11.30 7.28
N ILE A 147 15.09 11.00 7.55
CA ILE A 147 14.64 10.83 8.93
C ILE A 147 15.32 9.62 9.56
N MET A 148 15.44 8.52 8.80
CA MET A 148 16.10 7.33 9.33
C MET A 148 17.55 7.62 9.71
N GLU A 149 18.27 8.36 8.86
CA GLU A 149 19.63 8.77 9.20
C GLU A 149 19.65 9.68 10.41
N SER A 150 18.70 10.61 10.52
CA SER A 150 18.58 11.45 11.69
C SER A 150 18.32 10.67 12.97
N PHE A 151 17.71 9.49 12.88
CA PHE A 151 17.43 8.69 14.06
C PHE A 151 18.62 7.84 14.50
N LYS A 152 19.29 7.18 13.55
CA LYS A 152 20.41 6.31 13.91
C LYS A 152 21.55 7.09 14.55
N ASN A 153 21.68 8.37 14.26
CA ASN A 153 22.63 9.24 14.94
C ASN A 153 22.05 9.90 16.17
N MET A 154 20.74 9.78 16.41
CA MET A 154 20.11 10.42 17.56
C MET A 154 20.49 9.72 18.87
N VAL A 155 20.45 8.40 18.91
CA VAL A 155 20.81 7.65 20.10
C VAL A 155 22.21 7.07 19.88
N PRO A 156 23.23 7.54 20.59
CA PRO A 156 24.57 6.99 20.43
C PRO A 156 24.88 5.91 21.45
N GLN A 157 26.00 5.22 21.28
CA GLN A 157 26.44 4.23 22.26
C GLN A 157 27.30 4.91 23.33
N GLN A 158 27.41 4.23 24.47
CA GLN A 158 28.12 4.79 25.62
C GLN A 158 28.87 3.67 26.34
N ALA A 159 29.85 4.07 27.15
CA ALA A 159 30.64 3.13 27.93
C ALA A 159 31.09 3.80 29.22
N LEU A 160 31.22 3.00 30.27
CA LEU A 160 31.64 3.50 31.58
C LEU A 160 33.16 3.45 31.69
N VAL A 161 33.80 4.32 30.91
CA VAL A 161 35.26 4.42 30.96
C VAL A 161 35.69 5.01 32.30
N ILE A 162 36.88 4.62 32.75
CA ILE A 162 37.42 5.07 34.03
C ILE A 162 38.50 6.11 33.76
N ARG A 163 38.26 7.34 34.20
CA ARG A 163 39.22 8.43 34.09
C ARG A 163 39.35 9.10 35.44
N GLU A 164 40.61 9.25 35.90
CA GLU A 164 40.90 9.79 37.23
C GLU A 164 40.19 9.00 38.32
N GLY A 165 40.12 7.69 38.15
CA GLY A 165 39.47 6.83 39.12
C GLY A 165 37.99 7.11 39.28
N GLU A 166 37.28 7.35 38.18
CA GLU A 166 35.86 7.62 38.22
C GLU A 166 35.25 7.20 36.89
N LYS A 167 33.98 6.78 36.92
CA LYS A 167 33.28 6.33 35.74
C LYS A 167 32.25 7.36 35.31
N MET A 168 32.30 7.74 34.03
CA MET A 168 31.36 8.70 33.47
C MET A 168 30.79 8.15 32.17
N GLN A 169 29.57 8.56 31.85
CA GLN A 169 28.90 8.10 30.64
C GLN A 169 29.48 8.80 29.42
N VAL A 170 30.61 8.30 28.93
CA VAL A 170 31.27 8.86 27.76
C VAL A 170 30.79 8.11 26.52
N ASN A 171 30.62 8.84 25.42
CA ASN A 171 30.20 8.21 24.17
C ASN A 171 31.21 7.18 23.72
N ALA A 172 30.71 6.03 23.25
CA ALA A 172 31.59 4.97 22.79
C ALA A 172 32.39 5.37 21.57
N GLU A 173 32.00 6.43 20.87
CA GLU A 173 32.77 6.96 19.75
C GLU A 173 33.98 7.75 20.20
N GLU A 174 34.10 8.05 21.49
CA GLU A 174 35.23 8.79 22.02
C GLU A 174 36.31 7.91 22.62
N VAL A 175 35.96 6.74 23.16
CA VAL A 175 36.89 5.97 23.97
C VAL A 175 38.15 5.66 23.18
N VAL A 176 39.30 5.95 23.80
CA VAL A 176 40.61 5.80 23.18
C VAL A 176 41.22 4.49 23.63
N VAL A 177 42.30 4.08 22.99
CA VAL A 177 43.04 2.88 23.42
C VAL A 177 43.87 3.28 24.63
N GLY A 178 43.88 2.42 25.64
CA GLY A 178 44.68 2.66 26.83
C GLY A 178 43.92 3.02 28.09
N ASP A 179 42.66 3.44 27.97
CA ASP A 179 41.86 3.83 29.13
C ASP A 179 41.14 2.62 29.70
N LEU A 180 40.84 2.68 31.00
CA LEU A 180 40.20 1.58 31.67
C LEU A 180 38.69 1.62 31.45
N VAL A 181 38.12 0.52 30.97
CA VAL A 181 36.72 0.44 30.60
C VAL A 181 36.06 -0.66 31.42
N GLU A 182 34.92 -0.34 32.02
CA GLU A 182 34.12 -1.31 32.77
C GLU A 182 32.94 -1.75 31.92
N ILE A 183 32.66 -3.04 31.92
CA ILE A 183 31.55 -3.61 31.17
C ILE A 183 30.56 -4.26 32.13
N LYS A 184 29.30 -3.90 31.99
CA LYS A 184 28.23 -4.38 32.85
C LYS A 184 27.37 -5.38 32.09
N GLY A 185 26.79 -6.34 32.83
CA GLY A 185 25.88 -7.27 32.19
C GLY A 185 24.72 -6.56 31.54
N GLY A 186 24.46 -6.92 30.28
CA GLY A 186 23.36 -6.31 29.55
C GLY A 186 23.72 -5.06 28.77
N ASP A 187 25.00 -4.82 28.54
CA ASP A 187 25.44 -3.68 27.75
C ASP A 187 26.31 -4.14 26.60
N ARG A 188 26.48 -3.26 25.61
CA ARG A 188 27.31 -3.57 24.46
C ARG A 188 28.75 -3.18 24.74
N VAL A 189 29.67 -4.10 24.48
CA VAL A 189 31.10 -3.84 24.72
C VAL A 189 31.58 -2.78 23.74
N PRO A 190 32.22 -1.70 24.21
CA PRO A 190 32.55 -0.59 23.29
C PRO A 190 33.61 -0.95 22.26
N ALA A 191 34.67 -1.63 22.66
CA ALA A 191 35.75 -1.99 21.75
C ALA A 191 36.46 -3.21 22.29
N ASP A 192 37.52 -3.63 21.60
CA ASP A 192 38.32 -4.75 22.07
C ASP A 192 38.86 -4.46 23.47
N LEU A 193 38.79 -5.45 24.34
CA LEU A 193 39.18 -5.30 25.73
C LEU A 193 40.15 -6.40 26.14
N ARG A 194 41.13 -6.01 26.96
CA ARG A 194 42.00 -6.94 27.67
C ARG A 194 41.46 -7.04 29.09
N ILE A 195 40.90 -8.20 29.42
CA ILE A 195 40.22 -8.37 30.71
C ILE A 195 41.27 -8.42 31.81
N ILE A 196 41.10 -7.60 32.84
CA ILE A 196 41.97 -7.63 34.00
C ILE A 196 41.23 -8.01 35.29
N SER A 197 39.89 -8.00 35.27
CA SER A 197 39.09 -8.37 36.42
C SER A 197 37.68 -8.70 35.95
N ALA A 198 37.26 -9.94 36.19
CA ALA A 198 35.94 -10.40 35.74
C ALA A 198 35.21 -11.04 36.91
N HIS A 199 33.87 -10.97 36.85
CA HIS A 199 33.03 -11.58 37.89
C HIS A 199 31.87 -12.25 37.18
N GLY A 200 32.04 -13.52 36.82
CA GLY A 200 31.00 -14.25 36.13
C GLY A 200 30.69 -13.73 34.74
N CYS A 201 31.56 -12.88 34.18
CA CYS A 201 31.27 -12.23 32.91
C CYS A 201 31.07 -13.27 31.81
N LYS A 202 29.98 -13.12 31.06
CA LYS A 202 29.67 -13.98 29.93
C LYS A 202 29.41 -13.08 28.72
N VAL A 203 29.96 -13.47 27.57
CA VAL A 203 29.94 -12.64 26.37
C VAL A 203 29.19 -13.37 25.28
N ASP A 204 28.24 -12.68 24.65
CA ASP A 204 27.49 -13.20 23.51
C ASP A 204 28.16 -12.65 22.25
N ASN A 205 28.85 -13.52 21.51
CA ASN A 205 29.52 -13.08 20.30
C ASN A 205 28.55 -13.03 19.12
N SER A 206 28.05 -14.20 18.71
CA SER A 206 27.01 -14.32 17.69
C SER A 206 27.40 -13.72 16.34
N SER A 207 28.62 -13.19 16.23
CA SER A 207 29.02 -12.50 15.01
C SER A 207 30.45 -12.80 14.57
N LEU A 208 31.23 -13.57 15.32
CA LEU A 208 32.62 -13.84 14.99
C LEU A 208 32.95 -15.31 14.96
N THR A 209 32.33 -16.11 15.83
CA THR A 209 32.46 -17.56 15.79
C THR A 209 31.18 -18.25 15.32
N GLY A 210 30.05 -17.57 15.31
CA GLY A 210 28.79 -18.16 14.95
C GLY A 210 28.09 -18.90 16.08
N GLU A 211 28.73 -19.01 17.24
CA GLU A 211 28.16 -19.70 18.39
C GLU A 211 27.42 -18.68 19.24
N SER A 212 26.08 -18.72 19.19
CA SER A 212 25.28 -17.81 19.99
C SER A 212 25.33 -18.12 21.47
N GLU A 213 25.91 -19.26 21.86
CA GLU A 213 26.01 -19.61 23.26
C GLU A 213 26.96 -18.64 23.96
N PRO A 214 26.53 -17.97 25.04
CA PRO A 214 27.43 -17.05 25.75
C PRO A 214 28.62 -17.82 26.33
N GLN A 215 29.78 -17.18 26.28
CA GLN A 215 31.02 -17.80 26.72
C GLN A 215 31.54 -17.12 27.98
N THR A 216 31.92 -17.92 28.97
CA THR A 216 32.43 -17.39 30.22
C THR A 216 33.75 -16.67 29.99
N ARG A 217 33.95 -15.57 30.72
CA ARG A 217 35.18 -14.79 30.65
C ARG A 217 35.97 -14.92 31.94
N SER A 218 37.27 -14.64 31.85
CA SER A 218 38.16 -14.73 32.99
C SER A 218 39.38 -13.86 32.72
N PRO A 219 40.08 -13.40 33.76
CA PRO A 219 41.29 -12.59 33.54
C PRO A 219 42.45 -13.43 33.03
N ASP A 220 42.42 -14.73 33.32
CA ASP A 220 43.53 -15.61 32.98
C ASP A 220 43.37 -16.16 31.58
N CYS A 221 44.46 -16.16 30.81
CA CYS A 221 44.47 -16.75 29.49
C CYS A 221 44.30 -18.27 29.57
N THR A 222 43.65 -18.82 28.55
CA THR A 222 43.40 -20.27 28.54
C THR A 222 43.90 -20.92 27.26
N HIS A 223 43.89 -20.18 26.14
CA HIS A 223 44.30 -20.75 24.87
C HIS A 223 45.21 -19.77 24.15
N ASP A 224 46.11 -20.33 23.33
CA ASP A 224 47.06 -19.50 22.59
C ASP A 224 46.36 -18.65 21.54
N ASN A 225 45.37 -19.20 20.86
CA ASN A 225 44.68 -18.46 19.80
C ASN A 225 43.83 -17.35 20.42
N PRO A 226 43.78 -16.16 19.81
CA PRO A 226 43.00 -15.07 20.41
C PRO A 226 41.52 -15.14 20.08
N LEU A 227 41.12 -15.99 19.15
CA LEU A 227 39.71 -16.10 18.78
C LEU A 227 38.92 -16.99 19.73
N GLU A 228 39.57 -17.66 20.67
CA GLU A 228 38.90 -18.56 21.60
C GLU A 228 39.26 -18.32 23.05
N THR A 229 40.37 -17.64 23.35
CA THR A 229 40.77 -17.41 24.73
C THR A 229 39.70 -16.61 25.46
N ARG A 230 39.57 -16.89 26.76
CA ARG A 230 38.49 -16.35 27.59
C ARG A 230 38.93 -15.10 28.36
N ASN A 231 39.97 -14.42 27.87
CA ASN A 231 40.42 -13.19 28.50
C ASN A 231 40.29 -11.96 27.60
N ILE A 232 39.78 -12.11 26.38
CA ILE A 232 39.62 -10.99 25.46
C ILE A 232 38.17 -10.95 25.01
N THR A 233 37.55 -9.77 25.12
CA THR A 233 36.21 -9.55 24.61
C THR A 233 36.29 -8.73 23.33
N PHE A 234 35.48 -9.10 22.34
CA PHE A 234 35.62 -8.55 21.01
C PHE A 234 34.72 -7.34 20.81
N PHE A 235 34.99 -6.60 19.74
CA PHE A 235 34.18 -5.44 19.40
C PHE A 235 32.77 -5.86 19.00
N SER A 236 31.80 -5.03 19.39
CA SER A 236 30.39 -5.25 19.07
C SER A 236 29.92 -6.63 19.54
N THR A 237 30.31 -7.02 20.75
CA THR A 237 29.85 -8.24 21.39
C THR A 237 29.26 -7.86 22.74
N ASN A 238 27.93 -7.95 22.86
CA ASN A 238 27.26 -7.57 24.09
C ASN A 238 27.54 -8.58 25.20
N CYS A 239 27.73 -8.07 26.41
CA CYS A 239 27.94 -8.88 27.60
C CYS A 239 26.60 -9.14 28.25
N VAL A 240 26.12 -10.38 28.16
CA VAL A 240 24.79 -10.70 28.67
C VAL A 240 24.77 -10.68 30.19
N GLU A 241 25.73 -11.35 30.83
CA GLU A 241 25.70 -11.59 32.26
C GLU A 241 27.02 -11.19 32.91
N GLY A 242 26.93 -10.76 34.16
CA GLY A 242 28.10 -10.45 34.96
C GLY A 242 28.73 -9.13 34.59
N THR A 243 29.68 -8.72 35.42
CA THR A 243 30.42 -7.48 35.22
C THR A 243 31.91 -7.80 35.16
N ALA A 244 32.63 -7.01 34.37
CA ALA A 244 34.07 -7.17 34.24
C ALA A 244 34.71 -5.80 34.04
N ARG A 245 35.99 -5.72 34.37
CA ARG A 245 36.75 -4.49 34.20
C ARG A 245 38.05 -4.83 33.45
N GLY A 246 38.35 -4.05 32.41
CA GLY A 246 39.51 -4.32 31.60
C GLY A 246 40.07 -3.11 30.89
N VAL A 247 41.14 -3.31 30.12
CA VAL A 247 41.82 -2.24 29.40
C VAL A 247 41.69 -2.50 27.91
N VAL A 248 41.30 -1.47 27.16
CA VAL A 248 41.09 -1.61 25.72
C VAL A 248 42.42 -1.87 25.04
N VAL A 249 42.39 -2.66 23.97
CA VAL A 249 43.57 -2.95 23.16
C VAL A 249 43.42 -2.42 21.74
N ALA A 250 42.23 -2.51 21.17
CA ALA A 250 41.99 -2.10 19.79
C ALA A 250 40.67 -1.34 19.70
N THR A 251 40.71 -0.15 19.09
CA THR A 251 39.53 0.67 18.90
C THR A 251 39.43 1.08 17.43
N GLY A 252 38.21 1.07 16.89
CA GLY A 252 37.99 1.52 15.53
C GLY A 252 38.01 0.40 14.51
N ASP A 253 38.31 0.74 13.25
CA ASP A 253 38.38 -0.26 12.19
C ASP A 253 39.55 -1.23 12.39
N ARG A 254 40.52 -0.87 13.23
CA ARG A 254 41.64 -1.76 13.54
C ARG A 254 41.29 -2.68 14.71
N THR A 255 40.14 -3.35 14.60
CA THR A 255 39.60 -4.18 15.66
C THR A 255 39.10 -5.49 15.05
N VAL A 256 38.90 -6.49 15.89
CA VAL A 256 38.63 -7.85 15.40
C VAL A 256 37.42 -7.86 14.48
N MET A 257 36.37 -7.12 14.84
CA MET A 257 35.24 -6.93 13.93
C MET A 257 35.60 -6.08 12.73
N GLY A 258 36.54 -5.15 12.87
CA GLY A 258 36.88 -4.21 11.80
C GLY A 258 37.48 -4.81 10.55
N ARG A 259 37.99 -6.04 10.62
CA ARG A 259 38.57 -6.71 9.46
C ARG A 259 37.62 -7.71 8.81
N ILE A 260 36.88 -8.47 9.59
CA ILE A 260 35.95 -9.45 9.05
C ILE A 260 34.67 -8.76 8.60
N LYS A 271 11.97 -10.50 6.71
CA LYS A 271 10.67 -10.13 6.15
C LYS A 271 9.67 -9.73 7.22
N THR A 272 8.60 -9.06 6.80
CA THR A 272 7.50 -8.67 7.66
C THR A 272 6.19 -9.08 7.00
N PRO A 273 5.16 -9.40 7.79
CA PRO A 273 3.91 -9.91 7.18
C PRO A 273 3.29 -8.98 6.17
N ILE A 274 3.37 -7.66 6.37
CA ILE A 274 2.81 -6.73 5.40
C ILE A 274 3.54 -6.84 4.07
N ALA A 275 4.88 -6.97 4.12
CA ALA A 275 5.66 -7.10 2.90
C ALA A 275 5.32 -8.40 2.16
N ILE A 276 5.19 -9.51 2.89
CA ILE A 276 4.88 -10.77 2.24
C ILE A 276 3.46 -10.76 1.67
N GLU A 277 2.52 -10.10 2.37
CA GLU A 277 1.18 -9.98 1.83
C GLU A 277 1.16 -9.15 0.55
N ILE A 278 1.91 -8.04 0.53
CA ILE A 278 1.99 -7.22 -0.68
C ILE A 278 2.61 -8.01 -1.82
N GLU A 279 3.69 -8.76 -1.53
CA GLU A 279 4.34 -9.55 -2.56
C GLU A 279 3.42 -10.63 -3.11
N HIS A 280 2.69 -11.32 -2.23
CA HIS A 280 1.76 -12.36 -2.68
C HIS A 280 0.65 -11.76 -3.54
N PHE A 281 0.10 -10.61 -3.11
CA PHE A 281 -0.93 -9.95 -3.91
C PHE A 281 -0.40 -9.53 -5.26
N ILE A 282 0.83 -9.00 -5.31
CA ILE A 282 1.41 -8.58 -6.57
C ILE A 282 1.59 -9.78 -7.49
N GLN A 283 2.08 -10.90 -6.95
CA GLN A 283 2.25 -12.10 -7.76
C GLN A 283 0.91 -12.57 -8.33
N LEU A 284 -0.12 -12.63 -7.49
CA LEU A 284 -1.43 -13.11 -7.94
C LEU A 284 -2.02 -12.18 -8.99
N ILE A 285 -1.94 -10.86 -8.76
CA ILE A 285 -2.54 -9.92 -9.69
C ILE A 285 -1.78 -9.92 -11.00
N THR A 286 -0.45 -10.10 -10.97
CA THR A 286 0.31 -10.17 -12.21
C THR A 286 -0.01 -11.46 -12.97
N GLY A 287 -0.21 -12.57 -12.26
CA GLY A 287 -0.62 -13.79 -12.93
C GLY A 287 -1.98 -13.65 -13.60
N VAL A 288 -2.94 -13.06 -12.89
CA VAL A 288 -4.24 -12.83 -13.49
C VAL A 288 -4.14 -11.91 -14.70
N ALA A 289 -3.32 -10.85 -14.59
CA ALA A 289 -3.15 -9.91 -15.68
C ALA A 289 -2.52 -10.56 -16.90
N VAL A 290 -1.48 -11.39 -16.70
CA VAL A 290 -0.84 -12.03 -17.85
C VAL A 290 -1.78 -13.04 -18.49
N PHE A 291 -2.57 -13.75 -17.69
CA PHE A 291 -3.54 -14.68 -18.26
C PHE A 291 -4.57 -13.94 -19.10
N LEU A 292 -5.12 -12.84 -18.56
CA LEU A 292 -6.13 -12.09 -19.29
C LEU A 292 -5.53 -11.47 -20.56
N GLY A 293 -4.32 -10.93 -20.47
CA GLY A 293 -3.68 -10.36 -21.64
C GLY A 293 -3.40 -11.38 -22.72
N VAL A 294 -2.93 -12.56 -22.33
CA VAL A 294 -2.69 -13.61 -23.31
C VAL A 294 -3.99 -14.03 -23.99
N SER A 295 -5.06 -14.22 -23.20
CA SER A 295 -6.33 -14.62 -23.78
C SER A 295 -6.86 -13.56 -24.74
N PHE A 296 -6.75 -12.29 -24.35
CA PHE A 296 -7.20 -11.21 -25.21
C PHE A 296 -6.37 -11.13 -26.49
N PHE A 297 -5.07 -11.38 -26.38
CA PHE A 297 -4.22 -11.36 -27.56
C PHE A 297 -4.59 -12.48 -28.53
N ILE A 298 -4.83 -13.69 -28.01
CA ILE A 298 -5.26 -14.78 -28.89
C ILE A 298 -6.60 -14.44 -29.54
N LEU A 299 -7.54 -13.91 -28.77
CA LEU A 299 -8.84 -13.56 -29.34
C LEU A 299 -8.69 -12.49 -30.42
N SER A 300 -7.82 -11.50 -30.19
CA SER A 300 -7.56 -10.48 -31.21
C SER A 300 -6.97 -11.09 -32.47
N LEU A 301 -6.06 -12.06 -32.32
CA LEU A 301 -5.50 -12.73 -33.50
C LEU A 301 -6.58 -13.48 -34.27
N ILE A 302 -7.46 -14.18 -33.54
CA ILE A 302 -8.59 -14.84 -34.22
C ILE A 302 -9.42 -13.81 -34.98
N LEU A 303 -9.63 -12.64 -34.37
CA LEU A 303 -10.37 -11.59 -35.05
C LEU A 303 -9.54 -10.89 -36.11
N GLY A 304 -8.22 -10.99 -36.05
CA GLY A 304 -7.37 -10.46 -37.09
C GLY A 304 -7.41 -8.95 -37.22
N TYR A 305 -7.13 -8.23 -36.13
CA TYR A 305 -6.99 -6.79 -36.21
C TYR A 305 -5.81 -6.46 -37.12
N THR A 306 -4.61 -6.77 -36.64
CA THR A 306 -3.29 -6.78 -37.28
C THR A 306 -2.32 -7.26 -36.21
N TRP A 307 -1.08 -7.55 -36.63
CA TRP A 307 -0.07 -7.90 -35.65
C TRP A 307 0.24 -6.73 -34.74
N LEU A 308 0.35 -5.53 -35.30
CA LEU A 308 0.67 -4.35 -34.49
C LEU A 308 -0.48 -3.98 -33.56
N GLU A 309 -1.70 -3.95 -34.08
CA GLU A 309 -2.85 -3.65 -33.22
C GLU A 309 -2.97 -4.69 -32.11
N ALA A 310 -2.75 -5.96 -32.43
CA ALA A 310 -2.86 -7.01 -31.43
C ALA A 310 -1.80 -6.87 -30.34
N VAL A 311 -0.56 -6.58 -30.72
CA VAL A 311 0.49 -6.44 -29.72
C VAL A 311 0.25 -5.21 -28.87
N ILE A 312 -0.26 -4.12 -29.47
CA ILE A 312 -0.54 -2.91 -28.71
C ILE A 312 -1.71 -3.15 -27.76
N PHE A 313 -2.70 -3.94 -28.19
CA PHE A 313 -3.80 -4.31 -27.30
C PHE A 313 -3.31 -5.15 -26.14
N LEU A 314 -2.38 -6.08 -26.41
CA LEU A 314 -1.78 -6.86 -25.33
C LEU A 314 -1.10 -5.94 -24.32
N ILE A 315 -0.31 -4.99 -24.81
CA ILE A 315 0.37 -4.06 -23.92
C ILE A 315 -0.62 -3.25 -23.10
N GLY A 316 -1.66 -2.73 -23.75
CA GLY A 316 -2.65 -1.94 -23.03
C GLY A 316 -3.34 -2.73 -21.95
N ILE A 317 -3.77 -3.95 -22.27
CA ILE A 317 -4.48 -4.78 -21.29
C ILE A 317 -3.56 -5.14 -20.14
N ILE A 318 -2.32 -5.54 -20.44
CA ILE A 318 -1.43 -5.98 -19.36
C ILE A 318 -1.04 -4.81 -18.46
N VAL A 319 -0.84 -3.62 -19.04
CA VAL A 319 -0.53 -2.47 -18.21
C VAL A 319 -1.73 -2.06 -17.39
N ALA A 320 -2.94 -2.16 -17.96
CA ALA A 320 -4.13 -1.70 -17.28
C ALA A 320 -4.57 -2.64 -16.17
N ASN A 321 -4.27 -3.93 -16.30
CA ASN A 321 -4.77 -4.90 -15.32
C ASN A 321 -3.90 -5.03 -14.08
N VAL A 322 -2.76 -4.35 -14.03
CA VAL A 322 -1.85 -4.41 -12.88
C VAL A 322 -1.94 -3.09 -12.13
N PRO A 323 -1.95 -3.09 -10.80
CA PRO A 323 -1.91 -1.84 -10.01
C PRO A 323 -0.49 -1.32 -9.83
N GLU A 324 0.00 -0.61 -10.84
CA GLU A 324 1.36 -0.09 -10.80
C GLU A 324 1.54 1.00 -9.75
N GLY A 325 0.47 1.57 -9.23
CA GLY A 325 0.55 2.57 -8.20
C GLY A 325 0.75 2.04 -6.80
N LEU A 326 0.81 0.72 -6.64
CA LEU A 326 0.97 0.14 -5.30
C LEU A 326 2.31 0.47 -4.67
N LEU A 327 3.40 0.36 -5.43
CA LEU A 327 4.72 0.60 -4.85
C LEU A 327 4.88 2.04 -4.38
N ALA A 328 4.44 3.01 -5.19
CA ALA A 328 4.49 4.40 -4.78
C ALA A 328 3.60 4.67 -3.58
N THR A 329 2.42 4.05 -3.53
CA THR A 329 1.52 4.21 -2.39
C THR A 329 2.16 3.67 -1.12
N VAL A 330 2.79 2.50 -1.20
CA VAL A 330 3.46 1.91 -0.04
C VAL A 330 4.60 2.81 0.42
N THR A 331 5.39 3.32 -0.53
CA THR A 331 6.47 4.22 -0.18
C THR A 331 5.95 5.47 0.51
N VAL A 332 4.86 6.04 -0.01
CA VAL A 332 4.28 7.25 0.58
C VAL A 332 3.79 6.97 2.00
N CYS A 333 3.13 5.82 2.19
CA CYS A 333 2.68 5.45 3.54
C CYS A 333 3.86 5.32 4.48
N LEU A 334 4.95 4.71 4.01
CA LEU A 334 6.13 4.55 4.85
C LEU A 334 6.73 5.90 5.24
N THR A 335 6.82 6.83 4.29
CA THR A 335 7.36 8.14 4.60
C THR A 335 6.46 8.92 5.56
N LEU A 336 5.14 8.83 5.38
CA LEU A 336 4.23 9.46 6.32
C LEU A 336 4.38 8.87 7.71
N THR A 337 4.54 7.55 7.80
CA THR A 337 4.76 6.91 9.09
C THR A 337 6.05 7.38 9.73
N ALA A 338 7.11 7.49 8.93
CA ALA A 338 8.39 7.97 9.47
C ALA A 338 8.28 9.39 9.97
N LYS A 339 7.58 10.25 9.22
CA LYS A 339 7.40 11.64 9.67
C LYS A 339 6.59 11.69 10.96
N ARG A 340 5.52 10.91 11.05
CA ARG A 340 4.70 10.91 12.25
C ARG A 340 5.46 10.35 13.45
N MET A 341 6.33 9.37 13.22
CA MET A 341 7.15 8.84 14.32
C MET A 341 8.19 9.85 14.78
N ALA A 342 8.82 10.55 13.82
CA ALA A 342 9.77 11.60 14.19
C ALA A 342 9.09 12.76 14.89
N ARG A 343 7.79 12.96 14.63
CA ARG A 343 7.06 14.02 15.30
C ARG A 343 7.06 13.89 16.81
N LYS A 344 7.23 12.66 17.33
CA LYS A 344 7.25 12.48 18.78
C LYS A 344 8.42 11.62 19.26
N ASN A 345 9.52 11.59 18.50
CA ASN A 345 10.78 10.97 18.94
C ASN A 345 10.60 9.49 19.28
N CYS A 346 10.26 8.69 18.27
CA CYS A 346 10.12 7.25 18.44
C CYS A 346 10.90 6.55 17.32
N LEU A 347 11.96 5.83 17.70
CA LEU A 347 12.82 5.19 16.72
C LEU A 347 12.14 3.94 16.15
N VAL A 348 12.15 3.84 14.82
CA VAL A 348 11.65 2.66 14.12
C VAL A 348 12.81 2.11 13.28
N LYS A 349 13.15 0.84 13.50
CA LYS A 349 14.23 0.22 12.74
C LYS A 349 13.80 -0.05 11.30
N ASN A 350 12.77 -0.86 11.12
CA ASN A 350 12.19 -1.14 9.82
C ASN A 350 10.81 -0.52 9.78
N LEU A 351 10.57 0.35 8.79
CA LEU A 351 9.33 1.09 8.75
C LEU A 351 8.10 0.20 8.61
N GLU A 352 8.24 -0.99 8.05
CA GLU A 352 7.13 -1.91 7.89
C GLU A 352 6.76 -2.62 9.18
N ALA A 353 7.55 -2.48 10.24
CA ALA A 353 7.18 -3.05 11.54
C ALA A 353 6.02 -2.30 12.17
N VAL A 354 5.72 -1.09 11.69
CA VAL A 354 4.58 -0.37 12.23
C VAL A 354 3.28 -1.08 11.89
N GLU A 355 3.22 -1.79 10.75
CA GLU A 355 2.03 -2.56 10.43
C GLU A 355 1.85 -3.71 11.41
N THR A 356 2.95 -4.39 11.76
CA THR A 356 2.88 -5.43 12.78
C THR A 356 2.43 -4.86 14.11
N LEU A 357 2.93 -3.67 14.46
CA LEU A 357 2.50 -3.01 15.69
C LEU A 357 1.02 -2.68 15.64
N GLY A 358 0.53 -2.26 14.48
CA GLY A 358 -0.89 -1.98 14.34
C GLY A 358 -1.75 -3.23 14.50
N SER A 359 -1.27 -4.35 13.98
CA SER A 359 -2.03 -5.60 14.05
C SER A 359 -1.78 -6.37 15.34
N THR A 360 -1.26 -5.74 16.39
CA THR A 360 -1.02 -6.47 17.63
C THR A 360 -2.34 -6.75 18.34
N SER A 361 -2.34 -7.79 19.16
CA SER A 361 -3.48 -8.13 19.98
C SER A 361 -3.15 -8.30 21.46
N THR A 362 -1.89 -8.53 21.81
CA THR A 362 -1.49 -8.67 23.21
C THR A 362 -0.22 -7.88 23.43
N ILE A 363 -0.14 -7.17 24.54
CA ILE A 363 1.03 -6.38 24.90
C ILE A 363 1.56 -6.89 26.23
N CYS A 364 2.79 -7.39 26.24
CA CYS A 364 3.43 -7.86 27.45
C CYS A 364 4.40 -6.79 27.95
N SER A 365 4.16 -6.32 29.18
CA SER A 365 4.88 -5.19 29.73
C SER A 365 5.68 -5.63 30.96
N ASP A 366 6.81 -4.96 31.17
CA ASP A 366 7.57 -5.11 32.39
C ASP A 366 6.99 -4.21 33.48
N LYS A 367 7.47 -4.38 34.70
CA LYS A 367 6.92 -3.63 35.83
C LYS A 367 7.67 -2.33 36.08
N THR A 368 8.96 -2.42 36.40
CA THR A 368 9.76 -1.25 36.69
C THR A 368 10.70 -0.95 35.52
N GLY A 369 10.89 0.34 35.25
CA GLY A 369 11.63 0.78 34.09
C GLY A 369 10.81 0.96 32.84
N THR A 370 9.65 0.31 32.75
CA THR A 370 8.75 0.49 31.62
C THR A 370 7.41 1.07 32.07
N LEU A 371 6.74 0.45 33.03
CA LEU A 371 5.49 0.99 33.56
C LEU A 371 5.73 2.06 34.63
N THR A 372 6.81 1.95 35.40
CA THR A 372 7.16 2.93 36.41
C THR A 372 8.35 3.75 35.94
N GLN A 373 8.51 4.93 36.52
CA GLN A 373 9.55 5.87 36.09
C GLN A 373 10.95 5.39 36.39
N ASN A 374 11.11 4.33 37.20
CA ASN A 374 12.42 3.77 37.53
C ASN A 374 13.32 4.79 38.24
N ARG A 375 12.70 5.70 38.99
CA ARG A 375 13.42 6.67 39.82
C ARG A 375 12.83 6.53 41.22
N MET A 376 13.34 5.58 41.98
CA MET A 376 12.76 5.22 43.26
C MET A 376 13.53 5.86 44.42
N THR A 377 12.90 5.81 45.60
CA THR A 377 13.48 6.33 46.82
C THR A 377 12.93 5.52 47.98
N VAL A 378 13.76 5.31 48.99
CA VAL A 378 13.40 4.48 50.13
C VAL A 378 12.38 5.22 50.99
N ALA A 379 11.29 4.54 51.34
CA ALA A 379 10.21 5.13 52.13
C ALA A 379 9.91 4.40 53.41
N HIS A 380 9.93 3.06 53.40
CA HIS A 380 9.64 2.28 54.60
C HIS A 380 10.68 1.18 54.75
N MET A 381 11.05 0.91 56.01
CA MET A 381 11.93 -0.20 56.35
C MET A 381 11.18 -1.17 57.26
N TRP A 382 11.87 -2.22 57.67
CA TRP A 382 11.31 -3.17 58.63
C TRP A 382 12.44 -3.95 59.27
N PHE A 383 12.68 -3.74 60.56
CA PHE A 383 13.59 -4.58 61.32
C PHE A 383 13.12 -4.63 62.76
N ASP A 384 13.54 -5.68 63.46
CA ASP A 384 13.18 -5.90 64.87
C ASP A 384 11.67 -5.93 65.06
N ASN A 385 10.98 -6.54 64.10
CA ASN A 385 9.52 -6.66 64.13
C ASN A 385 8.86 -5.29 64.31
N GLN A 386 9.14 -4.40 63.37
CA GLN A 386 8.55 -3.06 63.40
C GLN A 386 8.76 -2.40 62.04
N ILE A 387 7.72 -1.71 61.58
CA ILE A 387 7.80 -0.92 60.35
C ILE A 387 8.29 0.47 60.71
N HIS A 388 9.40 0.89 60.09
CA HIS A 388 9.97 2.20 60.31
C HIS A 388 9.85 3.02 59.02
N GLU A 389 9.28 4.21 59.14
CA GLU A 389 9.20 5.12 58.00
C GLU A 389 10.56 5.77 57.77
N ALA A 390 10.91 5.96 56.49
CA ALA A 390 12.21 6.53 56.16
C ALA A 390 12.26 8.00 56.52
N ASP A 391 13.30 8.38 57.25
CA ASP A 391 13.53 9.78 57.60
C ASP A 391 14.37 10.41 56.50
N THR A 392 13.72 10.64 55.35
CA THR A 392 14.39 11.23 54.20
C THR A 392 14.45 12.75 54.39
N THR A 393 15.04 13.18 55.51
CA THR A 393 15.23 14.59 55.81
C THR A 393 16.64 14.79 56.36
N GLU A 394 17.25 15.91 55.96
CA GLU A 394 18.62 16.19 56.39
C GLU A 394 18.70 16.41 57.89
N ASP A 395 17.70 17.10 58.46
CA ASP A 395 17.69 17.44 59.88
C ASP A 395 16.97 16.41 60.73
N GLN A 396 16.53 15.29 60.15
CA GLN A 396 15.85 14.22 60.88
C GLN A 396 14.61 14.73 61.61
N SER A 397 13.78 15.49 60.90
CA SER A 397 12.54 16.01 61.47
C SER A 397 11.54 14.87 61.64
N GLY A 398 11.25 14.53 62.89
CA GLY A 398 10.26 13.50 63.17
C GLY A 398 10.76 12.42 64.11
N THR A 399 12.03 12.05 63.97
CA THR A 399 12.64 10.99 64.78
C THR A 399 11.81 9.71 64.72
N SER A 400 11.43 9.34 63.49
CA SER A 400 10.57 8.17 63.30
C SER A 400 11.27 6.89 63.74
N PHE A 401 12.55 6.74 63.42
CA PHE A 401 13.30 5.54 63.75
C PHE A 401 14.66 5.93 64.31
N ASP A 402 15.18 5.08 65.19
CA ASP A 402 16.50 5.26 65.75
C ASP A 402 17.57 5.07 64.69
N LYS A 403 18.61 5.89 64.74
CA LYS A 403 19.72 5.82 63.79
C LYS A 403 20.99 5.28 64.43
N SER A 404 20.89 4.69 65.62
CA SER A 404 22.07 4.22 66.34
C SER A 404 21.97 2.78 66.82
N SER A 405 20.84 2.10 66.57
CA SER A 405 20.71 0.72 67.00
C SER A 405 21.67 -0.18 66.22
N HIS A 406 22.06 -1.29 66.86
CA HIS A 406 22.99 -2.21 66.23
C HIS A 406 22.38 -2.87 64.98
N THR A 407 21.09 -3.20 65.04
CA THR A 407 20.43 -3.78 63.87
C THR A 407 20.42 -2.78 62.71
N TRP A 408 20.13 -1.52 63.00
CA TRP A 408 20.16 -0.50 61.94
C TRP A 408 21.58 -0.31 61.41
N VAL A 409 22.57 -0.40 62.28
CA VAL A 409 23.96 -0.28 61.84
C VAL A 409 24.32 -1.41 60.88
N ALA A 410 23.92 -2.64 61.22
CA ALA A 410 24.18 -3.78 60.34
C ALA A 410 23.44 -3.63 59.02
N LEU A 411 22.18 -3.16 59.07
CA LEU A 411 21.42 -2.97 57.85
C LEU A 411 22.06 -1.92 56.95
N SER A 412 22.53 -0.82 57.55
CA SER A 412 23.20 0.22 56.77
C SER A 412 24.49 -0.30 56.16
N HIS A 413 25.25 -1.10 56.92
CA HIS A 413 26.46 -1.71 56.38
C HIS A 413 26.14 -2.61 55.19
N ILE A 414 25.10 -3.43 55.32
CA ILE A 414 24.72 -4.33 54.23
C ILE A 414 24.30 -3.54 53.00
N ALA A 415 23.48 -2.51 53.20
CA ALA A 415 23.00 -1.70 52.08
C ALA A 415 24.13 -0.95 51.38
N GLY A 416 25.08 -0.38 52.13
CA GLY A 416 26.15 0.37 51.53
C GLY A 416 27.27 -0.46 50.94
N LEU A 417 27.47 -1.66 51.46
CA LEU A 417 28.57 -2.51 51.01
C LEU A 417 28.20 -3.40 49.82
N CYS A 418 26.96 -3.91 49.77
CA CYS A 418 26.59 -4.79 48.67
C CYS A 418 26.27 -4.02 47.40
N ASN A 419 26.09 -2.71 47.47
CA ASN A 419 25.75 -1.93 46.29
C ASN A 419 26.95 -1.82 45.35
N ARG A 420 26.66 -1.88 44.05
CA ARG A 420 27.65 -1.58 43.03
C ARG A 420 27.52 -0.15 42.50
N ALA A 421 26.62 0.64 43.08
CA ALA A 421 26.40 2.00 42.62
C ALA A 421 27.56 2.90 43.01
N VAL A 422 27.82 3.90 42.17
CA VAL A 422 28.91 4.86 42.36
C VAL A 422 28.44 6.22 41.90
N PHE A 423 28.82 7.26 42.63
CA PHE A 423 28.41 8.62 42.32
C PHE A 423 29.14 9.12 41.07
N LYS A 424 28.95 10.38 40.74
CA LYS A 424 29.60 11.00 39.60
C LYS A 424 30.66 11.99 40.07
N GLY A 425 31.51 12.42 39.14
CA GLY A 425 32.59 13.33 39.47
C GLY A 425 32.07 14.73 39.74
N GLY A 426 32.68 15.39 40.72
CA GLY A 426 32.30 16.75 41.07
C GLY A 426 30.88 16.88 41.57
N GLN A 427 30.40 15.89 42.33
CA GLN A 427 29.04 15.87 42.84
C GLN A 427 28.95 16.20 44.31
N ASP A 428 30.07 16.59 44.95
CA ASP A 428 30.05 16.93 46.36
C ASP A 428 29.33 18.24 46.66
N ASN A 429 29.00 19.02 45.64
CA ASN A 429 28.28 20.28 45.80
C ASN A 429 26.83 20.17 45.35
N ILE A 430 26.24 18.99 45.43
CA ILE A 430 24.87 18.74 44.99
C ILE A 430 24.13 18.00 46.09
N PRO A 431 22.84 18.28 46.31
CA PRO A 431 22.08 17.52 47.31
C PRO A 431 22.04 16.04 46.99
N VAL A 432 21.95 15.23 48.04
CA VAL A 432 22.01 13.78 47.90
C VAL A 432 20.89 13.28 47.01
N LEU A 433 19.68 13.81 47.20
CA LEU A 433 18.55 13.40 46.37
C LEU A 433 18.78 13.74 44.90
N LYS A 434 19.31 14.93 44.63
CA LYS A 434 19.54 15.37 43.26
C LYS A 434 20.86 14.85 42.69
N ARG A 435 21.68 14.18 43.49
CA ARG A 435 22.96 13.70 43.01
C ARG A 435 22.76 12.59 41.98
N ASP A 436 23.61 12.60 40.96
CA ASP A 436 23.55 11.60 39.90
C ASP A 436 24.31 10.35 40.36
N VAL A 437 23.71 9.20 40.14
CA VAL A 437 24.27 7.91 40.55
C VAL A 437 24.38 7.01 39.33
N ALA A 438 25.51 6.31 39.23
CA ALA A 438 25.70 5.31 38.19
C ALA A 438 25.28 3.94 38.71
N GLY A 439 24.69 3.13 37.84
CA GLY A 439 24.22 1.81 38.19
C GLY A 439 22.72 1.71 38.10
N ASP A 440 22.23 0.51 38.33
CA ASP A 440 20.80 0.23 38.25
C ASP A 440 20.05 1.00 39.35
N ALA A 441 18.75 1.21 39.10
CA ALA A 441 17.99 2.15 39.93
C ALA A 441 17.87 1.69 41.37
N SER A 442 17.76 0.37 41.59
CA SER A 442 17.60 -0.13 42.96
C SER A 442 18.83 0.20 43.81
N GLU A 443 20.01 -0.16 43.33
CA GLU A 443 21.23 0.12 44.09
C GLU A 443 21.48 1.62 44.16
N SER A 444 21.08 2.36 43.13
CA SER A 444 21.22 3.82 43.18
C SER A 444 20.39 4.42 44.31
N ALA A 445 19.12 4.02 44.42
CA ALA A 445 18.27 4.53 45.49
C ALA A 445 18.79 4.08 46.85
N LEU A 446 19.25 2.84 46.95
CA LEU A 446 19.81 2.36 48.21
C LEU A 446 21.02 3.18 48.63
N LEU A 447 21.92 3.46 47.68
CA LEU A 447 23.10 4.25 47.98
C LEU A 447 22.72 5.68 48.37
N LYS A 448 21.74 6.26 47.69
CA LYS A 448 21.30 7.61 48.06
C LYS A 448 20.73 7.63 49.48
N CYS A 449 19.91 6.63 49.82
CA CYS A 449 19.35 6.57 51.16
C CYS A 449 20.44 6.38 52.21
N ILE A 450 21.41 5.53 51.93
CA ILE A 450 22.51 5.33 52.87
C ILE A 450 23.32 6.60 53.05
N GLU A 451 23.61 7.30 51.95
CA GLU A 451 24.37 8.54 52.03
C GLU A 451 23.63 9.58 52.86
N LEU A 452 22.32 9.72 52.63
CA LEU A 452 21.55 10.70 53.39
C LEU A 452 21.44 10.30 54.86
N SER A 453 21.28 9.01 55.16
CA SER A 453 21.00 8.57 56.52
C SER A 453 22.29 8.25 57.29
N SER A 454 23.08 7.31 56.78
CA SER A 454 24.24 6.82 57.51
C SER A 454 25.43 7.78 57.43
N GLY A 455 25.94 8.03 56.23
CA GLY A 455 27.12 8.84 56.07
C GLY A 455 27.71 8.78 54.68
N SER A 456 29.01 8.53 54.58
CA SER A 456 29.71 8.45 53.31
C SER A 456 29.81 6.98 52.90
N VAL A 457 29.14 6.62 51.80
CA VAL A 457 29.17 5.23 51.34
C VAL A 457 30.54 4.89 50.77
N LYS A 458 31.14 5.80 50.00
CA LYS A 458 32.41 5.50 49.34
C LYS A 458 33.52 5.24 50.36
N LEU A 459 33.62 6.09 51.39
CA LEU A 459 34.63 5.88 52.42
C LEU A 459 34.34 4.61 53.22
N MET A 460 33.07 4.32 53.46
CA MET A 460 32.71 3.07 54.15
C MET A 460 33.16 1.85 53.35
N ARG A 461 32.95 1.88 52.03
CA ARG A 461 33.40 0.78 51.19
C ARG A 461 34.92 0.67 51.20
N GLU A 462 35.62 1.81 51.12
CA GLU A 462 37.08 1.77 51.14
C GLU A 462 37.61 1.32 52.49
N ARG A 463 36.81 1.45 53.55
CA ARG A 463 37.23 0.98 54.87
C ARG A 463 37.18 -0.54 54.95
N ASN A 464 36.10 -1.14 54.43
CA ASN A 464 35.91 -2.59 54.48
C ASN A 464 36.29 -3.16 53.12
N LYS A 465 37.46 -3.80 53.05
CA LYS A 465 37.96 -4.31 51.79
C LYS A 465 37.05 -5.38 51.24
N LYS A 466 36.76 -5.30 49.95
CA LYS A 466 35.89 -6.23 49.25
C LYS A 466 36.74 -7.30 48.58
N VAL A 467 36.43 -8.57 48.86
CA VAL A 467 37.30 -9.67 48.46
C VAL A 467 36.62 -10.56 47.42
N ALA A 468 35.29 -10.51 47.36
CA ALA A 468 34.56 -11.37 46.42
C ALA A 468 33.28 -10.68 45.99
N GLU A 469 32.86 -10.96 44.75
CA GLU A 469 31.65 -10.40 44.19
C GLU A 469 30.91 -11.46 43.38
N ILE A 470 29.63 -11.62 43.66
CA ILE A 470 28.73 -12.33 42.75
C ILE A 470 27.71 -11.30 42.28
N PRO A 471 27.76 -10.88 41.02
CA PRO A 471 26.87 -9.83 40.55
C PRO A 471 25.42 -10.28 40.53
N PHE A 472 24.51 -9.30 40.54
CA PHE A 472 23.10 -9.61 40.54
C PHE A 472 22.69 -10.32 39.25
N ASN A 473 21.73 -11.22 39.37
CA ASN A 473 21.21 -11.97 38.24
C ASN A 473 19.69 -11.97 38.28
N SER A 474 19.07 -11.85 37.11
CA SER A 474 17.63 -12.04 37.01
C SER A 474 17.22 -13.45 37.37
N THR A 475 18.00 -14.46 36.98
CA THR A 475 17.70 -15.83 37.36
C THR A 475 17.96 -16.08 38.85
N ASN A 476 19.05 -15.51 39.38
CA ASN A 476 19.36 -15.71 40.79
C ASN A 476 18.44 -14.90 41.69
N LYS A 477 18.12 -13.67 41.29
CA LYS A 477 17.30 -12.73 42.07
C LYS A 477 17.93 -12.39 43.41
N TYR A 478 19.25 -12.56 43.54
CA TYR A 478 19.95 -12.19 44.76
C TYR A 478 21.40 -11.90 44.42
N GLN A 479 21.99 -10.93 45.11
CA GLN A 479 23.35 -10.50 44.85
C GLN A 479 24.12 -10.51 46.17
N LEU A 480 25.37 -10.98 46.12
CA LEU A 480 26.16 -11.18 47.32
C LEU A 480 27.56 -10.63 47.13
N SER A 481 28.21 -10.35 48.26
CA SER A 481 29.62 -9.98 48.29
C SER A 481 30.16 -10.28 49.67
N ILE A 482 31.45 -10.56 49.73
CA ILE A 482 32.14 -10.84 50.99
C ILE A 482 33.12 -9.72 51.26
N HIS A 483 33.07 -9.18 52.47
CA HIS A 483 33.91 -8.06 52.86
C HIS A 483 34.64 -8.38 54.16
N GLU A 484 35.76 -7.69 54.38
CA GLU A 484 36.48 -7.79 55.63
C GLU A 484 35.88 -6.86 56.66
N THR A 485 36.27 -7.06 57.91
CA THR A 485 35.81 -6.23 59.02
C THR A 485 36.93 -5.30 59.45
N GLU A 486 36.61 -4.00 59.56
CA GLU A 486 37.63 -3.02 59.90
C GLU A 486 38.17 -3.23 61.31
N ASP A 487 37.31 -3.60 62.25
CA ASP A 487 37.75 -3.80 63.63
C ASP A 487 38.66 -5.02 63.71
N PRO A 488 39.86 -4.89 64.28
CA PRO A 488 40.76 -6.05 64.39
C PRO A 488 40.45 -6.96 65.57
N ASN A 489 39.42 -6.66 66.36
CA ASN A 489 39.07 -7.50 67.50
C ASN A 489 38.68 -8.90 67.04
N ASP A 490 37.87 -8.99 65.98
CA ASP A 490 37.47 -10.25 65.36
C ASP A 490 37.47 -10.01 63.86
N ASN A 491 38.59 -10.31 63.20
CA ASN A 491 38.72 -10.13 61.76
C ASN A 491 38.00 -11.27 61.05
N ARG A 492 36.67 -11.30 61.20
CA ARG A 492 35.82 -12.32 60.61
C ARG A 492 35.26 -11.81 59.30
N TYR A 493 35.31 -12.65 58.27
CA TYR A 493 34.78 -12.26 56.98
C TYR A 493 33.27 -12.10 57.04
N LEU A 494 32.75 -11.07 56.39
CA LEU A 494 31.32 -10.77 56.39
C LEU A 494 30.76 -11.04 55.00
N LEU A 495 29.86 -12.00 54.90
CA LEU A 495 29.16 -12.30 53.65
C LEU A 495 27.86 -11.50 53.67
N VAL A 496 27.75 -10.53 52.78
CA VAL A 496 26.58 -9.67 52.74
C VAL A 496 25.74 -10.01 51.52
N MET A 497 24.46 -10.29 51.76
CA MET A 497 23.54 -10.72 50.72
C MET A 497 22.43 -9.69 50.59
N LYS A 498 21.85 -9.58 49.40
CA LYS A 498 20.62 -8.83 49.21
C LYS A 498 19.94 -9.34 47.95
N GLY A 499 18.63 -9.13 47.88
CA GLY A 499 17.86 -9.60 46.75
C GLY A 499 16.39 -9.78 47.05
N ALA A 500 15.76 -10.71 46.34
CA ALA A 500 14.33 -10.96 46.55
C ALA A 500 14.09 -11.47 47.97
N PRO A 501 13.11 -10.91 48.69
CA PRO A 501 12.91 -11.32 50.09
C PRO A 501 12.59 -12.79 50.27
N GLU A 502 11.85 -13.40 49.34
CA GLU A 502 11.52 -14.81 49.49
C GLU A 502 12.77 -15.69 49.42
N ARG A 503 13.67 -15.37 48.48
CA ARG A 503 14.92 -16.11 48.39
C ARG A 503 15.78 -15.89 49.62
N ILE A 504 15.79 -14.66 50.14
CA ILE A 504 16.55 -14.36 51.35
C ILE A 504 16.04 -15.18 52.52
N LEU A 505 14.72 -15.24 52.69
CA LEU A 505 14.14 -16.03 53.77
C LEU A 505 14.44 -17.51 53.58
N ASP A 506 14.38 -18.00 52.34
CA ASP A 506 14.70 -19.40 52.09
C ASP A 506 16.15 -19.70 52.49
N ARG A 507 17.07 -18.80 52.15
CA ARG A 507 18.48 -19.03 52.48
C ARG A 507 18.78 -18.81 53.95
N CYS A 508 18.23 -17.77 54.56
CA CYS A 508 18.56 -17.42 55.93
C CYS A 508 17.80 -18.28 56.92
N SER A 509 18.31 -18.34 58.15
CA SER A 509 17.72 -19.13 59.21
C SER A 509 17.51 -18.37 60.52
N THR A 510 18.27 -17.32 60.79
CA THR A 510 18.12 -16.53 61.99
C THR A 510 17.82 -15.07 61.63
N ILE A 511 17.40 -14.30 62.61
CA ILE A 511 17.04 -12.90 62.42
C ILE A 511 17.58 -12.08 63.58
N LEU A 512 18.16 -10.93 63.26
CA LEU A 512 18.70 -10.03 64.27
C LEU A 512 17.57 -9.25 64.93
N LEU A 513 17.41 -9.46 66.24
CA LEU A 513 16.40 -8.75 67.03
C LEU A 513 17.13 -7.83 68.01
N GLN A 514 17.13 -6.54 67.70
CA GLN A 514 17.74 -5.51 68.56
C GLN A 514 19.18 -5.86 68.91
N GLY A 515 19.95 -6.29 67.90
CA GLY A 515 21.34 -6.65 68.08
C GLY A 515 21.60 -8.07 68.49
N LYS A 516 20.55 -8.86 68.76
CA LYS A 516 20.71 -10.24 69.18
C LYS A 516 20.69 -11.15 67.94
N GLU A 517 20.59 -12.46 68.17
CA GLU A 517 20.57 -13.44 67.10
C GLU A 517 19.67 -14.60 67.54
N GLN A 518 18.51 -14.71 66.92
CA GLN A 518 17.53 -15.73 67.25
C GLN A 518 17.02 -16.43 66.01
N PRO A 519 16.62 -17.69 66.11
CA PRO A 519 16.18 -18.43 64.93
C PRO A 519 14.85 -17.91 64.41
N LEU A 520 14.54 -18.32 63.18
CA LEU A 520 13.30 -17.91 62.52
C LEU A 520 12.14 -18.75 63.04
N ASP A 521 11.33 -18.17 63.91
CA ASP A 521 10.16 -18.85 64.44
C ASP A 521 8.99 -18.73 63.46
N GLU A 522 7.98 -19.58 63.68
CA GLU A 522 6.78 -19.51 62.86
C GLU A 522 6.05 -18.19 63.06
N GLU A 523 5.98 -17.70 64.30
CA GLU A 523 5.39 -16.40 64.55
C GLU A 523 6.23 -15.28 63.94
N MET A 524 7.55 -15.43 63.99
CA MET A 524 8.43 -14.46 63.34
C MET A 524 8.21 -14.45 61.83
N LYS A 525 8.10 -15.64 61.23
CA LYS A 525 7.82 -15.73 59.79
C LYS A 525 6.48 -15.09 59.46
N GLU A 526 5.46 -15.34 60.28
CA GLU A 526 4.14 -14.78 60.00
C GLU A 526 4.13 -13.26 60.15
N ALA A 527 4.84 -12.74 61.15
CA ALA A 527 4.94 -11.29 61.30
C ALA A 527 5.68 -10.66 60.13
N PHE A 528 6.77 -11.29 59.70
CA PHE A 528 7.47 -10.81 58.51
C PHE A 528 6.56 -10.83 57.29
N GLN A 529 5.77 -11.89 57.16
CA GLN A 529 4.83 -11.96 56.04
C GLN A 529 3.85 -10.80 56.10
N ASN A 530 3.18 -10.62 57.24
CA ASN A 530 2.19 -9.55 57.37
C ASN A 530 2.81 -8.19 57.05
N ALA A 531 4.03 -7.95 57.52
CA ALA A 531 4.72 -6.72 57.15
C ALA A 531 4.93 -6.62 55.64
N TYR A 532 5.25 -7.76 55.00
CA TYR A 532 5.50 -7.75 53.57
C TYR A 532 4.22 -7.46 52.77
N LEU A 533 3.10 -8.09 53.14
CA LEU A 533 1.82 -7.74 52.51
C LEU A 533 1.43 -6.29 52.78
N GLU A 534 1.68 -5.77 53.99
CA GLU A 534 1.36 -4.36 54.23
C GLU A 534 2.19 -3.46 53.33
N LEU A 535 3.49 -3.74 53.19
CA LEU A 535 4.33 -2.93 52.33
C LEU A 535 3.93 -3.05 50.86
N GLY A 536 3.61 -4.26 50.41
CA GLY A 536 3.15 -4.46 49.04
C GLY A 536 1.84 -3.76 48.74
N GLY A 537 0.95 -3.66 49.73
CA GLY A 537 -0.30 -2.94 49.54
C GLY A 537 -0.12 -1.49 49.14
N LEU A 538 1.03 -0.90 49.45
CA LEU A 538 1.36 0.45 49.02
C LEU A 538 1.95 0.49 47.62
N GLY A 539 2.14 -0.66 46.98
CA GLY A 539 2.71 -0.71 45.65
C GLY A 539 4.15 -0.25 45.59
N GLU A 540 4.97 -0.70 46.54
CA GLU A 540 6.37 -0.30 46.62
C GLU A 540 7.28 -1.53 46.54
N ARG A 541 8.37 -1.39 45.80
CA ARG A 541 9.33 -2.49 45.65
C ARG A 541 10.08 -2.70 46.96
N VAL A 542 10.18 -3.96 47.38
CA VAL A 542 10.80 -4.32 48.66
C VAL A 542 11.87 -5.35 48.41
N LEU A 543 13.06 -5.12 48.97
CA LEU A 543 14.17 -6.04 48.89
C LEU A 543 14.30 -6.82 50.20
N GLY A 544 15.21 -7.79 50.23
CA GLY A 544 15.48 -8.55 51.44
C GLY A 544 16.96 -8.57 51.77
N PHE A 545 17.32 -8.22 53.00
CA PHE A 545 18.71 -8.05 53.39
C PHE A 545 19.09 -9.08 54.44
N CYS A 546 20.26 -9.69 54.27
CA CYS A 546 20.76 -10.67 55.21
C CYS A 546 22.27 -10.74 55.09
N HIS A 547 22.91 -11.26 56.14
CA HIS A 547 24.36 -11.41 56.15
C HIS A 547 24.73 -12.63 56.99
N TYR A 548 26.03 -12.84 57.14
CA TYR A 548 26.55 -13.98 57.89
C TYR A 548 28.03 -13.76 58.17
N TYR A 549 28.43 -13.95 59.42
CA TYR A 549 29.83 -13.82 59.83
C TYR A 549 30.52 -15.16 59.63
N LEU A 550 31.51 -15.19 58.74
CA LEU A 550 32.22 -16.43 58.47
C LEU A 550 33.15 -16.77 59.63
N PRO A 551 33.20 -18.04 60.04
CA PRO A 551 34.06 -18.42 61.16
C PRO A 551 35.53 -18.35 60.80
N GLU A 552 36.37 -18.16 61.82
CA GLU A 552 37.81 -18.09 61.59
C GLU A 552 38.46 -19.47 61.51
N GLU A 553 37.95 -20.44 62.26
CA GLU A 553 38.60 -21.75 62.32
C GLU A 553 38.46 -22.50 60.99
N GLN A 554 37.45 -22.18 60.20
CA GLN A 554 37.26 -22.87 58.93
C GLN A 554 37.60 -21.95 57.76
N PHE A 555 37.29 -20.66 57.89
CA PHE A 555 37.69 -19.68 56.90
C PHE A 555 38.89 -18.91 57.41
N PRO A 556 40.08 -19.13 56.87
CA PRO A 556 41.27 -18.40 57.33
C PRO A 556 41.34 -17.03 56.65
N LYS A 557 42.32 -16.24 57.09
CA LYS A 557 42.52 -14.91 56.49
C LYS A 557 42.91 -15.02 55.03
N GLY A 558 43.80 -15.96 54.70
CA GLY A 558 44.25 -16.13 53.33
C GLY A 558 43.49 -17.19 52.56
N PHE A 559 42.17 -17.05 52.50
CA PHE A 559 41.34 -18.00 51.76
C PHE A 559 41.16 -17.52 50.32
N ALA A 560 40.94 -18.49 49.42
CA ALA A 560 40.73 -18.21 48.00
C ALA A 560 39.29 -18.55 47.64
N PHE A 561 38.52 -17.53 47.28
CA PHE A 561 37.15 -17.71 46.84
C PHE A 561 37.09 -17.89 45.33
N ASP A 562 35.92 -18.30 44.84
CA ASP A 562 35.71 -18.48 43.42
C ASP A 562 34.35 -17.91 43.02
N CYS A 563 34.29 -17.38 41.80
CA CYS A 563 33.03 -16.89 41.24
C CYS A 563 32.26 -17.97 40.48
N ASP A 564 32.84 -19.16 40.34
CA ASP A 564 32.19 -20.27 39.67
C ASP A 564 32.01 -21.50 40.56
N ASP A 565 32.97 -21.78 41.44
CA ASP A 565 32.84 -22.86 42.41
C ASP A 565 32.35 -22.26 43.73
N VAL A 566 31.13 -22.59 44.11
CA VAL A 566 30.51 -22.01 45.30
C VAL A 566 30.97 -22.76 46.53
N ASN A 567 32.08 -22.31 47.13
CA ASN A 567 32.59 -22.89 48.37
C ASN A 567 32.16 -22.10 49.60
N PHE A 568 31.33 -21.08 49.43
CA PHE A 568 30.83 -20.31 50.55
C PHE A 568 29.79 -21.13 51.31
N THR A 569 29.40 -20.62 52.48
CA THR A 569 28.28 -21.19 53.24
C THR A 569 27.06 -20.32 52.96
N THR A 570 26.50 -20.49 51.76
CA THR A 570 25.35 -19.70 51.33
C THR A 570 24.04 -20.31 51.84
N ASP A 571 24.02 -20.61 53.14
CA ASP A 571 22.89 -21.21 53.81
C ASP A 571 22.90 -20.75 55.27
N ASN A 572 21.77 -20.96 55.94
CA ASN A 572 21.58 -20.63 57.36
C ASN A 572 22.16 -19.26 57.72
N LEU A 573 21.95 -18.29 56.85
CA LEU A 573 22.39 -16.92 57.10
C LEU A 573 21.44 -16.25 58.09
N CYS A 574 21.80 -15.02 58.50
CA CYS A 574 21.03 -14.27 59.48
C CYS A 574 20.27 -13.16 58.76
N PHE A 575 18.95 -13.10 59.01
CA PHE A 575 18.13 -12.07 58.41
C PHE A 575 18.25 -10.76 59.17
N VAL A 576 18.07 -9.65 58.45
CA VAL A 576 18.21 -8.32 59.01
C VAL A 576 16.93 -7.50 58.84
N GLY A 577 16.51 -7.26 57.61
CA GLY A 577 15.31 -6.49 57.37
C GLY A 577 15.13 -6.15 55.92
N LEU A 578 13.97 -5.55 55.63
CA LEU A 578 13.59 -5.17 54.28
C LEU A 578 13.79 -3.67 54.06
N MET A 579 13.67 -3.25 52.80
CA MET A 579 13.89 -1.87 52.39
C MET A 579 12.90 -1.55 51.28
N SER A 580 11.76 -0.96 51.65
CA SER A 580 10.77 -0.59 50.65
C SER A 580 11.21 0.65 49.89
N MET A 581 10.73 0.75 48.63
CA MET A 581 11.11 1.84 47.75
C MET A 581 9.89 2.30 46.97
N ILE A 582 9.70 3.62 46.91
CA ILE A 582 8.57 4.19 46.17
C ILE A 582 8.79 4.00 44.68
N ASP A 583 7.86 3.33 44.01
CA ASP A 583 7.91 3.11 42.57
C ASP A 583 6.74 3.86 41.94
N PRO A 584 6.98 5.05 41.42
CA PRO A 584 5.90 5.85 40.85
C PRO A 584 5.67 5.49 39.40
N PRO A 585 4.44 5.16 39.03
CA PRO A 585 4.13 4.95 37.61
C PRO A 585 4.25 6.25 36.84
N ARG A 586 4.55 6.11 35.55
CA ARG A 586 4.64 7.28 34.68
C ARG A 586 3.28 7.94 34.55
N ALA A 587 3.30 9.24 34.22
CA ALA A 587 2.06 10.00 34.12
C ALA A 587 1.18 9.48 32.99
N ALA A 588 1.79 9.09 31.88
CA ALA A 588 1.04 8.69 30.68
C ALA A 588 0.63 7.23 30.70
N VAL A 589 1.15 6.43 31.63
CA VAL A 589 0.90 4.99 31.66
C VAL A 589 -0.59 4.67 31.85
N PRO A 590 -1.29 5.25 32.83
CA PRO A 590 -2.72 4.89 32.98
C PRO A 590 -3.56 5.21 31.76
N ASP A 591 -3.37 6.40 31.17
CA ASP A 591 -4.13 6.76 29.99
C ASP A 591 -3.77 5.85 28.80
N ALA A 592 -2.48 5.53 28.65
CA ALA A 592 -2.06 4.66 27.56
C ALA A 592 -2.67 3.27 27.71
N VAL A 593 -2.67 2.73 28.93
CA VAL A 593 -3.27 1.42 29.16
C VAL A 593 -4.77 1.45 28.90
N GLY A 594 -5.45 2.51 29.35
CA GLY A 594 -6.87 2.62 29.10
C GLY A 594 -7.20 2.67 27.62
N LYS A 595 -6.42 3.46 26.86
CA LYS A 595 -6.63 3.53 25.42
C LYS A 595 -6.33 2.20 24.75
N CYS A 596 -5.22 1.55 25.11
CA CYS A 596 -4.84 0.30 24.48
C CYS A 596 -5.83 -0.82 24.74
N ARG A 597 -6.34 -0.93 25.97
CA ARG A 597 -7.34 -1.96 26.27
C ARG A 597 -8.65 -1.68 25.54
N SER A 598 -9.01 -0.40 25.38
CA SER A 598 -10.20 -0.05 24.62
C SER A 598 -10.08 -0.40 23.15
N ALA A 599 -8.86 -0.61 22.66
CA ALA A 599 -8.62 -1.00 21.28
C ALA A 599 -8.65 -2.50 21.07
N GLY A 600 -9.18 -3.25 22.04
CA GLY A 600 -9.23 -4.69 21.91
C GLY A 600 -7.91 -5.40 22.12
N ILE A 601 -6.91 -4.70 22.65
CA ILE A 601 -5.59 -5.27 22.89
C ILE A 601 -5.50 -5.67 24.35
N LYS A 602 -5.33 -6.97 24.58
CA LYS A 602 -5.09 -7.46 25.94
C LYS A 602 -3.70 -7.05 26.40
N VAL A 603 -3.61 -6.65 27.65
CA VAL A 603 -2.33 -6.23 28.24
C VAL A 603 -1.99 -7.18 29.37
N ILE A 604 -0.82 -7.80 29.28
CA ILE A 604 -0.31 -8.71 30.31
C ILE A 604 0.93 -8.07 30.91
N MET A 605 0.99 -8.02 32.24
CA MET A 605 2.11 -7.42 32.94
C MET A 605 2.99 -8.54 33.49
N VAL A 606 4.01 -8.91 32.72
CA VAL A 606 4.95 -9.94 33.13
C VAL A 606 6.17 -9.29 33.76
N THR A 607 6.53 -9.74 34.95
CA THR A 607 7.61 -9.10 35.70
C THR A 607 8.30 -10.12 36.59
N GLY A 608 9.41 -9.70 37.17
CA GLY A 608 10.15 -10.49 38.12
C GLY A 608 9.93 -10.12 39.57
N ASP A 609 9.06 -9.16 39.86
CA ASP A 609 8.83 -8.73 41.23
C ASP A 609 7.82 -9.66 41.92
N HIS A 610 7.49 -9.33 43.16
CA HIS A 610 6.62 -10.19 43.95
C HIS A 610 5.17 -10.04 43.50
N PRO A 611 4.35 -11.09 43.66
CA PRO A 611 2.95 -11.00 43.23
C PRO A 611 2.16 -9.86 43.88
N ILE A 612 2.41 -9.54 45.15
CA ILE A 612 1.64 -8.47 45.79
C ILE A 612 2.00 -7.12 45.21
N THR A 613 3.30 -6.86 45.05
CA THR A 613 3.74 -5.60 44.45
C THR A 613 3.28 -5.50 43.00
N ALA A 614 3.37 -6.60 42.26
CA ALA A 614 2.91 -6.60 40.88
C ALA A 614 1.41 -6.33 40.80
N LYS A 615 0.63 -6.94 41.67
CA LYS A 615 -0.81 -6.70 41.68
C LYS A 615 -1.14 -5.26 42.03
N ALA A 616 -0.44 -4.69 43.03
CA ALA A 616 -0.68 -3.31 43.40
C ALA A 616 -0.32 -2.36 42.27
N ILE A 617 0.80 -2.61 41.59
CA ILE A 617 1.21 -1.77 40.46
C ILE A 617 0.21 -1.89 39.32
N ALA A 618 -0.26 -3.11 39.05
CA ALA A 618 -1.24 -3.31 37.98
C ALA A 618 -2.54 -2.58 38.29
N LYS A 619 -2.99 -2.64 39.55
CA LYS A 619 -4.19 -1.90 39.94
C LYS A 619 -3.97 -0.39 39.80
N GLY A 620 -2.78 0.10 40.19
CA GLY A 620 -2.52 1.52 40.08
C GLY A 620 -2.48 2.00 38.64
N VAL A 621 -1.92 1.20 37.73
CA VAL A 621 -1.79 1.60 36.34
C VAL A 621 -2.94 1.11 35.48
N GLY A 622 -3.86 0.30 36.02
CA GLY A 622 -5.07 -0.06 35.34
C GLY A 622 -5.08 -1.40 34.62
N ILE A 623 -4.05 -2.23 34.79
CA ILE A 623 -4.07 -3.56 34.20
C ILE A 623 -5.22 -4.38 34.78
N ILE A 624 -5.39 -4.31 36.10
CA ILE A 624 -6.51 -4.94 36.79
C ILE A 624 -7.49 -3.82 37.14
N SER A 625 -8.51 -3.65 36.32
CA SER A 625 -9.48 -2.59 36.56
C SER A 625 -10.25 -2.83 37.85
N GLU A 626 -10.68 -1.74 38.48
CA GLU A 626 -11.38 -1.84 39.76
C GLU A 626 -12.66 -2.65 39.59
N GLY A 627 -12.89 -3.59 40.51
CA GLY A 627 -14.01 -4.50 40.43
C GLY A 627 -13.65 -5.88 39.92
N ASN A 628 -12.54 -6.01 39.20
CA ASN A 628 -12.03 -7.31 38.77
C ASN A 628 -11.28 -7.95 39.92
N GLU A 629 -11.42 -9.26 40.07
CA GLU A 629 -11.11 -9.89 41.33
C GLU A 629 -10.51 -11.26 41.09
N THR A 630 -9.45 -11.58 41.84
CA THR A 630 -8.67 -12.79 41.64
C THR A 630 -9.14 -13.91 42.58
N VAL A 631 -8.55 -15.10 42.39
CA VAL A 631 -8.95 -16.27 43.17
C VAL A 631 -8.66 -16.06 44.65
N GLU A 632 -7.46 -15.57 44.97
CA GLU A 632 -7.11 -15.32 46.36
C GLU A 632 -8.04 -14.29 46.98
N ASP A 633 -8.47 -13.29 46.19
CA ASP A 633 -9.42 -12.31 46.71
C ASP A 633 -10.78 -12.96 46.99
N ILE A 634 -11.20 -13.91 46.14
CA ILE A 634 -12.44 -14.63 46.42
C ILE A 634 -12.33 -15.41 47.72
N ALA A 635 -11.19 -16.10 47.90
CA ALA A 635 -10.98 -16.86 49.13
C ALA A 635 -10.98 -15.95 50.35
N ALA A 636 -10.32 -14.78 50.26
CA ALA A 636 -10.28 -13.85 51.38
C ALA A 636 -11.66 -13.29 51.69
N ARG A 637 -12.43 -12.93 50.66
CA ARG A 637 -13.74 -12.32 50.87
C ARG A 637 -14.73 -13.32 51.46
N LEU A 638 -14.72 -14.55 50.96
CA LEU A 638 -15.68 -15.55 51.40
C LEU A 638 -15.16 -16.42 52.54
N ASN A 639 -13.92 -16.20 52.99
CA ASN A 639 -13.33 -16.97 54.09
C ASN A 639 -13.40 -18.48 53.81
N ILE A 640 -12.99 -18.86 52.61
CA ILE A 640 -13.07 -20.25 52.16
C ILE A 640 -11.71 -20.65 51.59
N PRO A 641 -11.28 -21.90 51.77
CA PRO A 641 -9.99 -22.32 51.19
C PRO A 641 -9.97 -22.16 49.68
N VAL A 642 -8.79 -21.83 49.15
CA VAL A 642 -8.64 -21.56 47.73
C VAL A 642 -8.99 -22.78 46.89
N SER A 643 -8.64 -23.97 47.37
CA SER A 643 -8.96 -25.19 46.63
C SER A 643 -10.46 -25.39 46.51
N GLN A 644 -11.21 -24.97 47.52
CA GLN A 644 -12.67 -25.05 47.44
C GLN A 644 -13.25 -23.99 46.52
N VAL A 645 -12.42 -23.06 46.05
CA VAL A 645 -12.91 -21.97 45.21
C VAL A 645 -12.81 -22.39 43.75
N ASN A 646 -13.92 -22.27 43.03
CA ASN A 646 -13.90 -22.58 41.61
C ASN A 646 -13.13 -21.50 40.86
N PRO A 647 -12.11 -21.86 40.08
CA PRO A 647 -11.31 -20.88 39.32
C PRO A 647 -12.01 -20.39 38.05
N ARG A 648 -13.29 -20.05 38.18
CA ARG A 648 -14.06 -19.57 37.04
C ARG A 648 -14.72 -18.23 37.37
N ASP A 649 -14.92 -17.96 38.66
CA ASP A 649 -15.52 -16.70 39.08
C ASP A 649 -14.51 -15.57 39.11
N ALA A 650 -13.22 -15.85 38.93
CA ALA A 650 -12.16 -14.85 38.98
C ALA A 650 -11.64 -14.57 37.58
N LYS A 651 -11.51 -13.29 37.25
CA LYS A 651 -11.02 -12.90 35.94
C LYS A 651 -9.51 -12.63 35.94
N ALA A 652 -9.03 -11.85 36.91
CA ALA A 652 -7.61 -11.54 36.99
C ALA A 652 -6.86 -12.65 37.73
N CYS A 653 -5.58 -12.80 37.40
CA CYS A 653 -4.75 -13.83 37.99
C CYS A 653 -3.34 -13.30 38.16
N VAL A 654 -2.71 -13.67 39.28
CA VAL A 654 -1.43 -13.11 39.69
C VAL A 654 -0.43 -14.26 39.82
N ILE A 655 -0.51 -15.23 38.91
CA ILE A 655 0.27 -16.46 38.94
C ILE A 655 1.72 -16.21 39.33
N HIS A 656 2.23 -16.99 40.27
CA HIS A 656 3.62 -16.88 40.70
C HIS A 656 4.56 -17.34 39.58
N GLY A 657 5.85 -17.26 39.85
CA GLY A 657 6.85 -17.64 38.87
C GLY A 657 7.40 -19.05 39.07
N THR A 658 7.62 -19.44 40.32
CA THR A 658 8.11 -20.79 40.58
C THR A 658 7.06 -21.84 40.22
N ASP A 659 5.78 -21.49 40.33
CA ASP A 659 4.72 -22.39 39.87
C ASP A 659 4.73 -22.56 38.35
N LEU A 660 5.22 -21.56 37.62
CA LEU A 660 5.26 -21.66 36.17
C LEU A 660 6.19 -22.76 35.71
N LYS A 661 7.21 -23.10 36.51
CA LYS A 661 8.09 -24.21 36.17
C LYS A 661 7.34 -25.53 36.11
N ASP A 662 6.31 -25.70 36.92
CA ASP A 662 5.51 -26.93 36.94
C ASP A 662 4.38 -26.91 35.91
N PHE A 663 4.01 -25.73 35.40
CA PHE A 663 2.95 -25.64 34.41
C PHE A 663 3.44 -26.14 33.06
N THR A 664 2.54 -26.74 32.30
CA THR A 664 2.82 -27.22 30.96
C THR A 664 2.21 -26.26 29.93
N SER A 665 2.42 -26.57 28.65
CA SER A 665 1.90 -25.72 27.59
C SER A 665 0.38 -25.66 27.61
N GLU A 666 -0.27 -26.79 27.84
CA GLU A 666 -1.73 -26.81 27.90
C GLU A 666 -2.24 -25.99 29.08
N GLN A 667 -1.59 -26.10 30.24
CA GLN A 667 -1.98 -25.30 31.39
C GLN A 667 -1.79 -23.80 31.11
N ILE A 668 -0.70 -23.44 30.45
CA ILE A 668 -0.46 -22.04 30.14
C ILE A 668 -1.52 -21.52 29.17
N ASP A 669 -1.88 -22.33 28.17
CA ASP A 669 -2.94 -21.94 27.25
C ASP A 669 -4.27 -21.79 27.98
N GLU A 670 -4.55 -22.69 28.92
CA GLU A 670 -5.77 -22.57 29.71
C GLU A 670 -5.78 -21.28 30.53
N ILE A 671 -4.63 -20.92 31.10
CA ILE A 671 -4.52 -19.66 31.85
C ILE A 671 -4.78 -18.48 30.93
N LEU A 672 -4.15 -18.48 29.74
CA LEU A 672 -4.29 -17.36 28.82
C LEU A 672 -5.69 -17.27 28.23
N GLN A 673 -6.44 -18.37 28.17
CA GLN A 673 -7.78 -18.35 27.63
C GLN A 673 -8.83 -17.99 28.69
N ASN A 674 -8.77 -18.64 29.85
CA ASN A 674 -9.78 -18.45 30.89
C ASN A 674 -9.75 -17.07 31.52
N HIS A 675 -8.60 -16.40 31.50
CA HIS A 675 -8.45 -15.11 32.19
C HIS A 675 -8.27 -14.01 31.16
N THR A 676 -8.83 -12.83 31.48
CA THR A 676 -8.76 -11.68 30.59
C THR A 676 -7.69 -10.66 30.99
N GLU A 677 -7.38 -10.55 32.28
CA GLU A 677 -6.37 -9.59 32.77
C GLU A 677 -5.35 -10.39 33.58
N ILE A 678 -4.35 -10.91 32.90
CA ILE A 678 -3.35 -11.79 33.49
C ILE A 678 -2.16 -10.94 33.94
N VAL A 679 -1.65 -11.22 35.14
CA VAL A 679 -0.51 -10.52 35.69
C VAL A 679 0.47 -11.58 36.21
N PHE A 680 1.46 -11.93 35.39
CA PHE A 680 2.53 -12.80 35.85
C PHE A 680 3.48 -12.03 36.77
N ALA A 681 4.14 -12.77 37.66
CA ALA A 681 5.07 -12.15 38.59
C ALA A 681 6.16 -13.14 38.94
N ARG A 682 7.30 -12.59 39.41
CA ARG A 682 8.44 -13.38 39.84
C ARG A 682 8.93 -14.31 38.73
N THR A 683 9.13 -13.74 37.54
CA THR A 683 9.43 -14.50 36.33
C THR A 683 10.89 -14.28 35.94
N SER A 684 11.59 -15.37 35.67
CA SER A 684 12.92 -15.34 35.09
C SER A 684 12.83 -15.10 33.58
N PRO A 685 13.91 -14.60 32.96
CA PRO A 685 13.86 -14.34 31.51
C PRO A 685 13.45 -15.54 30.68
N GLN A 686 13.89 -16.74 31.03
CA GLN A 686 13.44 -17.92 30.31
C GLN A 686 11.93 -18.10 30.43
N GLN A 687 11.38 -17.85 31.62
CA GLN A 687 9.93 -17.90 31.78
C GLN A 687 9.24 -16.79 31.00
N LYS A 688 9.88 -15.63 30.86
CA LYS A 688 9.31 -14.59 30.01
C LYS A 688 9.23 -15.03 28.56
N LEU A 689 10.29 -15.68 28.07
CA LEU A 689 10.26 -16.23 26.71
C LEU A 689 9.18 -17.30 26.58
N ILE A 690 9.02 -18.15 27.61
CA ILE A 690 8.02 -19.19 27.58
C ILE A 690 6.61 -18.58 27.51
N ILE A 691 6.37 -17.53 28.30
CA ILE A 691 5.08 -16.86 28.28
C ILE A 691 4.82 -16.23 26.92
N VAL A 692 5.84 -15.59 26.34
CA VAL A 692 5.67 -14.96 25.03
C VAL A 692 5.34 -16.01 23.98
N GLU A 693 6.06 -17.14 23.98
CA GLU A 693 5.77 -18.20 23.03
C GLU A 693 4.38 -18.78 23.23
N GLY A 694 3.98 -18.97 24.48
CA GLY A 694 2.63 -19.45 24.75
C GLY A 694 1.56 -18.52 24.22
N CYS A 695 1.77 -17.21 24.40
CA CYS A 695 0.82 -16.24 23.84
C CYS A 695 0.85 -16.25 22.32
N GLN A 696 2.02 -16.47 21.73
CA GLN A 696 2.13 -16.63 20.28
C GLN A 696 1.37 -17.84 19.75
N ARG A 697 1.32 -18.91 20.53
CA ARG A 697 0.72 -20.17 20.09
C ARG A 697 -0.77 -20.06 19.78
N GLN A 698 -1.45 -19.00 20.21
CA GLN A 698 -2.85 -18.77 19.89
C GLN A 698 -3.03 -18.05 18.56
N GLY A 699 -1.95 -17.80 17.81
CA GLY A 699 -2.05 -17.05 16.58
C GLY A 699 -2.18 -15.57 16.79
N ALA A 700 -2.05 -15.07 18.02
CA ALA A 700 -2.24 -13.67 18.33
C ALA A 700 -0.90 -12.95 18.30
N ILE A 701 -0.86 -11.82 17.58
CA ILE A 701 0.35 -11.01 17.54
C ILE A 701 0.59 -10.41 18.93
N VAL A 702 1.80 -10.59 19.44
CA VAL A 702 2.16 -10.16 20.79
C VAL A 702 3.35 -9.22 20.70
N ALA A 703 3.26 -8.08 21.40
CA ALA A 703 4.34 -7.12 21.50
C ALA A 703 4.83 -7.07 22.93
N VAL A 704 6.16 -7.06 23.10
CA VAL A 704 6.78 -7.05 24.41
C VAL A 704 7.62 -5.79 24.55
N THR A 705 7.46 -5.10 25.68
CA THR A 705 8.25 -3.91 25.99
C THR A 705 9.06 -4.15 27.24
N GLY A 706 10.32 -3.73 27.22
CA GLY A 706 11.21 -3.93 28.35
C GLY A 706 12.41 -3.02 28.24
N ASP A 707 13.19 -2.99 29.33
CA ASP A 707 14.35 -2.12 29.40
C ASP A 707 15.62 -2.87 29.80
N GLY A 708 15.51 -3.86 30.68
CA GLY A 708 16.68 -4.55 31.18
C GLY A 708 17.14 -5.68 30.26
N VAL A 709 18.26 -6.29 30.65
CA VAL A 709 18.76 -7.45 29.91
C VAL A 709 17.81 -8.63 30.04
N ASN A 710 17.05 -8.68 31.14
CA ASN A 710 16.15 -9.80 31.37
C ASN A 710 15.04 -9.90 30.33
N ASP A 711 14.68 -8.80 29.69
CA ASP A 711 13.66 -8.81 28.66
C ASP A 711 14.21 -8.99 27.26
N SER A 712 15.53 -9.18 27.12
CA SER A 712 16.13 -9.38 25.80
C SER A 712 15.57 -10.60 25.07
N PRO A 713 15.47 -11.79 25.67
CA PRO A 713 14.90 -12.93 24.94
C PRO A 713 13.47 -12.68 24.48
N ALA A 714 12.65 -12.03 25.31
CA ALA A 714 11.27 -11.76 24.92
C ALA A 714 11.21 -10.83 23.71
N LEU A 715 12.06 -9.80 23.69
CA LEU A 715 12.12 -8.93 22.53
C LEU A 715 12.61 -9.69 21.30
N LYS A 716 13.60 -10.56 21.47
CA LYS A 716 14.10 -11.35 20.36
C LYS A 716 13.08 -12.33 19.80
N LYS A 717 12.11 -12.76 20.62
CA LYS A 717 11.09 -13.70 20.17
C LYS A 717 9.79 -13.04 19.75
N ALA A 718 9.36 -11.99 20.43
CA ALA A 718 8.08 -11.36 20.12
C ALA A 718 8.07 -10.83 18.69
N ASP A 719 6.86 -10.73 18.13
CA ASP A 719 6.72 -10.28 16.75
C ASP A 719 7.27 -8.87 16.58
N ILE A 720 6.99 -7.98 17.52
CA ILE A 720 7.62 -6.66 17.58
C ILE A 720 8.02 -6.39 19.02
N GLY A 721 9.27 -5.96 19.22
CA GLY A 721 9.79 -5.66 20.53
C GLY A 721 10.01 -4.17 20.69
N VAL A 722 9.68 -3.65 21.86
CA VAL A 722 9.83 -2.24 22.19
C VAL A 722 10.79 -2.14 23.37
N ALA A 723 11.77 -1.25 23.28
CA ALA A 723 12.70 -1.01 24.36
C ALA A 723 12.73 0.47 24.69
N MET A 724 12.74 0.78 25.99
CA MET A 724 12.74 2.15 26.42
C MET A 724 14.12 2.77 26.20
N GLY A 725 14.14 4.07 25.94
CA GLY A 725 15.37 4.74 25.53
C GLY A 725 16.37 5.04 26.64
N ILE A 726 16.00 5.89 27.57
CA ILE A 726 16.94 6.35 28.60
C ILE A 726 17.17 5.29 29.66
N ALA A 727 16.12 4.60 30.10
CA ALA A 727 16.25 3.58 31.13
C ALA A 727 16.57 2.20 30.56
N GLY A 728 16.54 2.03 29.25
CA GLY A 728 16.77 0.74 28.66
C GLY A 728 18.24 0.36 28.61
N SER A 729 18.49 -0.94 28.55
CA SER A 729 19.83 -1.47 28.41
C SER A 729 20.20 -1.51 26.93
N ASP A 730 21.49 -1.64 26.64
CA ASP A 730 21.97 -1.69 25.26
C ASP A 730 21.50 -2.95 24.52
N VAL A 731 21.51 -4.10 25.20
CA VAL A 731 21.09 -5.34 24.55
C VAL A 731 19.61 -5.27 24.19
N SER A 732 18.77 -4.78 25.11
CA SER A 732 17.34 -4.72 24.85
C SER A 732 17.02 -3.84 23.65
N LYS A 733 17.63 -2.65 23.61
CA LYS A 733 17.39 -1.75 22.48
C LYS A 733 18.01 -2.25 21.19
N GLN A 734 19.12 -2.99 21.26
CA GLN A 734 19.65 -3.62 20.07
C GLN A 734 18.71 -4.68 19.52
N ALA A 735 18.10 -5.49 20.41
CA ALA A 735 17.21 -6.56 19.98
C ALA A 735 15.81 -6.08 19.64
N ALA A 736 15.37 -4.96 20.22
CA ALA A 736 14.01 -4.50 19.98
C ALA A 736 13.87 -3.89 18.59
N ASP A 737 12.64 -3.90 18.08
CA ASP A 737 12.31 -3.31 16.79
C ASP A 737 11.76 -1.90 16.92
N MET A 738 11.83 -1.31 18.12
CA MET A 738 11.21 -0.02 18.38
C MET A 738 11.77 0.57 19.66
N ILE A 739 12.29 1.79 19.60
CA ILE A 739 12.92 2.44 20.74
C ILE A 739 12.18 3.74 21.03
N LEU A 740 11.80 3.92 22.29
CA LEU A 740 11.13 5.15 22.74
C LEU A 740 12.18 6.06 23.35
N LEU A 741 12.62 7.05 22.58
CA LEU A 741 13.73 7.91 23.02
C LEU A 741 13.33 8.76 24.22
N ASP A 742 12.16 9.40 24.15
CA ASP A 742 11.72 10.29 25.22
C ASP A 742 11.16 9.54 26.43
N ASP A 743 11.02 8.22 26.35
CA ASP A 743 10.62 7.37 27.47
C ASP A 743 9.21 7.73 27.96
N ASN A 744 8.27 7.61 27.04
CA ASN A 744 6.85 7.75 27.36
C ASN A 744 6.13 6.48 26.91
N PHE A 745 5.22 5.99 27.74
CA PHE A 745 4.51 4.75 27.39
C PHE A 745 3.34 5.03 26.47
N ALA A 746 2.93 6.29 26.33
CA ALA A 746 1.79 6.60 25.48
C ALA A 746 2.14 6.53 24.00
N SER A 747 3.44 6.40 23.68
CA SER A 747 3.84 6.34 22.28
C SER A 747 3.40 5.04 21.63
N ILE A 748 3.23 3.98 22.42
CA ILE A 748 2.79 2.70 21.89
C ILE A 748 1.38 2.81 21.32
N VAL A 749 0.53 3.60 21.98
CA VAL A 749 -0.84 3.78 21.50
C VAL A 749 -0.84 4.45 20.13
N THR A 750 -0.06 5.52 19.99
CA THR A 750 0.02 6.20 18.69
C THR A 750 0.70 5.32 17.64
N GLY A 751 1.63 4.45 18.05
CA GLY A 751 2.22 3.52 17.11
C GLY A 751 1.20 2.54 16.57
N VAL A 752 0.36 2.00 17.45
CA VAL A 752 -0.71 1.11 17.02
C VAL A 752 -1.68 1.86 16.12
N GLU A 753 -1.99 3.12 16.48
CA GLU A 753 -2.82 3.98 15.66
C GLU A 753 -2.26 4.09 14.24
N GLU A 754 -0.97 4.41 14.14
CA GLU A 754 -0.35 4.59 12.83
C GLU A 754 -0.28 3.28 12.05
N GLY A 755 -0.07 2.17 12.74
CA GLY A 755 -0.05 0.88 12.06
C GLY A 755 -1.39 0.52 11.46
N ARG A 756 -2.46 0.71 12.23
CA ARG A 756 -3.80 0.47 11.71
C ARG A 756 -4.13 1.43 10.58
N LEU A 757 -3.69 2.68 10.68
CA LEU A 757 -3.88 3.63 9.59
C LEU A 757 -3.14 3.18 8.33
N ILE A 758 -1.92 2.66 8.48
CA ILE A 758 -1.16 2.17 7.34
C ILE A 758 -1.88 1.01 6.68
N PHE A 759 -2.40 0.08 7.49
CA PHE A 759 -3.16 -1.03 6.92
C PHE A 759 -4.40 -0.54 6.17
N ASP A 760 -5.15 0.38 6.77
CA ASP A 760 -6.42 0.81 6.18
C ASP A 760 -6.19 1.62 4.90
N ASN A 761 -5.17 2.48 4.89
CA ASN A 761 -4.89 3.26 3.69
C ASN A 761 -4.52 2.37 2.52
N LEU A 762 -3.69 1.36 2.77
CA LEU A 762 -3.32 0.40 1.74
C LEU A 762 -4.54 -0.37 1.24
N LYS A 763 -5.41 -0.77 2.18
CA LYS A 763 -6.61 -1.49 1.78
C LYS A 763 -7.51 -0.63 0.91
N LYS A 764 -7.67 0.64 1.27
CA LYS A 764 -8.48 1.56 0.47
C LYS A 764 -7.88 1.77 -0.91
N SER A 765 -6.56 1.93 -0.97
CA SER A 765 -5.90 2.12 -2.25
C SER A 765 -6.09 0.89 -3.15
N ILE A 766 -5.95 -0.30 -2.58
CA ILE A 766 -6.15 -1.52 -3.35
C ILE A 766 -7.60 -1.62 -3.83
N ALA A 767 -8.56 -1.34 -2.95
CA ALA A 767 -9.96 -1.37 -3.34
C ALA A 767 -10.28 -0.39 -4.45
N TYR A 768 -9.72 0.82 -4.41
CA TYR A 768 -9.97 1.81 -5.45
C TYR A 768 -9.33 1.41 -6.78
N THR A 769 -8.06 0.99 -6.75
CA THR A 769 -7.36 0.70 -8.00
C THR A 769 -7.84 -0.58 -8.66
N LEU A 770 -8.50 -1.47 -7.91
CA LEU A 770 -8.94 -2.73 -8.48
C LEU A 770 -10.32 -2.62 -9.13
N THR A 771 -11.01 -1.50 -8.93
CA THR A 771 -12.35 -1.34 -9.49
C THR A 771 -12.30 -1.18 -10.99
N SER A 772 -11.28 -0.48 -11.49
CA SER A 772 -11.22 -0.13 -12.91
C SER A 772 -10.92 -1.31 -13.81
N ASN A 773 -10.59 -2.48 -13.26
CA ASN A 773 -10.23 -3.63 -14.09
C ASN A 773 -11.40 -4.08 -14.96
N ILE A 774 -12.60 -4.21 -14.38
CA ILE A 774 -13.77 -4.72 -15.09
C ILE A 774 -14.21 -3.80 -16.23
N PRO A 775 -14.32 -2.46 -16.05
CA PRO A 775 -14.83 -1.63 -17.15
C PRO A 775 -13.89 -1.50 -18.34
N GLU A 776 -12.80 -2.27 -18.34
CA GLU A 776 -11.88 -2.31 -19.46
C GLU A 776 -11.83 -3.66 -20.16
N ILE A 777 -12.00 -4.76 -19.44
CA ILE A 777 -12.03 -6.08 -20.05
C ILE A 777 -13.45 -6.37 -20.51
N THR A 778 -14.43 -5.79 -19.82
CA THR A 778 -15.83 -6.01 -20.18
C THR A 778 -16.20 -5.45 -21.56
N PRO A 779 -15.81 -4.22 -21.96
CA PRO A 779 -16.20 -3.74 -23.30
C PRO A 779 -15.73 -4.65 -24.42
N PHE A 780 -14.50 -5.17 -24.31
CA PHE A 780 -14.01 -6.09 -25.33
C PHE A 780 -14.78 -7.41 -25.30
N LEU A 781 -15.15 -7.87 -24.10
CA LEU A 781 -15.92 -9.10 -23.98
C LEU A 781 -17.28 -8.97 -24.65
N LEU A 782 -17.95 -7.83 -24.45
CA LEU A 782 -19.25 -7.63 -25.08
C LEU A 782 -19.11 -7.36 -26.57
N PHE A 783 -18.00 -6.76 -26.98
CA PHE A 783 -17.71 -6.60 -28.40
C PHE A 783 -17.56 -7.95 -29.07
N ILE A 784 -16.92 -8.90 -28.40
CA ILE A 784 -16.69 -10.22 -28.97
C ILE A 784 -17.90 -11.14 -28.81
N MET A 785 -18.80 -10.87 -27.86
CA MET A 785 -19.95 -11.73 -27.61
C MET A 785 -21.16 -11.35 -28.44
N ALA A 786 -21.46 -10.05 -28.53
CA ALA A 786 -22.65 -9.58 -29.22
C ALA A 786 -22.36 -8.97 -30.58
N ASN A 787 -21.09 -8.93 -31.00
CA ASN A 787 -20.72 -8.36 -32.29
C ASN A 787 -21.21 -6.93 -32.44
N ILE A 788 -21.01 -6.13 -31.39
CA ILE A 788 -21.30 -4.70 -31.43
C ILE A 788 -19.99 -3.96 -31.70
N PRO A 789 -20.02 -2.73 -32.19
CA PRO A 789 -18.77 -1.99 -32.41
C PRO A 789 -18.00 -1.81 -31.10
N LEU A 790 -16.68 -1.79 -31.23
CA LEU A 790 -15.80 -1.77 -30.07
C LEU A 790 -16.05 -0.54 -29.21
N PRO A 791 -16.39 -0.71 -27.93
CA PRO A 791 -16.72 0.46 -27.10
C PRO A 791 -15.52 1.11 -26.43
N LEU A 792 -14.38 0.43 -26.34
CA LEU A 792 -13.22 0.99 -25.66
C LEU A 792 -11.96 0.52 -26.38
N GLY A 793 -11.22 1.46 -26.98
CA GLY A 793 -9.98 1.14 -27.63
C GLY A 793 -8.83 0.99 -26.66
N THR A 794 -7.70 0.52 -27.18
CA THR A 794 -6.51 0.33 -26.35
C THR A 794 -5.95 1.65 -25.86
N ILE A 795 -5.97 2.69 -26.71
CA ILE A 795 -5.47 3.99 -26.30
C ILE A 795 -6.31 4.54 -25.16
N THR A 796 -7.64 4.42 -25.26
CA THR A 796 -8.52 4.86 -24.19
C THR A 796 -8.30 4.04 -22.92
N ILE A 797 -8.00 2.75 -23.07
CA ILE A 797 -7.73 1.90 -21.91
C ILE A 797 -6.49 2.40 -21.17
N LEU A 798 -5.41 2.66 -21.92
CA LEU A 798 -4.20 3.17 -21.30
C LEU A 798 -4.42 4.54 -20.67
N CYS A 799 -5.18 5.41 -21.35
CA CYS A 799 -5.47 6.72 -20.79
C CYS A 799 -6.25 6.61 -19.49
N ILE A 800 -7.21 5.67 -19.44
CA ILE A 800 -8.00 5.46 -18.24
C ILE A 800 -7.09 5.01 -17.10
N ASP A 801 -6.20 4.06 -17.39
CA ASP A 801 -5.27 3.58 -16.37
C ASP A 801 -4.41 4.73 -15.83
N LEU A 802 -3.76 5.47 -16.72
CA LEU A 802 -2.82 6.48 -16.26
C LEU A 802 -3.50 7.76 -15.78
N GLY A 803 -4.80 7.89 -15.95
CA GLY A 803 -5.48 9.08 -15.47
C GLY A 803 -6.38 8.86 -14.27
N THR A 804 -6.75 7.61 -13.99
CA THR A 804 -7.63 7.31 -12.86
C THR A 804 -7.00 6.40 -11.82
N ASP A 805 -6.14 5.47 -12.21
CA ASP A 805 -5.50 4.55 -11.28
C ASP A 805 -4.07 4.94 -10.94
N MET A 806 -3.67 6.19 -11.25
CA MET A 806 -2.31 6.63 -10.99
C MET A 806 -2.23 7.66 -9.87
N VAL A 807 -2.88 8.80 -10.03
CA VAL A 807 -2.78 9.89 -9.04
C VAL A 807 -3.70 9.64 -7.86
N PRO A 808 -5.00 9.32 -8.05
CA PRO A 808 -5.84 9.05 -6.88
C PRO A 808 -5.37 7.88 -6.05
N ALA A 809 -4.72 6.89 -6.66
CA ALA A 809 -4.21 5.75 -5.91
C ALA A 809 -3.19 6.18 -4.87
N ILE A 810 -2.20 6.99 -5.27
CA ILE A 810 -1.25 7.52 -4.30
C ILE A 810 -1.94 8.49 -3.35
N SER A 811 -2.91 9.25 -3.87
CA SER A 811 -3.59 10.25 -3.05
C SER A 811 -4.31 9.61 -1.87
N LEU A 812 -4.84 8.40 -2.05
CA LEU A 812 -5.52 7.72 -0.96
C LEU A 812 -4.58 7.38 0.19
N ALA A 813 -3.26 7.36 -0.06
CA ALA A 813 -2.32 7.10 1.02
C ALA A 813 -2.22 8.30 1.95
N TYR A 814 -2.37 9.52 1.42
CA TYR A 814 -2.33 10.73 2.23
C TYR A 814 -3.54 10.86 3.16
N GLU A 815 -4.56 10.01 2.99
CA GLU A 815 -5.78 10.14 3.76
C GLU A 815 -5.51 9.93 5.24
N ALA A 816 -6.21 10.69 6.08
CA ALA A 816 -6.01 10.66 7.52
C ALA A 816 -6.72 9.44 8.11
N ALA A 817 -6.82 9.41 9.45
CA ALA A 817 -7.45 8.30 10.15
C ALA A 817 -8.88 8.66 10.52
N GLU A 818 -9.74 7.65 10.54
CA GLU A 818 -11.13 7.85 10.93
C GLU A 818 -11.28 7.78 12.44
N SER A 819 -12.52 7.84 12.92
CA SER A 819 -12.80 7.83 14.35
C SER A 819 -12.90 6.44 14.95
N ASP A 820 -12.95 5.40 14.13
CA ASP A 820 -13.07 4.03 14.60
C ASP A 820 -11.74 3.28 14.61
N ILE A 821 -10.64 3.96 14.31
CA ILE A 821 -9.34 3.28 14.25
C ILE A 821 -8.90 2.81 15.63
N MET A 822 -9.27 3.55 16.68
CA MET A 822 -8.90 3.19 18.05
C MET A 822 -10.04 2.56 18.83
N LYS A 823 -11.15 2.22 18.15
CA LYS A 823 -12.25 1.52 18.77
C LYS A 823 -12.51 0.14 18.20
N ARG A 824 -11.89 -0.21 17.06
CA ARG A 824 -12.14 -1.50 16.43
C ARG A 824 -11.21 -2.56 16.98
N GLN A 825 -11.69 -3.80 16.99
CA GLN A 825 -10.87 -4.90 17.46
C GLN A 825 -9.68 -5.11 16.53
N PRO A 826 -8.56 -5.59 17.05
CA PRO A 826 -7.38 -5.83 16.19
C PRO A 826 -7.70 -6.85 15.09
N ARG A 827 -7.10 -6.63 13.94
CA ARG A 827 -7.36 -7.50 12.79
C ARG A 827 -6.81 -8.89 13.04
N ASN A 828 -7.44 -9.89 12.40
CA ASN A 828 -6.96 -11.25 12.47
C ASN A 828 -6.03 -11.50 11.29
N PRO A 829 -4.73 -11.69 11.50
CA PRO A 829 -3.81 -11.88 10.37
C PRO A 829 -4.15 -13.08 9.50
N ARG A 830 -4.63 -14.18 10.08
CA ARG A 830 -4.95 -15.37 9.31
C ARG A 830 -6.25 -15.23 8.52
N THR A 831 -7.19 -14.41 8.98
CA THR A 831 -8.47 -14.23 8.32
C THR A 831 -8.57 -12.92 7.54
N ASP A 832 -8.30 -11.79 8.18
CA ASP A 832 -8.43 -10.49 7.55
C ASP A 832 -7.11 -10.12 6.88
N LYS A 833 -6.89 -10.72 5.71
CA LYS A 833 -5.70 -10.42 4.93
C LYS A 833 -5.82 -9.05 4.28
N LEU A 834 -4.72 -8.58 3.69
CA LEU A 834 -4.74 -7.32 2.96
C LEU A 834 -5.70 -7.38 1.78
N VAL A 835 -5.66 -8.49 1.04
CA VAL A 835 -6.59 -8.73 -0.06
C VAL A 835 -7.29 -10.05 0.21
N ASN A 836 -8.61 -10.05 0.14
CA ASN A 836 -9.41 -11.22 0.45
C ASN A 836 -10.55 -11.34 -0.56
N GLU A 837 -11.39 -12.35 -0.34
CA GLU A 837 -12.49 -12.62 -1.26
C GLU A 837 -13.52 -11.49 -1.23
N ARG A 838 -13.79 -10.94 -0.04
CA ARG A 838 -14.76 -9.86 0.07
C ARG A 838 -14.29 -8.63 -0.68
N LEU A 839 -13.00 -8.29 -0.56
CA LEU A 839 -12.48 -7.12 -1.27
C LEU A 839 -12.51 -7.33 -2.77
N ILE A 840 -12.17 -8.53 -3.24
CA ILE A 840 -12.22 -8.82 -4.67
C ILE A 840 -13.65 -8.72 -5.18
N SER A 841 -14.60 -9.25 -4.41
CA SER A 841 -16.00 -9.14 -4.79
C SER A 841 -16.43 -7.69 -4.89
N MET A 842 -16.09 -6.89 -3.87
CA MET A 842 -16.45 -5.48 -3.87
C MET A 842 -15.86 -4.74 -5.06
N ALA A 843 -14.61 -5.04 -5.39
CA ALA A 843 -13.94 -4.33 -6.48
C ALA A 843 -14.47 -4.75 -7.84
N TYR A 844 -14.80 -6.03 -8.03
CA TYR A 844 -15.13 -6.55 -9.35
C TYR A 844 -16.64 -6.65 -9.59
N GLY A 845 -17.34 -7.41 -8.77
CA GLY A 845 -18.74 -7.70 -9.06
C GLY A 845 -19.74 -6.69 -8.57
N GLN A 846 -19.31 -5.64 -7.89
CA GLN A 846 -20.23 -4.66 -7.34
C GLN A 846 -19.97 -3.24 -7.83
N ILE A 847 -18.71 -2.85 -7.94
CA ILE A 847 -18.34 -1.50 -8.37
C ILE A 847 -17.83 -1.49 -9.81
N GLY A 848 -17.03 -2.50 -10.17
CA GLY A 848 -16.61 -2.62 -11.55
C GLY A 848 -17.78 -2.82 -12.49
N MET A 849 -18.78 -3.59 -12.05
CA MET A 849 -19.98 -3.77 -12.86
C MET A 849 -20.71 -2.46 -13.07
N ILE A 850 -20.84 -1.66 -12.01
CA ILE A 850 -21.52 -0.37 -12.12
C ILE A 850 -20.76 0.56 -13.07
N GLN A 851 -19.43 0.58 -12.95
CA GLN A 851 -18.64 1.44 -13.82
C GLN A 851 -18.75 1.00 -15.27
N ALA A 852 -18.71 -0.31 -15.51
CA ALA A 852 -18.87 -0.82 -16.87
C ALA A 852 -20.25 -0.50 -17.42
N LEU A 853 -21.29 -0.59 -16.59
CA LEU A 853 -22.63 -0.24 -17.04
C LEU A 853 -22.75 1.24 -17.36
N GLY A 854 -22.11 2.11 -16.58
CA GLY A 854 -22.10 3.53 -16.90
C GLY A 854 -21.41 3.81 -18.22
N GLY A 855 -20.25 3.18 -18.44
CA GLY A 855 -19.57 3.33 -19.71
C GLY A 855 -20.40 2.83 -20.88
N PHE A 856 -21.07 1.69 -20.70
CA PHE A 856 -21.92 1.15 -21.76
C PHE A 856 -23.10 2.06 -22.04
N PHE A 857 -23.69 2.65 -21.00
CA PHE A 857 -24.78 3.59 -21.21
C PHE A 857 -24.31 4.80 -21.99
N SER A 858 -23.12 5.31 -21.66
CA SER A 858 -22.55 6.43 -22.43
C SER A 858 -22.35 6.04 -23.88
N TYR A 859 -21.78 4.85 -24.12
CA TYR A 859 -21.56 4.38 -25.49
C TYR A 859 -22.86 4.28 -26.26
N PHE A 860 -23.90 3.70 -25.63
CA PHE A 860 -25.18 3.53 -26.32
C PHE A 860 -25.84 4.86 -26.59
N VAL A 861 -25.77 5.81 -25.66
CA VAL A 861 -26.42 7.10 -25.90
C VAL A 861 -25.69 7.84 -27.02
N ILE A 862 -24.35 7.74 -27.08
CA ILE A 862 -23.62 8.37 -28.18
C ILE A 862 -24.08 7.78 -29.51
N LEU A 863 -24.10 6.44 -29.59
CA LEU A 863 -24.46 5.79 -30.86
C LEU A 863 -25.89 6.11 -31.26
N ALA A 864 -26.82 6.15 -30.29
CA ALA A 864 -28.21 6.44 -30.62
C ALA A 864 -28.40 7.89 -31.05
N GLU A 865 -27.71 8.83 -30.39
CA GLU A 865 -27.81 10.22 -30.81
C GLU A 865 -27.25 10.42 -32.21
N ASN A 866 -26.14 9.75 -32.55
CA ASN A 866 -25.62 9.90 -33.90
C ASN A 866 -26.46 9.17 -34.95
N GLY A 867 -27.25 8.17 -34.56
CA GLY A 867 -28.15 7.55 -35.51
C GLY A 867 -28.31 6.04 -35.41
N PHE A 868 -27.50 5.39 -34.59
CA PHE A 868 -27.55 3.94 -34.45
C PHE A 868 -28.29 3.58 -33.16
N LEU A 869 -29.55 3.18 -33.29
CA LEU A 869 -30.32 2.78 -32.14
C LEU A 869 -29.78 1.48 -31.55
N PRO A 870 -29.94 1.27 -30.25
CA PRO A 870 -29.41 0.04 -29.62
C PRO A 870 -30.02 -1.23 -30.18
N GLY A 871 -31.23 -1.16 -30.76
CA GLY A 871 -31.87 -2.36 -31.26
C GLY A 871 -31.12 -3.04 -32.40
N ASN A 872 -30.61 -2.26 -33.34
CA ASN A 872 -29.95 -2.80 -34.54
C ASN A 872 -28.43 -2.69 -34.45
N LEU A 873 -27.87 -2.88 -33.26
CA LEU A 873 -26.43 -2.87 -33.06
C LEU A 873 -25.83 -4.25 -32.89
N VAL A 874 -26.59 -5.19 -32.34
CA VAL A 874 -26.08 -6.54 -32.14
C VAL A 874 -25.90 -7.21 -33.49
N GLY A 875 -24.71 -7.80 -33.70
CA GLY A 875 -24.41 -8.45 -34.96
C GLY A 875 -23.94 -7.54 -36.07
N ILE A 876 -23.58 -6.30 -35.76
CA ILE A 876 -23.16 -5.35 -36.79
C ILE A 876 -21.66 -5.23 -36.92
N ARG A 877 -20.89 -5.90 -36.05
CA ARG A 877 -19.44 -5.75 -36.05
C ARG A 877 -18.81 -6.20 -37.37
N LEU A 878 -19.39 -7.22 -38.00
CA LEU A 878 -18.81 -7.75 -39.23
C LEU A 878 -18.80 -6.70 -40.33
N ASN A 879 -19.88 -5.94 -40.46
CA ASN A 879 -19.93 -4.85 -41.45
C ASN A 879 -19.33 -3.55 -40.94
N TRP A 880 -19.41 -3.28 -39.64
CA TRP A 880 -18.89 -2.03 -39.10
C TRP A 880 -17.39 -1.92 -39.30
N ASP A 881 -16.66 -2.99 -39.03
CA ASP A 881 -15.20 -2.95 -39.11
C ASP A 881 -14.68 -3.12 -40.53
N ASP A 882 -15.54 -3.40 -41.50
CA ASP A 882 -15.09 -3.64 -42.86
C ASP A 882 -14.63 -2.35 -43.51
N ARG A 883 -13.44 -2.40 -44.13
CA ARG A 883 -12.86 -1.23 -44.77
C ARG A 883 -13.41 -0.96 -46.17
N THR A 884 -14.25 -1.85 -46.71
CA THR A 884 -14.78 -1.70 -48.06
C THR A 884 -16.28 -1.48 -48.10
N VAL A 885 -16.97 -1.59 -46.98
CA VAL A 885 -18.42 -1.37 -46.93
C VAL A 885 -18.64 0.07 -46.49
N ASN A 886 -18.99 0.94 -47.45
CA ASN A 886 -19.31 2.33 -47.17
C ASN A 886 -20.80 2.62 -47.37
N ASP A 887 -21.64 1.58 -47.34
CA ASP A 887 -23.08 1.72 -47.48
C ASP A 887 -23.81 1.26 -46.22
N LEU A 888 -23.13 1.21 -45.08
CA LEU A 888 -23.72 0.68 -43.86
C LEU A 888 -24.92 1.53 -43.44
N GLU A 889 -26.09 0.92 -43.38
CA GLU A 889 -27.32 1.57 -42.97
C GLU A 889 -27.39 1.66 -41.46
N ASP A 890 -28.35 2.45 -40.98
CA ASP A 890 -28.63 2.54 -39.55
C ASP A 890 -30.13 2.52 -39.37
N SER A 891 -30.58 2.80 -38.14
CA SER A 891 -32.00 2.72 -37.82
C SER A 891 -32.85 3.71 -38.61
N TYR A 892 -32.24 4.75 -39.18
CA TYR A 892 -33.01 5.78 -39.87
C TYR A 892 -32.91 5.70 -41.38
N GLY A 893 -31.98 4.91 -41.93
CA GLY A 893 -31.86 4.68 -43.36
C GLY A 893 -30.65 5.35 -43.98
N GLN A 894 -30.09 6.37 -43.33
CA GLN A 894 -28.93 7.05 -43.87
C GLN A 894 -27.72 6.12 -43.85
N GLN A 895 -26.86 6.27 -44.86
CA GLN A 895 -25.74 5.37 -45.08
C GLN A 895 -24.43 6.05 -44.73
N TRP A 896 -23.56 5.34 -44.03
CA TRP A 896 -22.29 5.86 -43.55
C TRP A 896 -21.13 5.29 -44.34
N THR A 897 -20.13 6.11 -44.61
CA THR A 897 -18.86 5.61 -45.10
C THR A 897 -18.06 5.00 -43.95
N TYR A 898 -16.90 4.42 -44.29
CA TYR A 898 -16.10 3.77 -43.26
C TYR A 898 -15.59 4.77 -42.23
N GLU A 899 -14.94 5.84 -42.70
CA GLU A 899 -14.35 6.80 -41.77
C GLU A 899 -15.42 7.60 -41.05
N GLN A 900 -16.56 7.86 -41.69
CA GLN A 900 -17.62 8.61 -41.02
C GLN A 900 -18.14 7.87 -39.80
N ARG A 901 -18.34 6.56 -39.91
CA ARG A 901 -18.77 5.78 -38.75
C ARG A 901 -17.63 5.50 -37.78
N LYS A 902 -16.38 5.42 -38.28
CA LYS A 902 -15.25 5.26 -37.37
C LYS A 902 -15.09 6.50 -36.48
N VAL A 903 -15.41 7.68 -37.02
CA VAL A 903 -15.37 8.89 -36.20
C VAL A 903 -16.37 8.78 -35.05
N VAL A 904 -17.58 8.28 -35.35
CA VAL A 904 -18.58 8.08 -34.30
C VAL A 904 -18.09 7.06 -33.29
N GLU A 905 -17.46 5.98 -33.75
CA GLU A 905 -16.95 4.97 -32.82
C GLU A 905 -15.87 5.55 -31.91
N PHE A 906 -14.99 6.39 -32.45
CA PHE A 906 -13.96 7.00 -31.61
C PHE A 906 -14.55 8.03 -30.65
N THR A 907 -15.62 8.73 -31.08
CA THR A 907 -16.36 9.57 -30.15
C THR A 907 -16.94 8.74 -29.01
N CYS A 908 -17.44 7.55 -29.33
CA CYS A 908 -17.92 6.64 -28.29
C CYS A 908 -16.78 6.23 -27.36
N HIS A 909 -15.58 6.01 -27.91
CA HIS A 909 -14.44 5.68 -27.07
C HIS A 909 -14.12 6.81 -26.09
N THR A 910 -14.09 8.04 -26.60
CA THR A 910 -13.81 9.19 -25.73
C THR A 910 -14.90 9.36 -24.68
N ALA A 911 -16.16 9.16 -25.06
CA ALA A 911 -17.26 9.26 -24.11
C ALA A 911 -17.15 8.18 -23.04
N PHE A 912 -16.75 6.97 -23.43
CA PHE A 912 -16.53 5.91 -22.45
C PHE A 912 -15.44 6.30 -21.46
N PHE A 913 -14.34 6.86 -21.96
CA PHE A 913 -13.26 7.29 -21.08
C PHE A 913 -13.74 8.36 -20.10
N VAL A 914 -14.48 9.35 -20.60
CA VAL A 914 -14.98 10.42 -19.74
C VAL A 914 -15.97 9.87 -18.72
N SER A 915 -16.84 8.95 -19.13
CA SER A 915 -17.80 8.35 -18.21
C SER A 915 -17.10 7.56 -17.11
N ILE A 916 -16.03 6.84 -17.47
CA ILE A 916 -15.29 6.10 -16.46
C ILE A 916 -14.61 7.06 -15.49
N VAL A 917 -14.12 8.20 -15.98
CA VAL A 917 -13.58 9.21 -15.08
C VAL A 917 -14.67 9.71 -14.12
N VAL A 918 -15.86 9.97 -14.65
CA VAL A 918 -16.95 10.51 -13.83
C VAL A 918 -17.35 9.53 -12.76
N VAL A 919 -17.47 8.24 -13.09
CA VAL A 919 -17.84 7.26 -12.08
C VAL A 919 -16.68 7.01 -11.13
N GLN A 920 -15.44 7.18 -11.60
CA GLN A 920 -14.29 7.06 -10.72
C GLN A 920 -14.25 8.17 -9.68
N TRP A 921 -14.82 9.34 -10.00
CA TRP A 921 -15.05 10.35 -8.96
C TRP A 921 -15.71 9.72 -7.74
N ALA A 922 -16.90 9.17 -7.93
CA ALA A 922 -17.66 8.59 -6.82
C ALA A 922 -16.96 7.37 -6.24
N ASP A 923 -16.33 6.55 -7.08
CA ASP A 923 -15.58 5.40 -6.56
C ASP A 923 -14.50 5.85 -5.59
N LEU A 924 -13.77 6.90 -5.96
CA LEU A 924 -12.74 7.45 -5.09
C LEU A 924 -13.33 8.01 -3.81
N ILE A 925 -14.49 8.70 -3.92
CA ILE A 925 -15.11 9.27 -2.73
C ILE A 925 -15.55 8.18 -1.76
N ILE A 926 -16.22 7.15 -2.27
CA ILE A 926 -16.64 6.03 -1.43
C ILE A 926 -15.46 5.21 -0.90
N CYS A 927 -14.31 5.24 -1.59
CA CYS A 927 -13.16 4.50 -1.10
C CYS A 927 -12.35 5.26 -0.06
N LYS A 928 -12.76 6.49 0.28
CA LYS A 928 -12.00 7.28 1.24
C LYS A 928 -12.11 6.71 2.65
N THR A 929 -13.27 6.15 3.00
CA THR A 929 -13.53 5.69 4.35
C THR A 929 -14.08 4.26 4.30
N ARG A 930 -13.70 3.46 5.29
CA ARG A 930 -14.02 2.03 5.32
C ARG A 930 -15.31 1.74 6.07
N ARG A 931 -15.53 2.35 7.23
CA ARG A 931 -16.70 2.06 8.05
C ARG A 931 -17.57 3.26 8.35
N ASN A 932 -17.01 4.47 8.32
CA ASN A 932 -17.77 5.68 8.60
C ASN A 932 -18.30 6.31 7.32
N SER A 933 -19.24 7.23 7.47
CA SER A 933 -19.77 7.95 6.34
C SER A 933 -18.86 9.09 5.94
N VAL A 934 -18.85 9.41 4.65
CA VAL A 934 -17.96 10.46 4.14
C VAL A 934 -18.34 11.81 4.76
N PHE A 935 -19.60 11.97 5.15
CA PHE A 935 -20.02 13.18 5.84
C PHE A 935 -19.37 13.27 7.21
N GLN A 936 -19.33 12.15 7.94
CA GLN A 936 -18.69 12.14 9.24
C GLN A 936 -17.18 12.26 9.12
N GLN A 937 -16.58 11.59 8.13
CA GLN A 937 -15.14 11.66 7.95
C GLN A 937 -14.70 13.06 7.55
N GLY A 938 -15.39 13.67 6.60
CA GLY A 938 -15.04 15.01 6.17
C GLY A 938 -14.06 15.01 5.02
N MET A 939 -14.11 16.08 4.23
CA MET A 939 -13.24 16.25 3.07
C MET A 939 -12.02 17.08 3.43
N LYS A 940 -11.22 16.56 4.36
CA LYS A 940 -10.06 17.25 4.89
C LYS A 940 -8.77 16.89 4.15
N ASN A 941 -8.85 16.06 3.11
CA ASN A 941 -7.70 15.64 2.35
C ASN A 941 -7.56 16.53 1.12
N LYS A 942 -6.49 17.32 1.08
CA LYS A 942 -6.28 18.24 -0.05
C LYS A 942 -5.83 17.48 -1.30
N ILE A 943 -4.95 16.50 -1.13
CA ILE A 943 -4.42 15.77 -2.28
C ILE A 943 -5.52 15.00 -2.99
N LEU A 944 -6.58 14.62 -2.28
CA LEU A 944 -7.66 13.87 -2.92
C LEU A 944 -8.42 14.75 -3.90
N ILE A 945 -8.79 15.96 -3.48
CA ILE A 945 -9.44 16.91 -4.39
C ILE A 945 -8.47 17.29 -5.50
N PHE A 946 -7.18 17.41 -5.18
CA PHE A 946 -6.17 17.63 -6.20
C PHE A 946 -6.27 16.56 -7.28
N GLY A 947 -6.25 15.29 -6.89
CA GLY A 947 -6.28 14.21 -7.88
C GLY A 947 -7.57 14.18 -8.67
N LEU A 948 -8.70 14.45 -8.01
CA LEU A 948 -9.97 14.51 -8.73
C LEU A 948 -9.93 15.59 -9.80
N PHE A 949 -9.48 16.80 -9.43
CA PHE A 949 -9.44 17.87 -10.40
C PHE A 949 -8.44 17.60 -11.53
N GLU A 950 -7.30 17.00 -11.21
CA GLU A 950 -6.33 16.69 -12.25
C GLU A 950 -6.84 15.63 -13.21
N GLU A 951 -7.51 14.60 -12.71
CA GLU A 951 -8.04 13.59 -13.62
C GLU A 951 -9.15 14.17 -14.49
N THR A 952 -10.00 15.04 -13.93
CA THR A 952 -11.03 15.67 -14.76
C THR A 952 -10.42 16.60 -15.80
N ALA A 953 -9.37 17.34 -15.43
CA ALA A 953 -8.71 18.23 -16.38
C ALA A 953 -8.05 17.43 -17.49
N LEU A 954 -7.43 16.30 -17.15
CA LEU A 954 -6.87 15.42 -18.18
C LEU A 954 -7.96 14.91 -19.10
N ALA A 955 -9.11 14.51 -18.54
CA ALA A 955 -10.21 14.03 -19.36
C ALA A 955 -10.69 15.10 -20.33
N ALA A 956 -10.81 16.34 -19.86
CA ALA A 956 -11.27 17.41 -20.73
C ALA A 956 -10.25 17.74 -21.81
N PHE A 957 -8.97 17.91 -21.42
CA PHE A 957 -7.93 18.29 -22.36
C PHE A 957 -7.67 17.22 -23.40
N LEU A 958 -7.72 15.94 -23.02
CA LEU A 958 -7.47 14.86 -23.95
C LEU A 958 -8.49 14.80 -25.07
N SER A 959 -9.65 15.42 -24.90
CA SER A 959 -10.70 15.41 -25.92
C SER A 959 -10.83 16.74 -26.65
N TYR A 960 -10.84 17.87 -25.93
CA TYR A 960 -11.12 19.14 -26.55
C TYR A 960 -9.90 19.86 -27.11
N CYS A 961 -8.72 19.29 -26.97
CA CYS A 961 -7.52 19.92 -27.51
C CYS A 961 -7.52 19.79 -29.04
N PRO A 962 -7.39 20.90 -29.76
CA PRO A 962 -7.37 20.81 -31.23
C PRO A 962 -6.18 19.99 -31.71
N GLY A 963 -6.41 19.26 -32.80
CA GLY A 963 -5.39 18.40 -33.37
C GLY A 963 -5.24 17.05 -32.69
N MET A 964 -6.05 16.77 -31.68
CA MET A 964 -5.97 15.50 -30.96
C MET A 964 -6.77 14.39 -31.65
N ASP A 965 -7.58 14.72 -32.65
CA ASP A 965 -8.33 13.72 -33.37
C ASP A 965 -7.43 12.74 -34.13
N VAL A 966 -6.26 13.19 -34.58
CA VAL A 966 -5.34 12.35 -35.32
C VAL A 966 -4.19 11.83 -34.47
N ALA A 967 -3.93 12.43 -33.30
CA ALA A 967 -2.85 12.00 -32.44
C ALA A 967 -3.25 10.76 -31.64
N LEU A 968 -4.28 10.88 -30.80
CA LEU A 968 -4.74 9.78 -29.96
C LEU A 968 -6.13 9.29 -30.37
N ARG A 969 -6.62 9.71 -31.54
CA ARG A 969 -7.93 9.28 -32.05
C ARG A 969 -9.04 9.59 -31.05
N MET A 970 -8.94 10.74 -30.38
CA MET A 970 -9.94 11.19 -29.44
C MET A 970 -10.63 12.44 -29.99
N TYR A 971 -11.96 12.41 -29.98
CA TYR A 971 -12.76 13.46 -30.61
C TYR A 971 -13.54 14.22 -29.55
N PRO A 972 -13.85 15.48 -29.79
CA PRO A 972 -14.65 16.24 -28.82
C PRO A 972 -16.02 15.63 -28.63
N LEU A 973 -16.51 15.71 -27.40
CA LEU A 973 -17.85 15.26 -27.06
C LEU A 973 -18.68 16.43 -26.57
N LYS A 974 -19.95 16.43 -26.94
CA LYS A 974 -20.82 17.55 -26.66
C LYS A 974 -21.05 17.70 -25.15
N PRO A 975 -21.34 18.91 -24.68
CA PRO A 975 -21.51 19.11 -23.23
C PRO A 975 -22.62 18.25 -22.63
N SER A 976 -23.67 17.98 -23.40
CA SER A 976 -24.75 17.13 -22.91
C SER A 976 -24.29 15.70 -22.66
N TRP A 977 -23.15 15.31 -23.24
CA TRP A 977 -22.62 13.96 -23.07
C TRP A 977 -21.74 13.83 -21.83
N TRP A 978 -21.46 14.92 -21.12
CA TRP A 978 -20.68 14.89 -19.91
C TRP A 978 -21.48 14.43 -18.70
N PHE A 979 -22.80 14.25 -18.84
CA PHE A 979 -23.67 13.90 -17.73
C PHE A 979 -24.27 12.51 -17.87
N CYS A 980 -23.74 11.68 -18.76
CA CYS A 980 -24.27 10.32 -18.91
C CYS A 980 -24.00 9.49 -17.68
N ALA A 981 -22.80 9.61 -17.09
CA ALA A 981 -22.41 8.81 -15.95
C ALA A 981 -22.84 9.42 -14.61
N PHE A 982 -23.41 10.62 -14.62
CA PHE A 982 -23.84 11.25 -13.37
C PHE A 982 -24.86 10.42 -12.61
N PRO A 983 -25.92 9.86 -13.23
CA PRO A 983 -26.82 8.99 -12.47
C PRO A 983 -26.10 7.81 -11.85
N TYR A 984 -25.14 7.22 -12.56
CA TYR A 984 -24.42 6.07 -12.03
C TYR A 984 -23.49 6.47 -10.89
N SER A 985 -22.87 7.65 -10.98
CA SER A 985 -22.04 8.13 -9.88
C SER A 985 -22.88 8.36 -8.63
N PHE A 986 -24.04 9.00 -8.79
CA PHE A 986 -24.93 9.17 -7.65
C PHE A 986 -25.38 7.82 -7.10
N LEU A 987 -25.65 6.87 -7.99
CA LEU A 987 -26.08 5.54 -7.57
C LEU A 987 -25.03 4.83 -6.74
N ILE A 988 -23.77 4.85 -7.18
CA ILE A 988 -22.73 4.15 -6.43
C ILE A 988 -22.47 4.85 -5.11
N PHE A 989 -22.47 6.19 -5.10
CA PHE A 989 -22.27 6.91 -3.84
C PHE A 989 -23.39 6.57 -2.85
N VAL A 990 -24.65 6.57 -3.31
CA VAL A 990 -25.76 6.25 -2.44
C VAL A 990 -25.66 4.81 -1.95
N TYR A 991 -25.28 3.88 -2.84
CA TYR A 991 -25.19 2.49 -2.45
C TYR A 991 -24.15 2.27 -1.37
N ASP A 992 -22.96 2.85 -1.53
CA ASP A 992 -21.93 2.64 -0.52
C ASP A 992 -22.28 3.37 0.77
N GLU A 993 -22.91 4.54 0.69
CA GLU A 993 -23.31 5.22 1.92
C GLU A 993 -24.34 4.38 2.69
N ILE A 994 -25.30 3.79 1.98
CA ILE A 994 -26.28 2.93 2.63
C ILE A 994 -25.61 1.69 3.22
N ARG A 995 -24.66 1.10 2.49
CA ARG A 995 -23.98 -0.09 3.01
C ARG A 995 -23.18 0.23 4.26
N LYS A 996 -22.50 1.39 4.28
CA LYS A 996 -21.75 1.78 5.47
C LYS A 996 -22.68 2.12 6.62
N LEU A 997 -23.85 2.69 6.32
CA LEU A 997 -24.84 2.91 7.37
C LEU A 997 -25.31 1.61 7.98
N ILE A 998 -25.53 0.59 7.15
CA ILE A 998 -25.90 -0.73 7.65
C ILE A 998 -24.76 -1.31 8.49
N LEU A 999 -23.52 -1.13 8.02
CA LEU A 999 -22.37 -1.61 8.78
C LEU A 999 -22.29 -0.98 10.16
N ARG A 1000 -22.50 0.33 10.24
CA ARG A 1000 -22.42 1.01 11.53
C ARG A 1000 -23.57 0.62 12.43
N ARG A 1001 -24.79 0.58 11.89
CA ARG A 1001 -25.97 0.35 12.70
C ARG A 1001 -26.17 -1.12 13.09
N ASN A 1002 -25.58 -2.06 12.36
CA ASN A 1002 -25.73 -3.49 12.64
C ASN A 1002 -24.35 -4.15 12.63
N PRO A 1003 -23.53 -3.90 13.65
CA PRO A 1003 -22.22 -4.56 13.71
C PRO A 1003 -22.38 -6.07 13.86
N GLY A 1004 -21.49 -6.80 13.20
CA GLY A 1004 -21.49 -8.24 13.29
C GLY A 1004 -22.56 -8.95 12.48
N GLY A 1005 -23.32 -8.22 11.66
CA GLY A 1005 -24.35 -8.83 10.85
C GLY A 1005 -23.78 -9.50 9.62
N TRP A 1006 -24.70 -9.99 8.77
CA TRP A 1006 -24.28 -10.64 7.54
C TRP A 1006 -23.59 -9.66 6.60
N VAL A 1007 -23.99 -8.38 6.64
CA VAL A 1007 -23.35 -7.36 5.82
C VAL A 1007 -21.88 -7.23 6.21
N GLU A 1008 -21.61 -7.19 7.51
CA GLU A 1008 -20.22 -7.16 7.95
C GLU A 1008 -19.48 -8.43 7.58
N LYS A 1009 -20.21 -9.55 7.49
CA LYS A 1009 -19.56 -10.83 7.22
C LYS A 1009 -19.17 -10.97 5.75
N GLU A 1010 -20.00 -10.48 4.82
CA GLU A 1010 -19.80 -10.76 3.41
C GLU A 1010 -19.66 -9.55 2.50
N THR A 1011 -19.85 -8.32 3.00
CA THR A 1011 -19.60 -7.16 2.17
C THR A 1011 -18.89 -6.04 2.93
N TYR A 1012 -17.89 -6.38 3.74
CA TYR A 1012 -17.07 -5.42 4.47
C TYR A 1012 -15.61 -5.82 4.30
N TYR A 1013 -14.92 -5.20 3.35
CA TYR A 1013 -13.55 -5.55 3.05
C TYR A 1013 -12.59 -5.01 4.11
N SER B 19 -5.82 -29.33 -0.13
CA SER B 19 -6.71 -29.34 -1.29
C SER B 19 -8.12 -28.89 -0.90
N GLU B 20 -9.01 -28.82 -1.89
CA GLU B 20 -10.38 -28.37 -1.67
C GLU B 20 -11.14 -29.46 -0.93
N LYS B 21 -11.40 -29.23 0.35
CA LYS B 21 -12.13 -30.18 1.16
C LYS B 21 -13.61 -30.16 0.83
N LYS B 22 -14.27 -31.30 0.98
CA LYS B 22 -15.68 -31.43 0.69
C LYS B 22 -16.28 -32.53 1.55
N GLU B 23 -17.61 -32.48 1.71
CA GLU B 23 -18.39 -33.51 2.40
C GLU B 23 -18.05 -33.61 3.89
N PHE B 24 -17.57 -32.54 4.48
CA PHE B 24 -17.43 -32.46 5.92
C PHE B 24 -18.08 -31.22 6.51
N LEU B 25 -17.98 -30.08 5.82
CA LEU B 25 -18.67 -28.85 6.22
C LEU B 25 -19.34 -28.13 5.08
N GLY B 26 -18.93 -28.34 3.84
CA GLY B 26 -19.45 -27.62 2.70
C GLY B 26 -18.33 -27.06 1.85
N ARG B 27 -18.69 -26.72 0.61
CA ARG B 27 -17.72 -26.24 -0.38
C ARG B 27 -17.34 -24.81 -0.04
N THR B 28 -16.35 -24.69 0.85
CA THR B 28 -15.84 -23.39 1.31
C THR B 28 -16.97 -22.50 1.83
N GLY B 29 -17.88 -23.11 2.57
CA GLY B 29 -19.02 -22.40 3.12
C GLY B 29 -20.11 -23.35 3.54
N GLY B 30 -21.13 -22.79 4.18
CA GLY B 30 -22.27 -23.57 4.61
C GLY B 30 -23.43 -23.47 3.65
N SER B 31 -24.46 -22.72 4.02
CA SER B 31 -25.59 -22.48 3.14
C SER B 31 -25.17 -21.53 2.02
N TRP B 32 -24.75 -22.09 0.89
CA TRP B 32 -24.22 -21.30 -0.22
C TRP B 32 -25.25 -20.37 -0.84
N PHE B 33 -26.54 -20.66 -0.69
CA PHE B 33 -27.58 -19.86 -1.34
C PHE B 33 -27.88 -18.58 -0.56
N LYS B 34 -26.82 -17.85 -0.20
CA LYS B 34 -26.94 -16.52 0.39
C LYS B 34 -26.21 -15.48 -0.43
N ILE B 35 -24.95 -15.70 -0.76
CA ILE B 35 -24.22 -14.77 -1.61
C ILE B 35 -24.76 -14.81 -3.03
N LEU B 36 -25.11 -16.01 -3.51
CA LEU B 36 -25.66 -16.12 -4.86
C LEU B 36 -26.99 -15.38 -4.98
N LEU B 37 -27.86 -15.52 -3.97
CA LEU B 37 -29.14 -14.81 -4.00
C LEU B 37 -28.92 -13.30 -3.99
N PHE B 38 -28.01 -12.82 -3.14
CA PHE B 38 -27.73 -11.39 -3.08
C PHE B 38 -27.21 -10.89 -4.43
N TYR B 39 -26.30 -11.65 -5.05
CA TYR B 39 -25.78 -11.26 -6.35
C TYR B 39 -26.88 -11.26 -7.40
N VAL B 40 -27.80 -12.23 -7.32
CA VAL B 40 -28.89 -12.29 -8.29
C VAL B 40 -29.78 -11.05 -8.18
N ILE B 41 -30.16 -10.68 -6.95
CA ILE B 41 -30.99 -9.48 -6.78
C ILE B 41 -30.23 -8.23 -7.20
N PHE B 42 -28.94 -8.14 -6.85
CA PHE B 42 -28.16 -6.97 -7.19
C PHE B 42 -28.06 -6.80 -8.71
N TYR B 43 -27.75 -7.89 -9.42
CA TYR B 43 -27.63 -7.79 -10.87
C TYR B 43 -29.00 -7.58 -11.52
N GLY B 44 -30.06 -8.14 -10.95
CA GLY B 44 -31.39 -7.87 -11.49
C GLY B 44 -31.77 -6.41 -11.37
N CYS B 45 -31.54 -5.81 -10.21
CA CYS B 45 -31.85 -4.39 -10.05
C CYS B 45 -30.95 -3.52 -10.90
N LEU B 46 -29.68 -3.91 -11.06
CA LEU B 46 -28.76 -3.16 -11.91
C LEU B 46 -29.23 -3.19 -13.36
N ALA B 47 -29.63 -4.37 -13.85
CA ALA B 47 -30.19 -4.47 -15.20
C ALA B 47 -31.48 -3.67 -15.32
N GLY B 48 -32.32 -3.68 -14.29
CA GLY B 48 -33.55 -2.92 -14.34
C GLY B 48 -33.31 -1.43 -14.46
N ILE B 49 -32.39 -0.90 -13.65
CA ILE B 49 -32.12 0.54 -13.74
C ILE B 49 -31.41 0.88 -15.04
N PHE B 50 -30.56 -0.02 -15.55
CA PHE B 50 -29.94 0.21 -16.85
C PHE B 50 -30.98 0.28 -17.96
N ILE B 51 -31.93 -0.66 -17.95
CA ILE B 51 -32.98 -0.66 -18.98
C ILE B 51 -33.86 0.57 -18.84
N GLY B 52 -34.18 0.96 -17.60
CA GLY B 52 -34.98 2.17 -17.41
C GLY B 52 -34.27 3.40 -17.93
N THR B 53 -32.97 3.52 -17.66
CA THR B 53 -32.20 4.64 -18.19
C THR B 53 -32.16 4.62 -19.71
N ILE B 54 -32.02 3.44 -20.30
CA ILE B 54 -31.99 3.33 -21.76
C ILE B 54 -33.32 3.79 -22.35
N GLN B 55 -34.43 3.36 -21.75
CA GLN B 55 -35.74 3.77 -22.25
C GLN B 55 -35.97 5.26 -22.05
N VAL B 56 -35.54 5.81 -20.92
CA VAL B 56 -35.68 7.25 -20.67
C VAL B 56 -34.90 8.03 -21.73
N MET B 57 -33.68 7.58 -22.05
CA MET B 57 -32.91 8.21 -23.11
C MET B 57 -33.62 8.07 -24.46
N LEU B 58 -34.15 6.88 -24.76
CA LEU B 58 -34.86 6.66 -26.02
C LEU B 58 -36.09 7.55 -26.14
N LEU B 59 -36.67 7.97 -25.01
CA LEU B 59 -37.78 8.91 -25.08
C LEU B 59 -37.36 10.22 -25.70
N THR B 60 -36.15 10.70 -25.40
CA THR B 60 -35.71 12.00 -25.86
C THR B 60 -35.35 12.03 -27.34
N ILE B 61 -34.77 10.96 -27.88
CA ILE B 61 -34.30 10.93 -29.26
C ILE B 61 -35.51 10.83 -30.19
N SER B 62 -35.58 11.74 -31.16
CA SER B 62 -36.67 11.72 -32.12
C SER B 62 -36.57 10.50 -33.03
N GLU B 63 -37.72 10.03 -33.51
CA GLU B 63 -37.73 8.86 -34.38
C GLU B 63 -37.64 9.24 -35.85
N PHE B 64 -38.23 10.38 -36.23
CA PHE B 64 -38.27 10.80 -37.62
C PHE B 64 -36.98 11.46 -38.09
N LYS B 65 -36.10 11.85 -37.17
CA LYS B 65 -34.83 12.47 -37.56
C LYS B 65 -33.85 12.33 -36.41
N PRO B 66 -32.54 12.30 -36.69
CA PRO B 66 -31.56 12.22 -35.61
C PRO B 66 -31.27 13.59 -35.03
N THR B 67 -30.89 13.60 -33.75
CA THR B 67 -30.52 14.85 -33.10
C THR B 67 -29.23 15.43 -33.67
N TYR B 68 -28.27 14.56 -34.00
CA TYR B 68 -26.97 15.01 -34.48
C TYR B 68 -26.67 14.39 -35.83
N GLN B 69 -26.27 15.23 -36.78
CA GLN B 69 -25.95 14.78 -38.13
C GLN B 69 -24.61 15.28 -38.64
N ASP B 70 -23.83 16.00 -37.82
CA ASP B 70 -22.54 16.51 -38.28
C ASP B 70 -21.56 15.40 -38.59
N ARG B 71 -21.78 14.20 -38.07
CA ARG B 71 -20.93 13.06 -38.37
C ARG B 71 -21.32 12.34 -39.65
N VAL B 72 -22.37 12.82 -40.34
CA VAL B 72 -22.76 12.31 -41.64
C VAL B 72 -22.49 13.43 -42.63
N ALA B 73 -21.40 14.16 -42.40
CA ALA B 73 -20.91 15.26 -43.22
C ALA B 73 -20.95 14.84 -44.69
N PRO B 74 -21.09 15.78 -45.63
CA PRO B 74 -21.67 15.48 -46.96
C PRO B 74 -21.34 14.09 -47.46
N PRO B 75 -22.37 13.34 -47.88
CA PRO B 75 -22.20 11.89 -48.07
C PRO B 75 -21.23 11.55 -49.18
N GLY B 76 -20.63 10.37 -49.07
CA GLY B 76 -19.65 9.92 -50.02
C GLY B 76 -20.23 9.03 -51.09
N LEU B 77 -19.71 9.20 -52.31
CA LEU B 77 -20.12 8.37 -53.43
C LEU B 77 -19.59 6.96 -53.26
N THR B 78 -20.39 5.98 -53.68
CA THR B 78 -20.01 4.58 -53.67
C THR B 78 -20.39 3.96 -55.01
N GLN B 79 -20.06 2.69 -55.18
CA GLN B 79 -20.32 1.97 -56.41
C GLN B 79 -20.96 0.62 -56.11
N ILE B 80 -21.82 0.18 -57.02
CA ILE B 80 -22.45 -1.12 -56.87
C ILE B 80 -21.44 -2.26 -56.91
N PRO B 81 -20.47 -2.31 -57.85
CA PRO B 81 -19.49 -3.41 -57.81
C PRO B 81 -18.56 -3.29 -56.60
N GLN B 82 -19.07 -3.66 -55.44
CA GLN B 82 -18.32 -3.51 -54.20
C GLN B 82 -17.08 -4.40 -54.24
N ILE B 83 -15.93 -3.76 -54.34
CA ILE B 83 -14.67 -4.46 -54.59
C ILE B 83 -13.83 -4.46 -53.32
N GLN B 84 -13.42 -5.66 -52.91
CA GLN B 84 -12.78 -5.87 -51.61
C GLN B 84 -11.38 -5.27 -51.51
N LYS B 85 -10.63 -5.23 -52.61
CA LYS B 85 -9.26 -4.75 -52.61
C LYS B 85 -9.11 -3.51 -53.50
N THR B 86 -10.12 -2.63 -53.45
CA THR B 86 -10.20 -1.38 -54.21
C THR B 86 -9.67 -1.52 -55.64
N GLU B 87 -9.97 -2.65 -56.29
CA GLU B 87 -9.52 -2.88 -57.66
C GLU B 87 -10.56 -3.72 -58.39
N ILE B 88 -10.56 -3.60 -59.71
CA ILE B 88 -11.38 -4.43 -60.59
C ILE B 88 -10.46 -5.11 -61.59
N SER B 89 -10.46 -6.45 -61.59
CA SER B 89 -9.60 -7.23 -62.46
C SER B 89 -10.33 -8.48 -62.91
N PHE B 90 -10.30 -8.76 -64.20
CA PHE B 90 -10.94 -9.93 -64.78
C PHE B 90 -10.46 -10.06 -66.23
N ARG B 91 -10.92 -11.13 -66.89
CA ARG B 91 -10.61 -11.35 -68.29
C ARG B 91 -11.92 -11.62 -69.02
N PRO B 92 -12.15 -10.98 -70.17
CA PRO B 92 -13.37 -11.29 -70.94
C PRO B 92 -13.42 -12.72 -71.44
N ASN B 93 -12.27 -13.39 -71.56
CA ASN B 93 -12.26 -14.76 -72.08
C ASN B 93 -12.92 -15.73 -71.10
N ASP B 94 -12.88 -15.42 -69.81
CA ASP B 94 -13.47 -16.27 -68.80
C ASP B 94 -14.74 -15.62 -68.26
N PRO B 95 -15.93 -16.15 -68.57
CA PRO B 95 -17.16 -15.60 -67.98
C PRO B 95 -17.14 -15.61 -66.46
N LYS B 96 -16.51 -16.60 -65.83
CA LYS B 96 -16.39 -16.66 -64.38
C LYS B 96 -15.61 -15.48 -63.81
N SER B 97 -14.58 -15.00 -64.52
CA SER B 97 -13.67 -14.01 -63.96
C SER B 97 -14.39 -12.72 -63.56
N TYR B 98 -15.53 -12.45 -64.16
CA TYR B 98 -16.32 -11.26 -63.82
C TYR B 98 -17.66 -11.61 -63.18
N GLU B 99 -17.88 -12.87 -62.80
CA GLU B 99 -19.15 -13.23 -62.18
C GLU B 99 -19.30 -12.54 -60.84
N ALA B 100 -18.21 -12.46 -60.06
CA ALA B 100 -18.27 -11.84 -58.75
C ALA B 100 -18.73 -10.39 -58.82
N TYR B 101 -18.52 -9.74 -59.96
CA TYR B 101 -18.94 -8.35 -60.13
C TYR B 101 -20.38 -8.25 -60.61
N VAL B 102 -20.69 -8.93 -61.71
CA VAL B 102 -22.03 -8.84 -62.30
C VAL B 102 -23.09 -9.39 -61.36
N LEU B 103 -22.76 -10.44 -60.61
CA LEU B 103 -23.70 -10.99 -59.64
C LEU B 103 -24.05 -9.95 -58.58
N ASN B 104 -23.05 -9.26 -58.04
CA ASN B 104 -23.31 -8.23 -57.03
C ASN B 104 -24.06 -7.05 -57.64
N ILE B 105 -23.77 -6.73 -58.90
CA ILE B 105 -24.48 -5.65 -59.57
C ILE B 105 -25.96 -5.98 -59.70
N VAL B 106 -26.26 -7.17 -60.21
CA VAL B 106 -27.66 -7.53 -60.47
C VAL B 106 -28.40 -7.75 -59.17
N ARG B 107 -27.73 -8.25 -58.13
CA ARG B 107 -28.40 -8.45 -56.85
C ARG B 107 -28.92 -7.14 -56.29
N PHE B 108 -28.12 -6.07 -56.40
CA PHE B 108 -28.58 -4.76 -55.95
C PHE B 108 -29.60 -4.15 -56.91
N LEU B 109 -29.41 -4.32 -58.21
CA LEU B 109 -30.28 -3.69 -59.19
C LEU B 109 -31.63 -4.38 -59.33
N GLU B 110 -31.80 -5.59 -58.80
CA GLU B 110 -33.08 -6.28 -58.89
C GLU B 110 -34.21 -5.48 -58.27
N LYS B 111 -33.92 -4.70 -57.23
CA LYS B 111 -34.96 -3.91 -56.57
C LYS B 111 -35.45 -2.75 -57.43
N TYR B 112 -34.75 -2.43 -58.52
CA TYR B 112 -35.14 -1.36 -59.41
C TYR B 112 -35.99 -1.84 -60.58
N LYS B 113 -36.31 -3.13 -60.64
CA LYS B 113 -37.10 -3.67 -61.74
C LYS B 113 -38.49 -3.04 -61.76
N ASP B 114 -39.01 -2.85 -62.98
CA ASP B 114 -40.28 -2.14 -63.16
C ASP B 114 -41.41 -2.82 -62.40
N SER B 115 -41.39 -4.16 -62.35
CA SER B 115 -42.45 -4.88 -61.64
C SER B 115 -42.43 -4.56 -60.15
N ALA B 116 -41.23 -4.45 -59.56
CA ALA B 116 -41.14 -4.14 -58.14
C ALA B 116 -41.70 -2.75 -57.84
N GLN B 117 -41.41 -1.77 -58.70
CA GLN B 117 -41.90 -0.41 -58.50
C GLN B 117 -43.26 -0.27 -59.18
N ARG B 118 -44.31 -0.41 -58.38
CA ARG B 118 -45.68 -0.34 -58.87
C ARG B 118 -46.35 0.96 -58.40
N ASP B 119 -47.46 1.28 -59.07
CA ASP B 119 -48.29 2.43 -58.73
C ASP B 119 -49.18 2.10 -57.54
N ASP B 120 -50.24 2.87 -57.34
CA ASP B 120 -51.20 2.61 -56.25
C ASP B 120 -50.54 2.79 -54.89
N MET B 121 -50.27 4.04 -54.52
CA MET B 121 -49.89 4.58 -53.22
C MET B 121 -48.73 3.85 -52.56
N ILE B 122 -47.92 3.11 -53.31
CA ILE B 122 -46.62 2.68 -52.80
C ILE B 122 -45.50 3.47 -53.44
N PHE B 123 -45.51 3.61 -54.76
CA PHE B 123 -44.59 4.50 -55.47
C PHE B 123 -45.40 5.57 -56.21
N GLU B 124 -44.74 6.36 -57.05
CA GLU B 124 -45.45 7.37 -57.84
C GLU B 124 -44.68 7.61 -59.13
N ASP B 125 -45.42 7.90 -60.19
CA ASP B 125 -44.80 8.35 -61.43
C ASP B 125 -44.19 9.72 -61.22
N CYS B 126 -43.00 9.93 -61.76
CA CYS B 126 -42.18 11.06 -61.38
C CYS B 126 -41.38 11.55 -62.58
N GLY B 127 -41.01 12.83 -62.56
CA GLY B 127 -40.55 13.53 -63.74
C GLY B 127 -39.44 12.88 -64.54
N ASP B 128 -39.56 12.96 -65.88
CA ASP B 128 -38.52 12.46 -66.77
C ASP B 128 -37.41 13.47 -67.03
N VAL B 129 -37.54 14.68 -66.49
CA VAL B 129 -36.52 15.72 -66.63
C VAL B 129 -36.12 16.13 -65.22
N PRO B 130 -34.84 16.43 -64.97
CA PRO B 130 -34.45 16.89 -63.63
C PRO B 130 -35.22 18.14 -63.22
N SER B 131 -35.61 18.18 -61.94
CA SER B 131 -36.43 19.27 -61.42
C SER B 131 -35.97 19.58 -60.01
N GLU B 132 -36.64 20.53 -59.37
CA GLU B 132 -36.27 20.95 -58.03
C GLU B 132 -36.55 19.84 -57.02
N PRO B 133 -35.86 19.82 -55.88
CA PRO B 133 -36.12 18.81 -54.87
C PRO B 133 -37.55 18.90 -54.34
N LYS B 134 -38.28 17.80 -54.44
CA LYS B 134 -39.68 17.78 -54.02
C LYS B 134 -39.78 17.82 -52.50
N GLU B 135 -40.58 18.75 -51.99
CA GLU B 135 -40.86 18.83 -50.56
C GLU B 135 -42.08 18.00 -50.24
N ARG B 136 -41.94 17.11 -49.25
CA ARG B 136 -43.01 16.18 -48.88
C ARG B 136 -43.54 16.49 -47.48
N GLY B 137 -43.68 17.78 -47.17
CA GLY B 137 -44.19 18.19 -45.88
C GLY B 137 -43.10 18.20 -44.81
N ASP B 138 -43.53 18.45 -43.58
CA ASP B 138 -42.64 18.46 -42.44
C ASP B 138 -42.26 17.04 -42.03
N PHE B 139 -41.27 16.93 -41.16
CA PHE B 139 -40.86 15.64 -40.63
C PHE B 139 -41.83 15.10 -39.60
N ASN B 140 -42.83 15.87 -39.20
CA ASN B 140 -43.88 15.39 -38.31
C ASN B 140 -44.70 14.31 -39.01
N HIS B 141 -45.38 13.49 -38.20
CA HIS B 141 -46.21 12.40 -38.70
C HIS B 141 -47.65 12.84 -38.95
N GLU B 142 -47.86 14.12 -39.28
CA GLU B 142 -49.20 14.57 -39.62
C GLU B 142 -49.76 13.82 -40.81
N ARG B 143 -48.93 13.51 -41.80
CA ARG B 143 -49.30 12.69 -42.94
C ARG B 143 -48.77 11.27 -42.73
N GLY B 144 -49.24 10.35 -43.55
CA GLY B 144 -48.80 8.97 -43.52
C GLY B 144 -47.46 8.77 -44.19
N GLU B 145 -47.23 7.57 -44.69
CA GLU B 145 -46.00 7.28 -45.42
C GLU B 145 -45.94 8.11 -46.69
N ARG B 146 -44.78 8.71 -46.94
CA ARG B 146 -44.64 9.64 -48.05
C ARG B 146 -44.51 8.91 -49.38
N LYS B 147 -44.79 9.64 -50.45
CA LYS B 147 -44.67 9.08 -51.79
C LYS B 147 -43.20 9.01 -52.22
N VAL B 148 -42.91 8.11 -53.15
CA VAL B 148 -41.56 7.86 -53.61
C VAL B 148 -41.52 7.98 -55.13
N CYS B 149 -40.56 8.74 -55.63
CA CYS B 149 -40.30 8.78 -57.07
C CYS B 149 -39.85 7.39 -57.54
N ARG B 150 -40.14 7.09 -58.80
CA ARG B 150 -39.74 5.80 -59.38
C ARG B 150 -38.58 6.00 -60.35
N PHE B 151 -37.60 5.11 -60.26
CA PHE B 151 -36.43 5.11 -61.10
C PHE B 151 -36.43 3.88 -62.00
N LYS B 152 -36.18 4.09 -63.28
CA LYS B 152 -36.27 3.03 -64.27
C LYS B 152 -34.88 2.69 -64.82
N LEU B 153 -34.68 1.40 -65.10
CA LEU B 153 -33.45 0.93 -65.70
C LEU B 153 -33.23 1.47 -67.11
N GLU B 154 -34.29 1.94 -67.78
CA GLU B 154 -34.13 2.49 -69.12
C GLU B 154 -33.24 3.73 -69.11
N TRP B 155 -33.28 4.51 -68.02
CA TRP B 155 -32.40 5.66 -67.93
C TRP B 155 -30.93 5.25 -67.81
N LEU B 156 -30.67 4.07 -67.26
CA LEU B 156 -29.31 3.54 -67.25
C LEU B 156 -28.85 3.17 -68.65
N GLY B 157 -29.76 3.14 -69.63
CA GLY B 157 -29.41 2.89 -71.01
C GLY B 157 -28.77 1.54 -71.29
N ASN B 158 -27.68 1.55 -72.05
CA ASN B 158 -27.00 0.32 -72.41
C ASN B 158 -26.37 -0.37 -71.20
N CYS B 159 -26.15 0.36 -70.11
CA CYS B 159 -25.57 -0.25 -68.92
C CYS B 159 -26.50 -1.31 -68.34
N SER B 160 -27.76 -0.97 -68.14
CA SER B 160 -28.71 -1.90 -67.55
C SER B 160 -28.89 -3.14 -68.43
N GLY B 161 -29.05 -4.28 -67.78
CA GLY B 161 -29.17 -5.54 -68.49
C GLY B 161 -30.52 -5.73 -69.15
N LEU B 162 -30.96 -4.73 -69.92
CA LEU B 162 -32.24 -4.84 -70.62
C LEU B 162 -32.16 -5.86 -71.75
N ASN B 163 -30.97 -6.03 -72.34
CA ASN B 163 -30.76 -6.99 -73.41
C ASN B 163 -29.84 -8.12 -72.99
N ASP B 164 -28.64 -7.80 -72.51
CA ASP B 164 -27.69 -8.79 -72.01
C ASP B 164 -27.43 -8.51 -70.54
N GLU B 165 -27.60 -9.53 -69.69
CA GLU B 165 -27.45 -9.36 -68.25
C GLU B 165 -25.96 -9.45 -67.85
N THR B 166 -25.15 -8.70 -68.59
CA THR B 166 -23.72 -8.67 -68.37
C THR B 166 -23.21 -7.32 -67.88
N TYR B 167 -23.90 -6.22 -68.19
CA TYR B 167 -23.48 -4.88 -67.77
C TYR B 167 -22.05 -4.59 -68.23
N GLY B 168 -21.73 -5.05 -69.43
CA GLY B 168 -20.36 -5.00 -69.91
C GLY B 168 -19.62 -6.27 -69.53
N TYR B 169 -18.31 -6.13 -69.31
CA TYR B 169 -17.46 -7.21 -68.81
C TYR B 169 -17.32 -8.36 -69.80
N LYS B 170 -18.02 -8.29 -70.93
CA LYS B 170 -17.99 -9.34 -71.93
C LYS B 170 -17.18 -8.93 -73.15
N GLU B 171 -17.55 -7.82 -73.79
CA GLU B 171 -16.75 -7.24 -74.86
C GLU B 171 -16.06 -5.95 -74.43
N GLY B 172 -16.83 -4.98 -73.93
CA GLY B 172 -16.28 -3.75 -73.42
C GLY B 172 -15.77 -3.90 -72.00
N LYS B 173 -15.08 -2.87 -71.54
CA LYS B 173 -14.54 -2.83 -70.19
C LYS B 173 -15.64 -2.48 -69.20
N PRO B 174 -15.42 -2.73 -67.91
CA PRO B 174 -16.50 -2.63 -66.91
C PRO B 174 -17.32 -1.35 -67.01
N CYS B 175 -18.58 -1.46 -66.59
CA CYS B 175 -19.51 -0.35 -66.52
C CYS B 175 -19.97 -0.22 -65.08
N ILE B 176 -19.21 0.53 -64.28
CA ILE B 176 -19.58 0.75 -62.89
C ILE B 176 -20.74 1.74 -62.81
N ILE B 177 -21.38 1.80 -61.65
CA ILE B 177 -22.53 2.66 -61.40
C ILE B 177 -22.28 3.44 -60.12
N ILE B 178 -22.52 4.75 -60.17
CA ILE B 178 -22.22 5.64 -59.04
C ILE B 178 -23.50 5.88 -58.26
N LYS B 179 -23.41 5.79 -56.93
CA LYS B 179 -24.54 5.98 -56.04
C LYS B 179 -24.12 6.86 -54.87
N LEU B 180 -24.98 7.80 -54.51
CA LEU B 180 -24.72 8.72 -53.39
C LEU B 180 -25.43 8.20 -52.15
N ASN B 181 -24.72 8.25 -51.01
CA ASN B 181 -25.26 7.73 -49.76
C ASN B 181 -26.44 8.58 -49.27
N ARG B 182 -27.46 7.90 -48.77
CA ARG B 182 -28.64 8.58 -48.24
C ARG B 182 -28.29 9.36 -46.99
N VAL B 183 -28.83 10.57 -46.89
CA VAL B 183 -28.75 11.39 -45.68
C VAL B 183 -30.14 11.95 -45.41
N LEU B 184 -30.54 11.93 -44.14
CA LEU B 184 -31.91 12.23 -43.79
C LEU B 184 -32.20 13.72 -44.00
N GLY B 185 -33.20 14.01 -44.82
CA GLY B 185 -33.57 15.39 -45.08
C GLY B 185 -32.45 16.25 -45.66
N PHE B 186 -31.67 15.69 -46.57
CA PHE B 186 -30.52 16.39 -47.13
C PHE B 186 -30.82 16.73 -48.59
N LYS B 187 -30.82 18.01 -48.91
CA LYS B 187 -31.10 18.47 -50.27
C LYS B 187 -29.83 19.03 -50.88
N PRO B 188 -29.13 18.28 -51.73
CA PRO B 188 -27.92 18.82 -52.37
C PRO B 188 -28.27 19.96 -53.32
N LYS B 189 -27.35 20.90 -53.43
CA LYS B 189 -27.52 22.03 -54.34
C LYS B 189 -26.41 22.01 -55.37
N PRO B 190 -26.72 22.11 -56.66
CA PRO B 190 -25.68 22.11 -57.67
C PRO B 190 -24.80 23.34 -57.53
N PRO B 191 -23.54 23.27 -57.99
CA PRO B 191 -22.64 24.42 -57.81
C PRO B 191 -23.18 25.67 -58.48
N LYS B 192 -23.02 26.80 -57.79
CA LYS B 192 -23.39 28.09 -58.34
C LYS B 192 -22.17 28.73 -58.99
N ASN B 193 -22.39 29.83 -59.70
CA ASN B 193 -21.34 30.51 -60.46
C ASN B 193 -20.68 29.55 -61.43
N GLU B 194 -21.49 29.07 -62.38
CA GLU B 194 -21.07 28.09 -63.37
C GLU B 194 -20.10 28.65 -64.40
N SER B 195 -19.66 29.90 -64.24
CA SER B 195 -18.76 30.50 -65.22
C SER B 195 -17.43 29.74 -65.29
N LEU B 196 -16.80 29.51 -64.14
CA LEU B 196 -15.57 28.74 -64.09
C LEU B 196 -15.80 27.30 -63.62
N GLU B 197 -16.31 27.13 -62.40
CA GLU B 197 -16.48 25.83 -61.77
C GLU B 197 -15.21 24.98 -61.94
N THR B 198 -14.06 25.61 -61.78
CA THR B 198 -12.77 25.02 -62.16
C THR B 198 -12.84 24.50 -63.60
N TYR B 199 -13.03 23.19 -63.76
CA TYR B 199 -13.18 22.62 -65.08
C TYR B 199 -14.55 22.97 -65.66
N PRO B 200 -14.66 23.08 -66.98
CA PRO B 200 -15.97 23.35 -67.60
C PRO B 200 -16.83 22.12 -67.72
N VAL B 201 -18.15 22.36 -67.80
CA VAL B 201 -19.15 21.31 -67.90
C VAL B 201 -20.00 21.58 -69.14
N MET B 202 -20.43 20.49 -69.79
CA MET B 202 -21.25 20.61 -71.00
C MET B 202 -22.72 20.63 -70.59
N LYS B 203 -23.45 21.64 -71.08
CA LYS B 203 -24.86 21.85 -70.74
C LYS B 203 -25.04 21.97 -69.23
N TYR B 204 -24.45 23.02 -68.66
CA TYR B 204 -24.67 23.32 -67.25
C TYR B 204 -26.13 23.68 -67.03
N ASN B 205 -26.73 23.11 -65.98
CA ASN B 205 -28.12 23.38 -65.65
C ASN B 205 -28.36 22.99 -64.21
N PRO B 206 -29.25 23.68 -63.50
CA PRO B 206 -29.57 23.29 -62.13
C PRO B 206 -30.36 21.99 -62.09
N ASN B 207 -30.76 21.58 -60.89
CA ASN B 207 -31.49 20.33 -60.65
C ASN B 207 -30.66 19.10 -61.00
N VAL B 208 -29.35 19.25 -61.22
CA VAL B 208 -28.46 18.13 -61.50
C VAL B 208 -27.19 18.33 -60.68
N LEU B 209 -26.79 17.29 -59.95
CA LEU B 209 -25.56 17.31 -59.18
C LEU B 209 -24.44 16.74 -60.04
N PRO B 210 -23.61 17.57 -60.67
CA PRO B 210 -22.65 17.05 -61.66
C PRO B 210 -21.67 16.05 -61.06
N VAL B 211 -21.35 15.04 -61.85
CA VAL B 211 -20.41 14.00 -61.46
C VAL B 211 -19.46 13.76 -62.63
N GLN B 212 -18.16 13.69 -62.33
CA GLN B 212 -17.15 13.48 -63.35
C GLN B 212 -16.16 12.40 -62.91
N CYS B 213 -15.89 11.47 -63.81
CA CYS B 213 -14.90 10.41 -63.59
C CYS B 213 -13.69 10.74 -64.45
N THR B 214 -12.52 10.75 -63.84
CA THR B 214 -11.28 11.08 -64.52
C THR B 214 -10.11 10.38 -63.82
N GLY B 215 -9.00 10.28 -64.54
CA GLY B 215 -7.78 9.68 -64.00
C GLY B 215 -7.19 10.53 -62.89
N LYS B 216 -6.49 9.88 -61.97
CA LYS B 216 -5.89 10.59 -60.85
C LYS B 216 -4.50 11.12 -61.21
N ARG B 217 -3.62 10.24 -61.68
CA ARG B 217 -2.29 10.65 -62.06
C ARG B 217 -2.30 11.25 -63.47
N ASP B 218 -1.18 11.91 -63.82
CA ASP B 218 -1.09 12.55 -65.13
C ASP B 218 -1.19 11.52 -66.26
N GLU B 219 -0.50 10.39 -66.12
CA GLU B 219 -0.65 9.31 -67.10
C GLU B 219 -2.04 8.71 -67.09
N ASP B 220 -2.80 8.91 -66.01
CA ASP B 220 -4.17 8.40 -65.92
C ASP B 220 -5.21 9.41 -66.38
N LYS B 221 -4.91 10.71 -66.33
CA LYS B 221 -5.87 11.72 -66.77
C LYS B 221 -6.16 11.56 -68.26
N ASP B 222 -5.12 11.33 -69.06
CA ASP B 222 -5.30 10.88 -70.42
C ASP B 222 -5.16 9.36 -70.47
N LYS B 223 -5.30 8.78 -71.66
CA LYS B 223 -5.09 7.36 -71.93
C LYS B 223 -6.20 6.51 -71.33
N VAL B 224 -7.09 7.10 -70.51
CA VAL B 224 -8.24 6.39 -69.98
C VAL B 224 -9.30 6.14 -71.04
N GLY B 225 -9.22 6.83 -72.18
CA GLY B 225 -10.21 6.70 -73.22
C GLY B 225 -11.41 7.59 -72.97
N ASN B 226 -12.43 7.42 -73.82
CA ASN B 226 -13.66 8.18 -73.71
C ASN B 226 -14.49 7.61 -72.56
N VAL B 227 -15.29 8.46 -71.94
CA VAL B 227 -16.18 8.07 -70.85
C VAL B 227 -17.58 8.53 -71.19
N GLU B 228 -18.54 7.61 -71.14
CA GLU B 228 -19.93 7.90 -71.47
C GLU B 228 -20.76 7.78 -70.21
N TYR B 229 -21.41 8.87 -69.81
CA TYR B 229 -22.22 8.91 -68.61
C TYR B 229 -23.67 8.58 -68.96
N PHE B 230 -24.17 7.47 -68.43
CA PHE B 230 -25.54 7.05 -68.68
C PHE B 230 -26.47 7.51 -67.56
N GLY B 231 -26.50 8.82 -67.34
CA GLY B 231 -27.29 9.42 -66.29
C GLY B 231 -28.74 9.55 -66.67
N LEU B 232 -29.40 10.57 -66.10
CA LEU B 232 -30.79 10.89 -66.40
C LEU B 232 -30.85 12.25 -67.07
N GLY B 233 -31.63 12.33 -68.14
CA GLY B 233 -31.77 13.59 -68.86
C GLY B 233 -30.50 14.08 -69.50
N ASN B 234 -29.77 13.19 -70.19
CA ASN B 234 -28.61 13.51 -71.03
C ASN B 234 -27.62 14.46 -70.35
N SER B 235 -27.63 14.47 -69.01
CA SER B 235 -26.73 15.31 -68.23
C SER B 235 -26.08 14.45 -67.17
N PRO B 236 -24.75 14.39 -67.09
CA PRO B 236 -24.11 13.54 -66.09
C PRO B 236 -24.27 14.10 -64.68
N GLY B 237 -25.11 13.46 -63.88
CA GLY B 237 -25.33 13.90 -62.53
C GLY B 237 -26.51 13.20 -61.90
N PHE B 238 -26.81 13.62 -60.67
CA PHE B 238 -27.95 13.09 -59.94
C PHE B 238 -29.09 14.10 -59.99
N PRO B 239 -30.23 13.76 -60.60
CA PRO B 239 -31.38 14.66 -60.55
C PRO B 239 -31.83 14.90 -59.11
N LEU B 240 -32.26 16.12 -58.84
CA LEU B 240 -32.61 16.53 -57.49
C LEU B 240 -34.06 16.23 -57.13
N GLN B 241 -34.87 15.77 -58.08
CA GLN B 241 -36.29 15.53 -57.82
C GLN B 241 -36.52 14.42 -56.80
N TYR B 242 -35.51 13.58 -56.53
CA TYR B 242 -35.64 12.50 -55.58
C TYR B 242 -35.37 12.94 -54.15
N TYR B 243 -34.41 13.85 -53.96
CA TYR B 243 -34.09 14.37 -52.65
C TYR B 243 -35.18 15.32 -52.18
N PRO B 244 -35.33 15.51 -50.86
CA PRO B 244 -34.56 14.87 -49.78
C PRO B 244 -35.10 13.51 -49.38
N TYR B 245 -34.21 12.64 -48.90
CA TYR B 245 -34.63 11.40 -48.27
C TYR B 245 -35.29 11.70 -46.94
N TYR B 246 -36.37 10.98 -46.64
CA TYR B 246 -37.19 11.29 -45.47
C TYR B 246 -37.17 10.21 -44.40
N GLY B 247 -36.44 9.12 -44.62
CA GLY B 247 -36.27 8.11 -43.59
C GLY B 247 -36.85 6.77 -44.01
N LYS B 248 -36.28 5.72 -43.40
CA LYS B 248 -36.78 4.37 -43.60
C LYS B 248 -38.21 4.20 -43.10
N LEU B 249 -38.54 4.78 -41.95
CA LEU B 249 -39.90 4.71 -41.45
C LEU B 249 -40.86 5.53 -42.31
N LEU B 250 -40.47 6.76 -42.69
CA LEU B 250 -41.33 7.62 -43.47
C LEU B 250 -41.37 7.25 -44.95
N GLN B 251 -40.26 6.82 -45.53
CA GLN B 251 -40.18 6.50 -46.96
C GLN B 251 -39.58 5.11 -47.14
N PRO B 252 -40.31 4.05 -46.78
CA PRO B 252 -39.84 2.71 -47.11
C PRO B 252 -39.82 2.50 -48.61
N LYS B 253 -38.89 1.65 -49.06
CA LYS B 253 -38.71 1.35 -50.48
C LYS B 253 -38.41 2.62 -51.27
N TYR B 254 -37.31 3.28 -50.88
CA TYR B 254 -36.87 4.52 -51.51
C TYR B 254 -35.84 4.20 -52.58
N LEU B 255 -36.03 4.74 -53.78
CA LEU B 255 -35.17 4.47 -54.93
C LEU B 255 -34.32 5.71 -55.18
N GLN B 256 -33.09 5.70 -54.68
CA GLN B 256 -32.17 6.81 -54.89
C GLN B 256 -31.73 6.84 -56.35
N PRO B 257 -31.40 8.02 -56.86
CA PRO B 257 -30.93 8.11 -58.26
C PRO B 257 -29.61 7.38 -58.44
N LEU B 258 -29.43 6.83 -59.65
CA LEU B 258 -28.23 6.09 -60.00
C LEU B 258 -27.62 6.68 -61.26
N LEU B 259 -26.29 6.63 -61.33
CA LEU B 259 -25.54 7.12 -62.48
C LEU B 259 -24.63 6.01 -62.96
N ALA B 260 -24.77 5.63 -64.23
CA ALA B 260 -24.00 4.57 -64.83
C ALA B 260 -22.89 5.16 -65.71
N VAL B 261 -21.69 4.60 -65.59
CA VAL B 261 -20.52 5.06 -66.34
C VAL B 261 -19.89 3.86 -67.02
N GLN B 262 -19.68 3.97 -68.34
CA GLN B 262 -19.06 2.91 -69.13
C GLN B 262 -17.87 3.46 -69.89
N PHE B 263 -16.79 2.69 -69.89
CA PHE B 263 -15.57 3.02 -70.62
C PHE B 263 -15.59 2.25 -71.95
N THR B 264 -16.02 2.92 -73.02
CA THR B 264 -16.23 2.23 -74.29
C THR B 264 -14.91 1.74 -74.88
N ASN B 265 -13.92 2.62 -74.98
CA ASN B 265 -12.63 2.28 -75.57
C ASN B 265 -11.51 2.77 -74.67
N LEU B 266 -10.50 1.93 -74.47
CA LEU B 266 -9.34 2.25 -73.66
C LEU B 266 -8.35 1.10 -73.74
N THR B 267 -7.23 1.25 -73.04
CA THR B 267 -6.15 0.28 -73.07
C THR B 267 -6.56 -1.01 -72.35
N MET B 268 -5.66 -1.99 -72.43
CA MET B 268 -5.82 -3.29 -71.79
C MET B 268 -4.55 -3.67 -71.04
N ASP B 269 -4.70 -4.56 -70.05
CA ASP B 269 -3.59 -5.11 -69.29
C ASP B 269 -2.77 -4.00 -68.61
N THR B 270 -3.48 -3.07 -67.99
CA THR B 270 -2.85 -1.98 -67.27
C THR B 270 -3.83 -1.44 -66.24
N GLU B 271 -3.35 -1.28 -65.00
CA GLU B 271 -4.18 -0.73 -63.93
C GLU B 271 -4.33 0.78 -64.15
N ILE B 272 -5.57 1.19 -64.41
CA ILE B 272 -5.85 2.60 -64.61
C ILE B 272 -6.60 3.13 -63.39
N ARG B 273 -6.07 4.18 -62.78
CA ARG B 273 -6.63 4.75 -61.56
C ARG B 273 -7.57 5.89 -61.92
N ILE B 274 -8.84 5.76 -61.55
CA ILE B 274 -9.86 6.74 -61.89
C ILE B 274 -10.52 7.22 -60.61
N GLU B 275 -10.63 8.54 -60.50
CA GLU B 275 -11.30 9.18 -59.38
C GLU B 275 -12.56 9.86 -59.87
N CYS B 276 -13.70 9.50 -59.27
CA CYS B 276 -15.01 10.00 -59.68
C CYS B 276 -15.47 11.00 -58.62
N LYS B 277 -15.32 12.28 -58.92
CA LYS B 277 -15.70 13.35 -58.01
C LYS B 277 -17.15 13.78 -58.27
N ALA B 278 -17.69 14.55 -57.33
CA ALA B 278 -19.02 15.12 -57.47
C ALA B 278 -18.98 16.53 -56.87
N TYR B 279 -19.17 17.54 -57.71
CA TYR B 279 -19.01 18.91 -57.27
C TYR B 279 -20.38 19.51 -56.89
N GLY B 280 -20.37 20.22 -55.78
CA GLY B 280 -21.57 20.89 -55.27
C GLY B 280 -21.21 21.78 -54.10
N GLU B 281 -22.12 22.70 -53.78
CA GLU B 281 -21.93 23.60 -52.65
C GLU B 281 -22.17 22.93 -51.32
N ASN B 282 -22.95 21.85 -51.27
CA ASN B 282 -23.21 21.10 -50.05
C ASN B 282 -22.43 19.80 -50.01
N ILE B 283 -21.45 19.63 -50.91
CA ILE B 283 -20.60 18.45 -50.94
C ILE B 283 -19.22 18.84 -50.45
N GLY B 284 -18.77 18.20 -49.37
CA GLY B 284 -17.47 18.48 -48.80
C GLY B 284 -16.42 17.48 -49.23
N TYR B 285 -15.21 17.65 -48.74
CA TYR B 285 -14.09 16.78 -49.07
C TYR B 285 -13.16 16.66 -47.87
N SER B 286 -12.70 15.45 -47.61
CA SER B 286 -11.79 15.19 -46.52
C SER B 286 -10.60 14.39 -47.03
N GLU B 287 -9.41 14.76 -46.55
CA GLU B 287 -8.21 14.01 -46.90
C GLU B 287 -8.16 12.69 -46.14
N LYS B 288 -8.68 12.68 -44.91
CA LYS B 288 -8.68 11.46 -44.11
C LYS B 288 -9.58 10.40 -44.71
N ASP B 289 -10.76 10.79 -45.19
CA ASP B 289 -11.73 9.86 -45.77
C ASP B 289 -11.68 10.00 -47.29
N ARG B 290 -11.09 9.01 -47.96
CA ARG B 290 -10.95 9.03 -49.40
C ARG B 290 -12.24 8.70 -50.13
N PHE B 291 -13.28 8.28 -49.42
CA PHE B 291 -14.54 7.86 -50.03
C PHE B 291 -15.66 8.87 -49.80
N GLN B 292 -15.34 10.07 -49.33
CA GLN B 292 -16.34 11.11 -49.05
C GLN B 292 -16.35 12.09 -50.22
N GLY B 293 -17.43 12.07 -50.99
CA GLY B 293 -17.57 12.93 -52.14
C GLY B 293 -16.82 12.47 -53.37
N ARG B 294 -16.11 11.35 -53.29
CA ARG B 294 -15.32 10.82 -54.40
C ARG B 294 -14.93 9.40 -54.04
N PHE B 295 -14.32 8.71 -55.00
CA PHE B 295 -13.80 7.38 -54.75
C PHE B 295 -12.81 7.02 -55.85
N ASP B 296 -11.80 6.25 -55.47
CA ASP B 296 -10.76 5.81 -56.40
C ASP B 296 -11.03 4.37 -56.81
N VAL B 297 -10.79 4.08 -58.08
CA VAL B 297 -10.95 2.73 -58.62
C VAL B 297 -9.70 2.36 -59.41
N LYS B 298 -9.23 1.13 -59.24
CA LYS B 298 -8.17 0.58 -60.07
C LYS B 298 -8.80 -0.49 -60.95
N ILE B 299 -8.71 -0.30 -62.27
CA ILE B 299 -9.40 -1.15 -63.23
C ILE B 299 -8.37 -1.67 -64.24
N GLU B 300 -8.42 -2.97 -64.50
CA GLU B 300 -7.57 -3.57 -65.52
C GLU B 300 -8.21 -4.88 -65.96
N VAL B 301 -8.13 -5.13 -67.27
CA VAL B 301 -8.69 -6.34 -67.87
C VAL B 301 -7.54 -7.22 -68.32
N LYS B 302 -7.59 -8.49 -67.94
CA LYS B 302 -6.57 -9.45 -68.31
C LYS B 302 -6.96 -10.18 -69.60
N SER B 303 -5.99 -10.88 -70.17
CA SER B 303 -6.21 -11.63 -71.40
C SER B 303 -5.54 -12.99 -71.33
N ASP C 31 -29.05 19.47 -38.48
CA ASP C 31 -28.40 20.15 -39.59
C ASP C 31 -26.97 19.65 -39.77
N PRO C 32 -26.57 19.45 -41.03
CA PRO C 32 -25.23 18.96 -41.39
C PRO C 32 -24.12 19.88 -40.89
N PHE C 33 -24.28 21.18 -41.11
CA PHE C 33 -23.28 22.15 -40.68
C PHE C 33 -22.93 21.99 -39.20
N HIS C 34 -21.64 21.87 -38.92
CA HIS C 34 -21.17 21.72 -37.55
C HIS C 34 -21.51 22.96 -36.74
N TYR C 35 -21.87 22.75 -35.47
CA TYR C 35 -22.23 23.85 -34.59
C TYR C 35 -21.32 23.91 -33.37
N ASP C 36 -21.20 22.78 -32.69
CA ASP C 36 -20.79 22.76 -31.28
C ASP C 36 -19.30 22.48 -31.13
N TYR C 37 -18.53 22.79 -32.16
CA TYR C 37 -17.08 22.55 -32.13
C TYR C 37 -16.30 23.85 -32.01
N GLN C 38 -15.40 24.05 -32.96
CA GLN C 38 -14.54 25.24 -33.03
C GLN C 38 -14.89 26.21 -31.90
N THR C 39 -15.97 25.92 -31.19
CA THR C 39 -16.31 26.58 -29.94
C THR C 39 -16.37 25.62 -28.77
N LEU C 40 -16.70 24.35 -29.02
CA LEU C 40 -16.52 23.34 -27.99
C LEU C 40 -15.05 23.16 -27.65
N ARG C 41 -14.18 23.29 -28.64
CA ARG C 41 -12.75 23.20 -28.37
C ARG C 41 -12.30 24.36 -27.47
N ILE C 42 -12.68 25.58 -27.80
CA ILE C 42 -12.29 26.74 -27.01
C ILE C 42 -12.89 26.67 -25.62
N GLY C 43 -14.19 26.41 -25.53
CA GLY C 43 -14.84 26.34 -24.23
C GLY C 43 -14.30 25.21 -23.37
N GLY C 44 -14.06 24.05 -23.98
CA GLY C 44 -13.51 22.94 -23.23
C GLY C 44 -12.08 23.18 -22.78
N LEU C 45 -11.28 23.85 -23.61
CA LEU C 45 -9.93 24.20 -23.17
C LEU C 45 -9.96 25.19 -22.02
N VAL C 46 -10.88 26.16 -22.08
CA VAL C 46 -11.04 27.10 -20.97
C VAL C 46 -11.45 26.36 -19.70
N PHE C 47 -12.40 25.43 -19.83
CA PHE C 47 -12.86 24.64 -18.68
C PHE C 47 -11.72 23.81 -18.10
N ALA C 48 -10.93 23.16 -18.96
CA ALA C 48 -9.81 22.34 -18.49
C ALA C 48 -8.75 23.20 -17.83
N VAL C 49 -8.48 24.38 -18.37
CA VAL C 49 -7.49 25.28 -17.76
C VAL C 49 -7.98 25.74 -16.39
N VAL C 50 -9.28 26.06 -16.28
CA VAL C 50 -9.84 26.45 -14.99
C VAL C 50 -9.68 25.34 -13.98
N LEU C 51 -10.01 24.10 -14.37
CA LEU C 51 -9.88 22.97 -13.46
C LEU C 51 -8.42 22.73 -13.08
N PHE C 52 -7.51 22.86 -14.05
CA PHE C 52 -6.09 22.71 -13.79
C PHE C 52 -5.61 23.72 -12.77
N SER C 53 -5.99 24.99 -12.95
CA SER C 53 -5.58 26.04 -12.02
C SER C 53 -6.15 25.79 -10.63
N VAL C 54 -7.43 25.42 -10.55
CA VAL C 54 -8.05 25.17 -9.25
C VAL C 54 -7.39 23.98 -8.54
N GLY C 55 -7.09 22.91 -9.27
CA GLY C 55 -6.42 21.77 -8.69
C GLY C 55 -5.00 22.06 -8.23
N ILE C 56 -4.24 22.80 -9.03
CA ILE C 56 -2.85 23.12 -8.68
C ILE C 56 -2.74 24.21 -7.63
N LEU C 57 -3.78 24.99 -7.42
CA LEU C 57 -3.76 26.06 -6.42
C LEU C 57 -4.26 25.61 -5.06
N LEU C 58 -5.06 24.54 -5.00
CA LEU C 58 -5.63 24.10 -3.72
C LEU C 58 -4.55 23.54 -2.81
N ILE C 59 -3.64 22.72 -3.34
CA ILE C 59 -2.61 22.09 -2.51
C ILE C 59 -1.68 23.14 -1.93
N LEU C 60 -1.34 24.17 -2.72
CA LEU C 60 -0.45 25.22 -2.23
C LEU C 60 -1.09 26.00 -1.08
N SER C 61 -2.39 26.26 -1.18
CA SER C 61 -3.10 26.97 -0.12
C SER C 61 -3.60 26.00 0.96
#